data_7AA2
#
_entry.id   7AA2
#
_cell.length_a   93.589
_cell.length_b   109.799
_cell.length_c   115.982
_cell.angle_alpha   90.000
_cell.angle_beta   90.000
_cell.angle_gamma   90.000
#
_symmetry.space_group_name_H-M   'P 21 21 21'
#
loop_
_entity.id
_entity.type
_entity.pdbx_description
1 polymer 'FAD-dependent oxidoreductase'
2 branched 2-acetamido-2-deoxy-beta-D-glucopyranose-(1-4)-2-acetamido-2-deoxy-beta-D-glucopyranose
3 non-polymer 'DIHYDROFLAVINE-ADENINE DINUCLEOTIDE'
4 non-polymer 2-acetamido-2-deoxy-beta-D-glucopyranose
5 non-polymer 3-ETHYL-2-[(2Z)-2-(3-ETHYL-6-SULFO-1,3-BENZOTHIAZOL-2(3H)-YLIDENE)HYDRAZINO]-6-SULFO-3H-1,3-BENZOTHIAZOL-1-IUM
6 non-polymer 'FORMIC ACID'
7 non-polymer 'MAGNESIUM ION'
8 non-polymer 'CHLORIDE ION'
9 water water
#
_entity_poly.entity_id   1
_entity_poly.type   'polypeptide(L)'
_entity_poly.pdbx_seq_one_letter_code
;NVHSNYTFIIAGGGISGLTLADRLTEDPRVTVLVIEAGPLDRGEDGILVPGAFSPWLYFWPGLVSTPQAGLNNRTVDVIT
AQVVGGGSTINAMVYLRGDKDDYDSWGALGNPGWSWNSMLPYFIKSETFTPPSPELAAAGNITWDGSIRGRSGPVNYSYP
NYFFPGSENWWNAANEVGLPPVKDPMAGSKQGVFWIPSAIDARTMTRSHARRNHYDRVSSRPNYHILPSHLVSKILFRGK
QAIGVSYIPTSGGNTTTNVYASKEITLAAGGLGTPKILQLSGIGPRKLLNELGIPVISDLPGVGQNLQDQPTLTIPYTFT
NNVFPNTDSLTTNATYNAEQRALYDSSKQGAYTIVNSLSTNIGVMSLQRAAPKSYRQIIAAARARSASLSLPPGTDPAVI
RGYQAQRNAILKQFENPNVGVGTVHWGTGSSALVYHLKPLSRGTVNIRSTNPLDAPEIDYRTGTDPIDAQVYTSLFRKNR
EIFNAPSMRVLGPSEAAPFGANLTTDEEIYAVMRELINPSNAHQCCTAAMMPKDMGGVVSSEQKVYGVQGLRVADISFWP
FQLSGSPMATAYAGAERLADVIKKEHRLAGAPKSL
;
_entity_poly.pdbx_strand_id   A,B
#
loop_
_chem_comp.id
_chem_comp.type
_chem_comp.name
_chem_comp.formula
CL non-polymer 'CHLORIDE ION' 'Cl -1'
EBS non-polymer 3-ETHYL-2-[(2Z)-2-(3-ETHYL-6-SULFO-1,3-BENZOTHIAZOL-2(3H)-YLIDENE)HYDRAZINO]-6-SULFO-3H-1,3-BENZOTHIAZOL-1-IUM 'C18 H18 N4 O6 S4'
FDA non-polymer 'DIHYDROFLAVINE-ADENINE DINUCLEOTIDE' 'C27 H35 N9 O15 P2'
FMT non-polymer 'FORMIC ACID' 'C H2 O2'
MG non-polymer 'MAGNESIUM ION' 'Mg 2'
NAG D-saccharide, beta linking 2-acetamido-2-deoxy-beta-D-glucopyranose 'C8 H15 N O6'
#
# COMPACT_ATOMS: atom_id res chain seq x y z
N ASN A 5 -10.28 44.19 -16.69
CA ASN A 5 -11.42 43.35 -17.24
C ASN A 5 -11.02 41.87 -17.30
N TYR A 6 -11.92 40.96 -16.97
CA TYR A 6 -11.73 39.49 -16.97
C TYR A 6 -12.86 38.86 -17.77
N THR A 7 -12.72 37.61 -18.20
CA THR A 7 -13.84 36.88 -18.86
C THR A 7 -14.91 36.56 -17.81
N PHE A 8 -14.47 36.03 -16.66
CA PHE A 8 -15.35 35.62 -15.57
C PHE A 8 -14.78 36.19 -14.26
N ILE A 9 -15.66 36.55 -13.37
CA ILE A 9 -15.33 36.80 -11.94
C ILE A 9 -16.10 35.82 -11.11
N ILE A 10 -15.38 35.16 -10.22
CA ILE A 10 -15.96 34.15 -9.30
C ILE A 10 -15.84 34.69 -7.86
N ALA A 11 -16.96 34.79 -7.18
CA ALA A 11 -17.00 35.28 -5.79
C ALA A 11 -16.93 34.04 -4.87
N GLY A 12 -15.77 33.84 -4.26
CA GLY A 12 -15.53 32.72 -3.32
C GLY A 12 -14.60 31.71 -3.96
N GLY A 13 -13.49 31.47 -3.29
CA GLY A 13 -12.52 30.47 -3.76
C GLY A 13 -12.52 29.23 -2.87
N GLY A 14 -13.70 28.64 -2.73
CA GLY A 14 -13.83 27.36 -2.03
C GLY A 14 -13.86 26.20 -3.00
N ILE A 15 -14.51 25.12 -2.63
CA ILE A 15 -14.45 23.89 -3.47
C ILE A 15 -15.02 24.26 -4.86
N SER A 16 -16.21 24.83 -4.88
CA SER A 16 -16.92 25.05 -6.13
C SER A 16 -16.19 26.09 -6.97
N GLY A 17 -15.80 27.20 -6.34
CA GLY A 17 -15.19 28.30 -7.08
C GLY A 17 -13.85 27.91 -7.72
N LEU A 18 -12.98 27.22 -6.98
CA LEU A 18 -11.64 26.81 -7.55
C LEU A 18 -11.84 25.73 -8.60
N THR A 19 -12.77 24.79 -8.40
CA THR A 19 -13.03 23.76 -9.42
C THR A 19 -13.42 24.43 -10.75
N LEU A 20 -14.35 25.35 -10.66
CA LEU A 20 -14.85 26.04 -11.85
C LEU A 20 -13.70 26.87 -12.46
N ALA A 21 -12.96 27.60 -11.66
CA ALA A 21 -11.89 28.48 -12.20
C ALA A 21 -10.83 27.66 -12.93
N ASP A 22 -10.41 26.54 -12.34
CA ASP A 22 -9.49 25.58 -12.97
C ASP A 22 -10.03 25.23 -14.35
N ARG A 23 -11.25 24.67 -14.40
CA ARG A 23 -11.73 24.16 -15.71
C ARG A 23 -11.84 25.28 -16.75
N LEU A 24 -12.37 26.42 -16.38
CA LEU A 24 -12.57 27.55 -17.31
C LEU A 24 -11.22 28.02 -17.88
N THR A 25 -10.17 28.01 -17.07
CA THR A 25 -8.87 28.53 -17.51
C THR A 25 -8.08 27.47 -18.33
N GLU A 26 -8.64 26.29 -18.57
CA GLU A 26 -8.07 25.34 -19.56
C GLU A 26 -8.00 25.97 -20.96
N ASP A 27 -8.82 26.97 -21.22
CA ASP A 27 -8.76 27.76 -22.48
C ASP A 27 -7.92 29.00 -22.21
N PRO A 28 -6.72 29.13 -22.82
CA PRO A 28 -5.85 30.27 -22.57
C PRO A 28 -6.51 31.60 -22.94
N ARG A 29 -7.57 31.60 -23.76
CA ARG A 29 -8.25 32.89 -24.14
C ARG A 29 -9.28 33.30 -23.05
N VAL A 30 -9.39 32.53 -21.98
CA VAL A 30 -10.39 32.81 -20.91
C VAL A 30 -9.62 33.22 -19.67
N THR A 31 -9.90 34.42 -19.17
CA THR A 31 -9.32 34.86 -17.90
C THR A 31 -10.40 34.84 -16.81
N VAL A 32 -9.98 34.43 -15.63
CA VAL A 32 -10.85 34.31 -14.47
C VAL A 32 -10.18 35.04 -13.32
N LEU A 33 -10.95 35.80 -12.58
CA LEU A 33 -10.52 36.31 -11.26
C LEU A 33 -11.40 35.66 -10.20
N VAL A 34 -10.75 34.98 -9.27
CA VAL A 34 -11.39 34.42 -8.07
C VAL A 34 -11.09 35.37 -6.89
N ILE A 35 -12.15 35.91 -6.31
CA ILE A 35 -12.03 36.81 -5.14
C ILE A 35 -12.46 35.99 -3.92
N GLU A 36 -11.55 35.80 -2.97
CA GLU A 36 -11.78 34.89 -1.82
C GLU A 36 -11.59 35.63 -0.50
N ALA A 37 -12.55 35.49 0.39
CA ALA A 37 -12.59 36.20 1.67
C ALA A 37 -11.36 35.93 2.54
N GLY A 38 -10.89 34.68 2.56
CA GLY A 38 -9.80 34.32 3.44
C GLY A 38 -8.46 34.29 2.72
N PRO A 39 -7.40 34.04 3.49
CA PRO A 39 -6.04 34.00 2.96
C PRO A 39 -5.74 32.62 2.31
N LEU A 40 -4.56 32.49 1.74
CA LEU A 40 -3.91 31.19 1.46
C LEU A 40 -3.48 30.53 2.76
N ASP A 41 -3.80 29.26 2.94
CA ASP A 41 -3.22 28.49 4.06
C ASP A 41 -1.68 28.47 3.90
N ARG A 42 -0.98 28.15 4.98
CA ARG A 42 0.51 28.18 5.01
C ARG A 42 1.08 26.76 4.99
N GLY A 43 0.28 25.77 4.59
CA GLY A 43 0.73 24.37 4.62
C GLY A 43 1.03 23.90 6.04
N GLU A 44 0.32 24.45 7.02
CA GLU A 44 0.47 24.13 8.46
C GLU A 44 0.22 22.62 8.65
N ASP A 45 0.89 21.98 9.61
CA ASP A 45 0.58 20.54 9.89
CA ASP A 45 0.60 20.59 10.09
C ASP A 45 -0.90 20.38 10.23
N GLY A 46 -1.54 21.34 10.90
CA GLY A 46 -2.96 21.22 11.25
C GLY A 46 -3.88 21.12 10.04
N ILE A 47 -3.41 21.55 8.89
CA ILE A 47 -4.14 21.42 7.61
C ILE A 47 -3.68 20.14 6.88
N LEU A 48 -2.36 19.94 6.71
CA LEU A 48 -1.91 18.85 5.79
C LEU A 48 -1.98 17.46 6.42
N VAL A 49 -1.73 17.35 7.72
CA VAL A 49 -1.51 16.03 8.37
C VAL A 49 -2.82 15.61 9.04
N PRO A 50 -3.42 14.47 8.65
CA PRO A 50 -4.73 14.08 9.21
C PRO A 50 -4.69 14.03 10.75
N GLY A 51 -3.68 13.39 11.33
CA GLY A 51 -3.65 13.22 12.80
C GLY A 51 -3.51 14.52 13.56
N ALA A 52 -3.05 15.56 12.87
CA ALA A 52 -2.83 16.90 13.46
C ALA A 52 -4.06 17.82 13.24
N PHE A 53 -5.16 17.29 12.70
CA PHE A 53 -6.37 18.06 12.33
C PHE A 53 -6.71 19.23 13.26
N SER A 54 -6.64 20.45 12.69
CA SER A 54 -6.87 21.74 13.40
C SER A 54 -7.84 22.64 12.63
N PRO A 55 -9.14 22.29 12.52
CA PRO A 55 -9.98 22.97 11.55
C PRO A 55 -10.19 24.46 11.92
N TRP A 56 -10.01 24.79 13.21
CA TRP A 56 -10.27 26.12 13.81
CA TRP A 56 -10.26 26.12 13.81
C TRP A 56 -9.32 27.17 13.22
N LEU A 57 -8.21 26.76 12.59
CA LEU A 57 -7.25 27.70 11.98
C LEU A 57 -7.95 28.66 11.02
N TYR A 58 -9.07 28.29 10.40
CA TYR A 58 -9.64 29.12 9.29
C TYR A 58 -11.17 29.19 9.40
N PHE A 59 -11.73 29.14 10.58
CA PHE A 59 -13.18 29.40 10.74
C PHE A 59 -13.47 30.89 10.48
N TRP A 60 -14.62 31.11 9.85
CA TRP A 60 -15.18 32.46 9.63
C TRP A 60 -15.50 33.04 11.02
N PRO A 61 -14.99 34.24 11.37
CA PRO A 61 -15.21 34.74 12.74
C PRO A 61 -16.58 35.43 12.88
N GLY A 62 -17.12 35.46 14.09
CA GLY A 62 -18.24 36.33 14.47
C GLY A 62 -19.60 35.89 13.92
N LEU A 63 -19.75 34.62 13.60
CA LEU A 63 -21.07 34.07 13.23
C LEU A 63 -21.69 33.29 14.39
N VAL A 64 -22.91 33.67 14.71
CA VAL A 64 -23.70 33.07 15.83
CA VAL A 64 -23.68 33.02 15.82
C VAL A 64 -25.12 32.87 15.33
N SER A 65 -25.77 31.80 15.74
CA SER A 65 -27.16 31.58 15.35
C SER A 65 -28.10 32.49 16.15
N THR A 66 -29.32 32.62 15.70
CA THR A 66 -30.44 33.05 16.57
C THR A 66 -30.71 31.96 17.61
N PRO A 67 -31.44 32.30 18.69
CA PRO A 67 -31.91 31.25 19.59
C PRO A 67 -32.68 30.19 18.81
N GLN A 68 -32.39 28.91 19.07
CA GLN A 68 -32.96 27.80 18.27
C GLN A 68 -34.23 27.30 18.97
N ALA A 69 -35.41 27.65 18.45
CA ALA A 69 -36.71 27.35 19.07
C ALA A 69 -36.93 25.84 19.27
N GLY A 70 -36.35 25.00 18.39
CA GLY A 70 -36.45 23.54 18.41
C GLY A 70 -35.46 22.90 19.38
N LEU A 71 -34.50 23.67 19.90
CA LEU A 71 -33.40 23.16 20.75
C LEU A 71 -33.32 23.97 22.05
N ASN A 72 -34.45 24.16 22.72
CA ASN A 72 -34.48 24.83 24.04
C ASN A 72 -33.91 26.25 23.97
N ASN A 73 -34.08 26.90 22.83
CA ASN A 73 -33.64 28.30 22.58
C ASN A 73 -32.13 28.47 22.73
N ARG A 74 -31.36 27.41 22.56
CA ARG A 74 -29.87 27.52 22.54
CA ARG A 74 -29.87 27.50 22.52
C ARG A 74 -29.40 28.38 21.35
N THR A 75 -28.38 29.17 21.59
CA THR A 75 -27.63 29.85 20.51
CA THR A 75 -27.58 29.92 20.59
C THR A 75 -26.34 29.08 20.30
N VAL A 76 -25.94 28.91 19.03
CA VAL A 76 -24.72 28.17 18.70
C VAL A 76 -23.78 29.05 17.89
N ASP A 77 -22.48 28.85 18.09
CA ASP A 77 -21.50 29.39 17.13
C ASP A 77 -21.68 28.66 15.79
N VAL A 78 -21.58 29.44 14.73
CA VAL A 78 -21.75 29.02 13.35
C VAL A 78 -20.37 28.77 12.76
N ILE A 79 -20.21 27.58 12.20
CA ILE A 79 -18.91 27.10 11.64
C ILE A 79 -19.01 27.07 10.11
N THR A 80 -18.08 27.79 9.46
CA THR A 80 -17.91 27.76 8.00
C THR A 80 -16.49 28.21 7.66
N ALA A 81 -15.95 27.80 6.53
CA ALA A 81 -14.54 28.11 6.21
C ALA A 81 -14.40 29.58 5.75
N GLN A 82 -13.24 30.15 6.01
CA GLN A 82 -12.79 31.44 5.44
C GLN A 82 -11.34 31.32 5.02
N VAL A 83 -11.12 30.71 3.86
CA VAL A 83 -9.74 30.35 3.41
C VAL A 83 -9.81 29.92 1.94
N VAL A 84 -8.75 30.15 1.21
CA VAL A 84 -8.65 29.58 -0.13
C VAL A 84 -8.81 28.05 0.02
N GLY A 85 -9.68 27.47 -0.82
CA GLY A 85 -10.01 26.07 -0.72
C GLY A 85 -11.33 25.84 0.04
N GLY A 86 -11.80 26.86 0.75
CA GLY A 86 -13.04 26.78 1.51
C GLY A 86 -13.09 25.56 2.41
N GLY A 87 -14.25 24.92 2.48
CA GLY A 87 -14.44 23.82 3.41
C GLY A 87 -13.41 22.71 3.21
N SER A 88 -12.90 22.49 2.01
CA SER A 88 -11.96 21.39 1.73
C SER A 88 -10.65 21.60 2.52
N THR A 89 -10.33 22.84 2.87
CA THR A 89 -9.07 23.17 3.57
C THR A 89 -9.15 22.75 5.02
N ILE A 90 -10.33 22.73 5.60
CA ILE A 90 -10.45 22.51 7.06
C ILE A 90 -11.45 21.41 7.42
N ASN A 91 -11.97 20.65 6.46
CA ASN A 91 -13.01 19.66 6.79
C ASN A 91 -12.36 18.33 7.21
N ALA A 92 -13.18 17.38 7.62
CA ALA A 92 -12.68 16.06 8.11
C ALA A 92 -12.30 15.12 6.95
N MET A 93 -12.25 15.63 5.71
CA MET A 93 -11.73 14.89 4.52
CA MET A 93 -11.78 14.94 4.48
C MET A 93 -12.65 13.71 4.15
N VAL A 94 -13.88 13.62 4.69
CA VAL A 94 -14.79 12.53 4.36
C VAL A 94 -15.38 12.76 2.97
N TYR A 95 -15.13 11.78 2.12
CA TYR A 95 -15.35 11.94 0.67
C TYR A 95 -16.37 10.88 0.22
N LEU A 96 -17.65 11.28 0.11
CA LEU A 96 -18.76 10.33 -0.14
C LEU A 96 -19.74 11.01 -1.08
N ARG A 97 -20.16 10.25 -2.07
CA ARG A 97 -21.27 10.64 -2.96
C ARG A 97 -22.62 10.46 -2.28
N GLY A 98 -23.62 11.17 -2.78
CA GLY A 98 -24.99 10.87 -2.39
C GLY A 98 -25.51 9.58 -2.97
N ASP A 99 -26.79 9.30 -2.74
CA ASP A 99 -27.45 8.10 -3.32
C ASP A 99 -28.10 8.51 -4.66
N LYS A 100 -28.39 7.51 -5.49
CA LYS A 100 -28.93 7.77 -6.83
CA LYS A 100 -28.90 7.79 -6.84
C LYS A 100 -30.14 8.70 -6.75
N ASP A 101 -31.07 8.38 -5.87
CA ASP A 101 -32.35 9.13 -5.86
C ASP A 101 -32.16 10.57 -5.39
N ASP A 102 -31.06 10.93 -4.73
CA ASP A 102 -30.82 12.36 -4.42
C ASP A 102 -30.85 13.16 -5.73
N TYR A 103 -30.04 12.73 -6.71
CA TYR A 103 -29.86 13.49 -7.94
C TYR A 103 -31.12 13.30 -8.80
N ASP A 104 -31.70 12.10 -8.81
CA ASP A 104 -32.93 11.85 -9.58
C ASP A 104 -34.04 12.76 -9.06
N SER A 105 -34.09 12.96 -7.76
CA SER A 105 -35.12 13.79 -7.09
CA SER A 105 -35.16 13.77 -7.14
C SER A 105 -34.92 15.25 -7.50
N TRP A 106 -33.66 15.72 -7.49
CA TRP A 106 -33.39 17.11 -7.91
C TRP A 106 -33.96 17.28 -9.33
N GLY A 107 -33.70 16.33 -10.23
CA GLY A 107 -34.26 16.36 -11.58
C GLY A 107 -35.78 16.48 -11.58
N ALA A 108 -36.41 15.65 -10.75
CA ALA A 108 -37.89 15.53 -10.74
C ALA A 108 -38.55 16.78 -10.13
N LEU A 109 -37.79 17.66 -9.47
CA LEU A 109 -38.34 18.94 -8.96
C LEU A 109 -38.51 19.97 -10.10
N GLY A 110 -38.16 19.60 -11.34
CA GLY A 110 -38.27 20.43 -12.56
C GLY A 110 -36.92 20.96 -13.05
N ASN A 111 -35.89 20.10 -13.01
CA ASN A 111 -34.50 20.43 -13.38
C ASN A 111 -34.05 19.50 -14.47
N PRO A 112 -34.24 19.85 -15.76
CA PRO A 112 -33.80 18.94 -16.80
C PRO A 112 -32.28 18.72 -16.75
N GLY A 113 -31.85 17.50 -17.06
CA GLY A 113 -30.40 17.19 -17.16
C GLY A 113 -29.80 16.78 -15.84
N TRP A 114 -30.60 16.67 -14.79
CA TRP A 114 -30.15 16.26 -13.42
C TRP A 114 -30.66 14.86 -13.06
N SER A 115 -29.73 13.96 -12.79
CA SER A 115 -29.97 12.55 -12.46
C SER A 115 -28.67 11.93 -11.94
N TRP A 116 -28.77 10.74 -11.37
CA TRP A 116 -27.55 9.96 -11.05
C TRP A 116 -26.76 9.71 -12.34
N ASN A 117 -27.48 9.33 -13.40
CA ASN A 117 -26.82 8.97 -14.67
C ASN A 117 -26.03 10.18 -15.21
N SER A 118 -26.54 11.41 -15.08
CA SER A 118 -25.84 12.56 -15.69
C SER A 118 -24.71 12.99 -14.75
N MET A 119 -24.81 12.71 -13.44
CA MET A 119 -23.77 13.11 -12.46
C MET A 119 -22.58 12.14 -12.49
N LEU A 120 -22.82 10.86 -12.74
CA LEU A 120 -21.79 9.82 -12.61
C LEU A 120 -20.53 10.16 -13.39
N PRO A 121 -20.61 10.53 -14.68
CA PRO A 121 -19.40 10.86 -15.43
C PRO A 121 -18.62 12.02 -14.79
N TYR A 122 -19.30 12.95 -14.14
CA TYR A 122 -18.63 14.11 -13.47
C TYR A 122 -18.01 13.69 -12.13
N PHE A 123 -18.67 12.79 -11.40
CA PHE A 123 -18.02 12.18 -10.22
C PHE A 123 -16.68 11.53 -10.66
N ILE A 124 -16.72 10.74 -11.73
CA ILE A 124 -15.52 9.99 -12.18
C ILE A 124 -14.47 11.00 -12.66
N LYS A 125 -14.88 12.03 -13.40
CA LYS A 125 -13.93 13.03 -13.97
C LYS A 125 -13.24 13.78 -12.85
N SER A 126 -13.91 13.94 -11.72
CA SER A 126 -13.47 14.85 -10.63
C SER A 126 -12.18 14.38 -9.95
N GLU A 127 -11.86 13.08 -10.04
CA GLU A 127 -11.05 12.45 -8.98
C GLU A 127 -10.08 11.39 -9.54
N THR A 128 -9.10 11.07 -8.72
CA THR A 128 -8.22 9.90 -8.83
C THR A 128 -8.28 9.16 -7.50
N PHE A 129 -8.80 7.94 -7.55
CA PHE A 129 -8.80 6.98 -6.44
C PHE A 129 -7.46 6.24 -6.44
N THR A 130 -6.79 6.22 -5.28
CA THR A 130 -5.59 5.36 -5.09
C THR A 130 -5.99 4.19 -4.22
N PRO A 131 -5.96 2.93 -4.71
CA PRO A 131 -6.33 1.79 -3.88
CA PRO A 131 -6.33 1.79 -3.88
C PRO A 131 -5.42 1.64 -2.67
N PRO A 132 -5.98 1.13 -1.54
CA PRO A 132 -5.16 0.80 -0.37
C PRO A 132 -4.27 -0.41 -0.73
N SER A 133 -3.33 -0.72 0.11
CA SER A 133 -2.48 -1.93 -0.01
C SER A 133 -3.36 -3.17 0.08
N PRO A 134 -2.96 -4.28 -0.54
CA PRO A 134 -3.77 -5.50 -0.49
C PRO A 134 -3.94 -6.06 0.91
N GLU A 135 -2.88 -5.98 1.71
CA GLU A 135 -2.95 -6.52 3.09
CA GLU A 135 -2.95 -6.53 3.09
C GLU A 135 -3.95 -5.70 3.91
N LEU A 136 -3.97 -4.40 3.72
CA LEU A 136 -4.93 -3.59 4.53
C LEU A 136 -6.35 -3.80 4.02
N ALA A 137 -6.50 -3.93 2.69
CA ALA A 137 -7.86 -4.19 2.13
C ALA A 137 -8.43 -5.49 2.71
N ALA A 138 -7.61 -6.54 2.75
CA ALA A 138 -8.02 -7.85 3.29
C ALA A 138 -8.29 -7.75 4.80
N ALA A 139 -7.36 -7.22 5.55
CA ALA A 139 -7.49 -7.19 7.02
C ALA A 139 -8.64 -6.27 7.44
N GLY A 140 -8.79 -5.17 6.72
CA GLY A 140 -9.74 -4.12 7.08
C GLY A 140 -11.15 -4.30 6.54
N ASN A 141 -11.36 -5.22 5.60
CA ASN A 141 -12.64 -5.36 4.82
C ASN A 141 -12.90 -4.09 3.98
N ILE A 142 -11.86 -3.61 3.30
CA ILE A 142 -11.93 -2.46 2.38
C ILE A 142 -12.30 -3.01 1.01
N THR A 143 -13.43 -2.56 0.48
CA THR A 143 -13.86 -2.97 -0.87
C THR A 143 -14.27 -1.74 -1.67
N TRP A 144 -14.25 -1.90 -3.00
CA TRP A 144 -14.60 -0.82 -3.93
C TRP A 144 -14.96 -1.41 -5.29
N ASP A 145 -15.61 -0.59 -6.10
CA ASP A 145 -15.94 -0.94 -7.49
C ASP A 145 -15.11 -0.01 -8.36
N GLY A 146 -13.97 -0.49 -8.86
CA GLY A 146 -13.04 0.35 -9.63
C GLY A 146 -13.71 0.96 -10.87
N SER A 147 -14.76 0.35 -11.40
CA SER A 147 -15.49 0.79 -12.63
C SER A 147 -16.19 2.13 -12.40
N ILE A 148 -16.48 2.51 -11.14
CA ILE A 148 -17.21 3.77 -10.93
C ILE A 148 -16.39 4.75 -10.07
N ARG A 149 -15.10 4.51 -9.86
CA ARG A 149 -14.22 5.51 -9.19
C ARG A 149 -13.24 6.06 -10.24
N GLY A 150 -13.00 7.36 -10.23
CA GLY A 150 -12.16 8.00 -11.24
C GLY A 150 -10.71 7.61 -11.09
N ARG A 151 -9.98 7.64 -12.19
CA ARG A 151 -8.55 7.24 -12.20
C ARG A 151 -7.68 8.39 -12.72
N SER A 152 -8.25 9.51 -13.20
CA SER A 152 -7.47 10.52 -13.96
CA SER A 152 -7.40 10.51 -13.89
C SER A 152 -7.73 11.96 -13.50
N GLY A 153 -8.65 12.17 -12.57
CA GLY A 153 -9.08 13.52 -12.19
C GLY A 153 -8.23 14.08 -11.06
N PRO A 154 -8.45 15.38 -10.77
CA PRO A 154 -7.50 16.08 -9.91
C PRO A 154 -7.64 15.85 -8.40
N VAL A 155 -8.82 15.50 -7.90
CA VAL A 155 -9.01 15.31 -6.43
C VAL A 155 -8.44 13.93 -6.09
N ASN A 156 -7.40 13.89 -5.30
CA ASN A 156 -6.86 12.59 -4.85
C ASN A 156 -7.69 12.09 -3.66
N TYR A 157 -8.08 10.82 -3.68
CA TYR A 157 -8.67 10.21 -2.49
C TYR A 157 -8.26 8.75 -2.38
N SER A 158 -8.25 8.29 -1.14
CA SER A 158 -7.79 6.93 -0.80
C SER A 158 -8.31 6.60 0.61
N TYR A 159 -7.51 5.90 1.41
CA TYR A 159 -7.85 5.57 2.78
C TYR A 159 -6.61 5.80 3.63
N PRO A 160 -6.78 5.99 4.95
CA PRO A 160 -5.67 5.83 5.87
C PRO A 160 -4.99 4.45 5.69
N ASN A 161 -3.74 4.32 6.12
CA ASN A 161 -3.01 3.04 5.97
C ASN A 161 -2.93 2.25 7.29
N TYR A 162 -3.90 2.48 8.15
CA TYR A 162 -3.93 1.93 9.49
C TYR A 162 -5.38 1.95 9.96
N PHE A 163 -5.72 1.05 10.87
CA PHE A 163 -7.00 1.12 11.61
C PHE A 163 -6.73 0.75 13.08
N PHE A 164 -7.46 1.41 13.96
CA PHE A 164 -7.43 1.05 15.39
C PHE A 164 -8.14 -0.26 15.59
N PRO A 165 -7.66 -1.12 16.50
CA PRO A 165 -8.23 -2.47 16.58
C PRO A 165 -9.73 -2.47 16.95
N GLY A 166 -10.16 -1.53 17.77
CA GLY A 166 -11.57 -1.44 18.21
C GLY A 166 -12.51 -1.30 17.03
N SER A 167 -12.04 -0.76 15.91
CA SER A 167 -12.87 -0.60 14.69
C SER A 167 -13.41 -1.97 14.22
N GLU A 168 -12.67 -3.05 14.49
CA GLU A 168 -13.08 -4.43 14.17
C GLU A 168 -14.31 -4.79 15.04
N ASN A 169 -14.23 -4.55 16.35
CA ASN A 169 -15.39 -4.81 17.27
C ASN A 169 -16.62 -4.08 16.73
N TRP A 170 -16.45 -2.84 16.36
CA TRP A 170 -17.60 -2.01 15.92
C TRP A 170 -18.18 -2.55 14.59
N TRP A 171 -17.33 -2.90 13.61
CA TRP A 171 -17.79 -3.45 12.32
C TRP A 171 -18.65 -4.68 12.60
N ASN A 172 -18.11 -5.61 13.39
CA ASN A 172 -18.82 -6.89 13.61
C ASN A 172 -20.14 -6.64 14.37
N ALA A 173 -20.14 -5.72 15.34
CA ALA A 173 -21.36 -5.32 16.08
C ALA A 173 -22.40 -4.77 15.10
N ALA A 174 -21.99 -3.85 14.24
CA ALA A 174 -22.87 -3.26 13.22
C ALA A 174 -23.49 -4.36 12.36
N ASN A 175 -22.67 -5.31 11.88
CA ASN A 175 -23.19 -6.42 11.08
C ASN A 175 -24.24 -7.23 11.90
N GLU A 176 -24.00 -7.41 13.20
CA GLU A 176 -24.89 -8.21 14.12
C GLU A 176 -26.25 -7.51 14.27
N VAL A 177 -26.32 -6.18 14.02
CA VAL A 177 -27.61 -5.45 14.20
C VAL A 177 -28.11 -4.87 12.88
N GLY A 178 -27.78 -5.49 11.76
CA GLY A 178 -28.48 -5.29 10.49
C GLY A 178 -27.88 -4.20 9.61
N LEU A 179 -26.58 -3.94 9.82
CA LEU A 179 -25.82 -2.99 9.00
C LEU A 179 -24.72 -3.81 8.33
N PRO A 180 -24.97 -4.35 7.13
CA PRO A 180 -24.01 -5.27 6.50
C PRO A 180 -22.90 -4.52 5.76
N PRO A 181 -21.83 -5.22 5.33
CA PRO A 181 -20.80 -4.59 4.52
C PRO A 181 -21.42 -4.10 3.20
N VAL A 182 -21.04 -2.88 2.83
CA VAL A 182 -21.39 -2.27 1.55
C VAL A 182 -20.24 -2.40 0.56
N LYS A 183 -20.49 -2.95 -0.61
CA LYS A 183 -19.42 -3.19 -1.61
CA LYS A 183 -19.39 -3.20 -1.58
C LYS A 183 -18.73 -1.87 -1.92
N ASP A 184 -19.52 -0.84 -2.24
CA ASP A 184 -18.90 0.46 -2.61
C ASP A 184 -19.91 1.55 -2.31
N PRO A 185 -19.70 2.36 -1.27
CA PRO A 185 -20.65 3.44 -1.00
C PRO A 185 -20.69 4.58 -1.99
N MET A 186 -19.81 4.56 -2.99
CA MET A 186 -19.74 5.52 -4.12
C MET A 186 -20.62 5.03 -5.29
N ALA A 187 -21.25 3.86 -5.18
CA ALA A 187 -21.97 3.27 -6.32
C ALA A 187 -23.45 3.68 -6.30
N GLY A 188 -23.85 4.64 -5.47
CA GLY A 188 -25.22 5.17 -5.51
C GLY A 188 -26.12 4.60 -4.45
N SER A 189 -25.61 3.74 -3.58
CA SER A 189 -26.32 3.26 -2.38
C SER A 189 -25.28 2.95 -1.30
N LYS A 190 -25.66 2.98 -0.04
CA LYS A 190 -24.67 2.81 1.04
C LYS A 190 -25.33 2.25 2.29
N GLN A 191 -26.16 1.23 2.12
CA GLN A 191 -26.92 0.66 3.25
C GLN A 191 -26.05 -0.32 4.06
N GLY A 192 -25.44 0.17 5.12
CA GLY A 192 -24.61 -0.64 6.00
C GLY A 192 -23.29 0.04 6.36
N VAL A 193 -22.24 -0.76 6.51
CA VAL A 193 -20.93 -0.27 6.97
C VAL A 193 -19.89 -0.40 5.85
N PHE A 194 -18.94 0.52 5.91
CA PHE A 194 -17.90 0.65 4.88
C PHE A 194 -16.75 1.51 5.40
N TRP A 195 -15.57 1.31 4.82
CA TRP A 195 -14.48 2.27 5.04
C TRP A 195 -14.84 3.66 4.49
N ILE A 196 -14.47 4.66 5.26
CA ILE A 196 -14.63 6.09 4.88
C ILE A 196 -13.60 6.44 3.82
N PRO A 197 -14.00 6.76 2.57
CA PRO A 197 -13.04 7.33 1.62
C PRO A 197 -12.57 8.69 2.19
N SER A 198 -11.25 8.97 2.04
CA SER A 198 -10.65 10.20 2.59
C SER A 198 -9.95 10.97 1.48
N ALA A 199 -10.17 12.28 1.43
CA ALA A 199 -9.59 13.16 0.39
C ALA A 199 -8.11 13.42 0.74
N ILE A 200 -7.33 12.37 0.73
CA ILE A 200 -5.88 12.36 1.01
CA ILE A 200 -5.87 12.49 0.94
C ILE A 200 -5.11 12.00 -0.26
N ASP A 201 -3.96 12.61 -0.44
CA ASP A 201 -2.99 12.26 -1.49
C ASP A 201 -2.05 11.18 -0.89
N ALA A 202 -2.18 9.95 -1.32
CA ALA A 202 -1.43 8.81 -0.78
C ALA A 202 0.08 8.93 -1.09
N ARG A 203 0.53 9.80 -1.99
CA ARG A 203 2.00 9.88 -2.16
CA ARG A 203 1.98 10.09 -2.24
C ARG A 203 2.64 10.48 -0.90
N THR A 204 1.98 11.36 -0.20
CA THR A 204 2.53 12.05 0.99
C THR A 204 1.68 11.85 2.23
N MET A 205 0.55 11.16 2.13
CA MET A 205 -0.48 11.06 3.18
CA MET A 205 -0.43 11.07 3.23
C MET A 205 -0.77 12.48 3.75
N THR A 206 -1.12 13.39 2.86
CA THR A 206 -1.53 14.75 3.17
C THR A 206 -2.87 15.07 2.50
N ARG A 207 -3.56 16.05 3.07
CA ARG A 207 -4.85 16.55 2.59
C ARG A 207 -4.73 16.94 1.10
N SER A 208 -5.69 16.49 0.31
CA SER A 208 -5.87 16.94 -1.10
C SER A 208 -7.06 17.91 -1.13
N HIS A 209 -6.82 19.13 -0.68
CA HIS A 209 -7.84 20.19 -0.67
C HIS A 209 -7.86 20.94 -2.02
N ALA A 210 -8.89 21.74 -2.24
CA ALA A 210 -9.14 22.40 -3.54
C ALA A 210 -8.04 23.43 -3.83
N ARG A 211 -7.44 24.03 -2.80
CA ARG A 211 -6.25 24.91 -2.94
CA ARG A 211 -6.30 24.94 -3.04
C ARG A 211 -5.17 24.17 -3.75
N ARG A 212 -4.98 22.89 -3.43
CA ARG A 212 -3.91 22.09 -4.06
C ARG A 212 -4.41 21.56 -5.41
N ASN A 213 -5.54 20.85 -5.40
CA ASN A 213 -5.94 20.06 -6.58
C ASN A 213 -6.61 20.93 -7.66
N HIS A 214 -7.04 22.14 -7.35
CA HIS A 214 -7.74 23.01 -8.33
C HIS A 214 -7.15 24.44 -8.35
N TYR A 215 -5.99 24.66 -7.73
CA TYR A 215 -5.27 25.96 -7.86
C TYR A 215 -3.76 25.68 -8.01
N ASP A 216 -3.13 25.12 -7.01
CA ASP A 216 -1.65 24.94 -7.05
C ASP A 216 -1.26 24.13 -8.30
N ARG A 217 -2.02 23.06 -8.58
CA ARG A 217 -1.80 22.13 -9.72
C ARG A 217 -1.72 22.88 -11.07
N VAL A 218 -2.41 24.02 -11.17
CA VAL A 218 -2.52 24.79 -12.44
C VAL A 218 -2.10 26.26 -12.27
N SER A 219 -1.39 26.58 -11.19
CA SER A 219 -1.09 27.99 -10.82
C SER A 219 -0.02 28.64 -11.70
N SER A 220 0.60 27.88 -12.61
CA SER A 220 1.48 28.44 -13.66
C SER A 220 0.65 29.22 -14.69
N ARG A 221 -0.66 29.04 -14.72
CA ARG A 221 -1.48 29.68 -15.77
C ARG A 221 -1.61 31.17 -15.46
N PRO A 222 -1.21 32.06 -16.37
CA PRO A 222 -1.35 33.50 -16.13
C PRO A 222 -2.80 34.00 -16.19
N ASN A 223 -3.70 33.20 -16.77
CA ASN A 223 -5.12 33.57 -16.96
C ASN A 223 -5.99 33.18 -15.77
N TYR A 224 -5.39 32.50 -14.79
CA TYR A 224 -6.08 32.06 -13.53
C TYR A 224 -5.66 32.99 -12.39
N HIS A 225 -6.41 34.05 -12.16
CA HIS A 225 -6.06 35.07 -11.14
C HIS A 225 -6.79 34.78 -9.85
N ILE A 226 -6.11 35.05 -8.74
CA ILE A 226 -6.67 34.91 -7.36
CA ILE A 226 -6.72 34.94 -7.40
C ILE A 226 -6.40 36.18 -6.57
N LEU A 227 -7.40 36.59 -5.80
CA LEU A 227 -7.26 37.71 -4.86
C LEU A 227 -7.79 37.22 -3.52
N PRO A 228 -6.88 36.71 -2.66
CA PRO A 228 -7.26 36.33 -1.30
C PRO A 228 -7.54 37.58 -0.44
N SER A 229 -8.15 37.34 0.70
CA SER A 229 -8.38 38.33 1.77
C SER A 229 -9.25 39.50 1.28
N HIS A 230 -10.14 39.26 0.32
CA HIS A 230 -11.11 40.30 -0.14
C HIS A 230 -12.54 39.69 -0.21
N LEU A 231 -13.55 40.53 0.04
CA LEU A 231 -15.00 40.16 0.03
C LEU A 231 -15.66 40.78 -1.17
N VAL A 232 -16.36 39.96 -1.92
CA VAL A 232 -17.34 40.51 -2.87
C VAL A 232 -18.52 41.10 -2.08
N SER A 233 -18.73 42.43 -2.20
CA SER A 233 -19.70 43.18 -1.40
C SER A 233 -20.98 43.45 -2.23
N LYS A 234 -20.92 43.34 -3.56
CA LYS A 234 -22.08 43.69 -4.38
C LYS A 234 -21.83 43.21 -5.81
N ILE A 235 -22.91 42.79 -6.48
CA ILE A 235 -22.91 42.58 -7.95
C ILE A 235 -23.24 43.92 -8.61
N LEU A 236 -22.58 44.19 -9.73
CA LEU A 236 -22.86 45.41 -10.53
C LEU A 236 -23.63 45.02 -11.80
N PHE A 237 -24.59 45.86 -12.20
CA PHE A 237 -25.52 45.61 -13.31
C PHE A 237 -25.50 46.76 -14.31
N ARG A 238 -25.77 46.38 -15.56
CA ARG A 238 -26.25 47.30 -16.62
C ARG A 238 -27.64 46.77 -17.01
N GLY A 239 -28.69 47.46 -16.57
CA GLY A 239 -30.05 46.92 -16.64
C GLY A 239 -30.14 45.64 -15.84
N LYS A 240 -30.53 44.54 -16.47
CA LYS A 240 -30.61 43.22 -15.78
C LYS A 240 -29.37 42.36 -16.07
N GLN A 241 -28.31 42.92 -16.67
CA GLN A 241 -27.06 42.16 -17.02
C GLN A 241 -26.06 42.35 -15.90
N ALA A 242 -25.61 41.26 -15.27
CA ALA A 242 -24.52 41.30 -14.29
C ALA A 242 -23.21 41.54 -15.05
N ILE A 243 -22.53 42.65 -14.75
CA ILE A 243 -21.32 43.06 -15.52
C ILE A 243 -20.07 43.10 -14.66
N GLY A 244 -20.18 42.95 -13.35
CA GLY A 244 -19.02 43.12 -12.48
C GLY A 244 -19.36 42.94 -11.02
N VAL A 245 -18.39 43.23 -10.18
CA VAL A 245 -18.57 43.19 -8.71
C VAL A 245 -17.81 44.35 -8.11
N SER A 246 -18.24 44.72 -6.92
CA SER A 246 -17.48 45.52 -5.94
C SER A 246 -16.82 44.56 -4.96
N TYR A 247 -15.59 44.88 -4.56
CA TYR A 247 -14.96 44.14 -3.46
C TYR A 247 -14.25 45.09 -2.50
N ILE A 248 -14.09 44.56 -1.30
CA ILE A 248 -13.52 45.29 -0.14
C ILE A 248 -12.56 44.37 0.57
N PRO A 249 -11.62 44.94 1.35
CA PRO A 249 -10.78 44.10 2.18
C PRO A 249 -11.59 43.39 3.27
N THR A 250 -11.33 42.10 3.46
CA THR A 250 -11.99 41.33 4.53
C THR A 250 -11.75 41.97 5.89
N SER A 251 -10.57 42.58 6.07
CA SER A 251 -10.16 43.16 7.38
C SER A 251 -10.89 44.47 7.66
N GLY A 252 -11.68 45.01 6.72
CA GLY A 252 -12.63 46.08 7.04
C GLY A 252 -12.12 47.49 6.77
N GLY A 253 -11.04 47.63 6.00
CA GLY A 253 -10.56 48.97 5.61
C GLY A 253 -11.56 49.64 4.70
N ASN A 254 -11.67 50.96 4.77
CA ASN A 254 -12.67 51.76 4.02
C ASN A 254 -12.17 52.01 2.59
N THR A 255 -12.09 50.94 1.86
CA THR A 255 -11.74 50.87 0.44
C THR A 255 -12.80 50.01 -0.22
N THR A 256 -13.19 50.41 -1.42
CA THR A 256 -14.10 49.64 -2.30
CA THR A 256 -14.06 49.59 -2.30
C THR A 256 -13.58 49.77 -3.74
N THR A 257 -13.61 48.66 -4.48
CA THR A 257 -13.07 48.59 -5.85
C THR A 257 -14.06 47.86 -6.73
N ASN A 258 -14.25 48.37 -7.94
CA ASN A 258 -15.08 47.69 -8.97
C ASN A 258 -14.19 46.99 -10.00
N VAL A 259 -14.58 45.76 -10.32
CA VAL A 259 -13.95 44.98 -11.40
CA VAL A 259 -13.95 44.94 -11.39
C VAL A 259 -15.07 44.37 -12.27
N TYR A 260 -14.78 44.20 -13.54
CA TYR A 260 -15.80 43.86 -14.56
C TYR A 260 -15.45 42.55 -15.28
N ALA A 261 -16.51 41.84 -15.68
CA ALA A 261 -16.39 40.61 -16.47
C ALA A 261 -17.06 40.78 -17.82
N SER A 262 -16.44 40.21 -18.86
CA SER A 262 -17.01 40.27 -20.22
C SER A 262 -18.11 39.22 -20.44
N LYS A 263 -18.12 38.10 -19.72
CA LYS A 263 -19.08 37.01 -19.97
C LYS A 263 -20.02 36.84 -18.77
N GLU A 264 -19.50 36.43 -17.60
CA GLU A 264 -20.39 36.16 -16.46
C GLU A 264 -19.74 36.40 -15.10
N ILE A 265 -20.62 36.63 -14.14
CA ILE A 265 -20.29 36.59 -12.69
C ILE A 265 -20.82 35.25 -12.16
N THR A 266 -20.01 34.53 -11.40
CA THR A 266 -20.40 33.28 -10.75
C THR A 266 -20.29 33.45 -9.24
N LEU A 267 -21.36 33.19 -8.51
CA LEU A 267 -21.29 33.20 -7.02
C LEU A 267 -20.90 31.81 -6.56
N ALA A 268 -19.92 31.75 -5.65
CA ALA A 268 -19.36 30.50 -5.12
C ALA A 268 -19.06 30.71 -3.65
N ALA A 269 -19.89 31.52 -3.00
CA ALA A 269 -19.55 32.04 -1.64
C ALA A 269 -20.18 31.19 -0.54
N GLY A 270 -20.75 30.05 -0.89
CA GLY A 270 -21.28 29.10 0.09
C GLY A 270 -22.71 29.38 0.54
N GLY A 271 -23.26 28.41 1.26
CA GLY A 271 -24.63 28.52 1.76
C GLY A 271 -24.89 29.78 2.57
N LEU A 272 -23.88 30.24 3.33
CA LEU A 272 -24.04 31.42 4.19
C LEU A 272 -23.44 32.70 3.56
N GLY A 273 -22.84 32.61 2.35
CA GLY A 273 -22.21 33.78 1.70
C GLY A 273 -22.96 34.23 0.46
N THR A 274 -23.38 33.27 -0.37
CA THR A 274 -24.06 33.58 -1.63
C THR A 274 -25.34 34.35 -1.43
N PRO A 275 -26.27 33.93 -0.54
CA PRO A 275 -27.51 34.68 -0.38
C PRO A 275 -27.25 36.14 0.05
N LYS A 276 -26.22 36.37 0.87
CA LYS A 276 -25.89 37.74 1.34
C LYS A 276 -25.45 38.59 0.13
N ILE A 277 -24.62 38.05 -0.77
CA ILE A 277 -24.20 38.81 -1.97
C ILE A 277 -25.48 39.13 -2.76
N LEU A 278 -26.35 38.14 -2.94
CA LEU A 278 -27.57 38.39 -3.76
C LEU A 278 -28.41 39.50 -3.10
N GLN A 279 -28.72 39.36 -1.82
CA GLN A 279 -29.62 40.30 -1.13
C GLN A 279 -29.02 41.73 -1.15
N LEU A 280 -27.71 41.87 -0.88
CA LEU A 280 -27.06 43.22 -0.91
C LEU A 280 -27.18 43.83 -2.32
N SER A 281 -27.22 42.97 -3.33
CA SER A 281 -27.25 43.35 -4.75
C SER A 281 -28.69 43.62 -5.27
N GLY A 282 -29.70 43.49 -4.41
CA GLY A 282 -31.11 43.70 -4.78
C GLY A 282 -31.71 42.47 -5.44
N ILE A 283 -31.13 41.28 -5.19
CA ILE A 283 -31.74 40.00 -5.65
C ILE A 283 -32.20 39.22 -4.43
N GLY A 284 -33.50 39.17 -4.20
CA GLY A 284 -33.99 38.63 -2.93
C GLY A 284 -35.43 39.05 -2.69
N PRO A 285 -35.96 38.76 -1.50
CA PRO A 285 -37.38 39.01 -1.21
C PRO A 285 -37.64 40.51 -1.12
N ARG A 286 -38.60 41.01 -1.86
CA ARG A 286 -38.84 42.48 -1.84
CA ARG A 286 -38.86 42.48 -1.84
C ARG A 286 -39.16 42.98 -0.41
N LYS A 287 -39.81 42.18 0.44
CA LYS A 287 -40.12 42.67 1.82
C LYS A 287 -38.84 43.05 2.55
N LEU A 288 -37.85 42.15 2.55
CA LEU A 288 -36.53 42.39 3.22
C LEU A 288 -35.79 43.56 2.53
N LEU A 289 -35.73 43.54 1.20
CA LEU A 289 -34.97 44.59 0.48
C LEU A 289 -35.63 45.97 0.68
N ASN A 290 -36.96 46.04 0.58
CA ASN A 290 -37.67 47.31 0.91
C ASN A 290 -37.35 47.77 2.34
N GLU A 291 -37.39 46.89 3.35
CA GLU A 291 -37.13 47.31 4.77
CA GLU A 291 -37.15 47.34 4.76
C GLU A 291 -35.74 47.95 4.84
N LEU A 292 -34.79 47.46 4.04
CA LEU A 292 -33.37 47.91 4.13
C LEU A 292 -33.06 49.03 3.12
N GLY A 293 -34.04 49.43 2.30
CA GLY A 293 -33.82 50.51 1.32
C GLY A 293 -33.01 50.05 0.12
N ILE A 294 -32.94 48.74 -0.11
CA ILE A 294 -32.14 48.19 -1.24
C ILE A 294 -33.02 48.14 -2.49
N PRO A 295 -32.67 48.80 -3.60
CA PRO A 295 -33.49 48.71 -4.80
C PRO A 295 -33.58 47.28 -5.30
N VAL A 296 -34.79 46.88 -5.70
CA VAL A 296 -35.04 45.49 -6.15
C VAL A 296 -34.66 45.35 -7.63
N ILE A 297 -33.67 44.50 -7.93
CA ILE A 297 -33.25 44.10 -9.29
C ILE A 297 -34.05 42.86 -9.69
N SER A 298 -34.19 41.89 -8.79
CA SER A 298 -35.00 40.69 -9.07
C SER A 298 -35.66 40.21 -7.77
N ASP A 299 -36.99 40.24 -7.76
CA ASP A 299 -37.81 39.88 -6.57
C ASP A 299 -37.89 38.36 -6.50
N LEU A 300 -37.01 37.77 -5.67
CA LEU A 300 -36.86 36.30 -5.50
C LEU A 300 -37.03 35.92 -4.04
N PRO A 301 -38.25 35.57 -3.59
CA PRO A 301 -38.46 35.29 -2.17
C PRO A 301 -37.66 34.09 -1.68
N GLY A 302 -37.18 33.22 -2.56
CA GLY A 302 -36.39 32.04 -2.14
C GLY A 302 -34.97 32.38 -1.65
N VAL A 303 -34.45 33.58 -1.90
CA VAL A 303 -33.05 33.86 -1.54
C VAL A 303 -32.94 33.98 -0.01
N GLY A 304 -32.14 33.11 0.59
CA GLY A 304 -31.95 33.02 2.05
C GLY A 304 -32.95 32.11 2.74
N GLN A 305 -33.95 31.63 2.00
CA GLN A 305 -34.91 30.63 2.50
C GLN A 305 -34.25 29.24 2.35
N ASN A 306 -34.91 28.23 2.89
CA ASN A 306 -34.59 26.82 2.60
C ASN A 306 -33.24 26.40 3.16
N LEU A 307 -32.71 27.09 4.17
CA LEU A 307 -31.41 26.68 4.75
C LEU A 307 -31.54 25.27 5.36
N GLN A 308 -30.58 24.41 5.04
CA GLN A 308 -30.44 23.09 5.63
C GLN A 308 -29.01 22.87 6.10
N ASP A 309 -28.90 21.97 7.06
CA ASP A 309 -27.61 21.42 7.48
C ASP A 309 -27.86 19.94 7.83
N GLN A 310 -26.90 19.28 8.45
CA GLN A 310 -27.06 17.86 8.84
C GLN A 310 -26.65 17.76 10.29
N PRO A 311 -27.66 17.82 11.19
CA PRO A 311 -27.36 17.88 12.61
C PRO A 311 -26.50 16.72 13.12
N THR A 312 -25.88 17.00 14.27
CA THR A 312 -24.98 16.01 14.87
C THR A 312 -25.27 15.82 16.33
N LEU A 313 -24.98 14.59 16.77
CA LEU A 313 -25.10 14.27 18.21
C LEU A 313 -23.86 13.52 18.64
N THR A 314 -23.26 13.93 19.76
CA THR A 314 -22.10 13.23 20.34
C THR A 314 -22.59 12.53 21.60
N ILE A 315 -22.45 11.22 21.65
CA ILE A 315 -22.91 10.37 22.79
C ILE A 315 -21.67 9.93 23.53
N PRO A 316 -21.55 10.29 24.83
CA PRO A 316 -20.41 9.93 25.65
C PRO A 316 -20.53 8.51 26.18
N TYR A 317 -19.37 7.84 26.29
CA TYR A 317 -19.27 6.46 26.79
C TYR A 317 -18.17 6.35 27.83
N THR A 318 -18.33 5.38 28.72
CA THR A 318 -17.20 4.84 29.50
CA THR A 318 -17.21 4.82 29.52
C THR A 318 -17.07 3.34 29.15
N PHE A 319 -15.90 2.78 29.37
CA PHE A 319 -15.58 1.38 29.02
C PHE A 319 -14.85 0.75 30.22
N THR A 320 -15.21 -0.48 30.52
CA THR A 320 -14.46 -1.29 31.50
C THR A 320 -13.31 -2.01 30.81
N ASN A 321 -13.34 -2.16 29.47
CA ASN A 321 -12.33 -3.05 28.85
C ASN A 321 -12.04 -2.59 27.43
N ASN A 322 -11.86 -1.29 27.21
CA ASN A 322 -11.58 -0.85 25.84
C ASN A 322 -10.21 -1.41 25.47
N VAL A 323 -9.99 -1.60 24.17
CA VAL A 323 -8.73 -2.12 23.61
C VAL A 323 -7.77 -0.95 23.34
N PHE A 324 -6.48 -1.24 23.53
CA PHE A 324 -5.33 -0.34 23.23
C PHE A 324 -4.66 -0.86 21.99
N PRO A 325 -4.18 0.04 21.11
CA PRO A 325 -4.45 1.47 21.19
C PRO A 325 -5.81 1.86 20.60
N ASN A 326 -6.22 3.11 20.86
CA ASN A 326 -7.44 3.69 20.34
C ASN A 326 -7.22 5.19 20.08
N THR A 327 -8.20 5.88 19.47
CA THR A 327 -8.00 7.31 19.14
C THR A 327 -7.59 8.09 20.38
N ASP A 328 -8.14 7.75 21.55
CA ASP A 328 -7.89 8.55 22.76
C ASP A 328 -6.48 8.31 23.27
N SER A 329 -5.82 7.20 22.94
CA SER A 329 -4.39 6.99 23.22
C SER A 329 -3.57 8.18 22.70
N LEU A 330 -3.94 8.80 21.59
CA LEU A 330 -3.16 9.95 21.05
C LEU A 330 -3.18 11.11 22.07
N THR A 331 -4.27 11.29 22.82
CA THR A 331 -4.34 12.47 23.71
CA THR A 331 -4.44 12.44 23.75
C THR A 331 -3.88 12.08 25.13
N THR A 332 -4.09 10.84 25.58
CA THR A 332 -3.82 10.52 26.99
C THR A 332 -2.50 9.76 27.15
N ASN A 333 -1.83 9.37 26.07
CA ASN A 333 -0.57 8.60 26.16
C ASN A 333 0.52 9.32 25.35
N ALA A 334 1.30 10.14 26.02
CA ALA A 334 2.34 10.97 25.36
C ALA A 334 3.30 10.07 24.60
N THR A 335 3.65 8.92 25.16
CA THR A 335 4.59 7.98 24.50
C THR A 335 4.00 7.49 23.17
N TYR A 336 2.77 7.00 23.23
CA TYR A 336 2.06 6.51 22.04
C TYR A 336 2.02 7.64 20.99
N ASN A 337 1.62 8.82 21.39
CA ASN A 337 1.47 9.96 20.46
C ASN A 337 2.81 10.26 19.78
N ALA A 338 3.88 10.35 20.57
CA ALA A 338 5.23 10.62 20.02
C ALA A 338 5.61 9.46 19.05
N GLU A 339 5.42 8.20 19.44
CA GLU A 339 5.82 7.06 18.58
C GLU A 339 5.03 7.12 17.26
N GLN A 340 3.73 7.38 17.33
CA GLN A 340 2.93 7.46 16.11
C GLN A 340 3.40 8.64 15.27
N ARG A 341 3.72 9.78 15.86
CA ARG A 341 4.13 10.93 15.04
C ARG A 341 5.50 10.62 14.41
N ALA A 342 6.40 10.00 15.13
CA ALA A 342 7.74 9.64 14.60
C ALA A 342 7.55 8.65 13.43
N LEU A 343 6.67 7.68 13.61
CA LEU A 343 6.38 6.65 12.58
C LEU A 343 5.90 7.37 11.32
N TYR A 344 4.97 8.30 11.46
CA TYR A 344 4.44 9.06 10.33
C TYR A 344 5.57 9.86 9.67
N ASP A 345 6.37 10.54 10.48
CA ASP A 345 7.43 11.42 9.95
C ASP A 345 8.44 10.58 9.13
N SER A 346 8.70 9.35 9.56
CA SER A 346 9.67 8.42 8.94
C SER A 346 9.12 7.73 7.71
N SER A 347 8.10 6.86 7.87
CA SER A 347 7.59 5.99 6.81
C SER A 347 6.14 6.29 6.41
N LYS A 348 5.56 7.37 6.94
CA LYS A 348 4.19 7.81 6.61
C LYS A 348 3.15 6.72 6.90
N GLN A 349 3.40 5.96 7.94
CA GLN A 349 2.53 4.89 8.44
C GLN A 349 1.79 5.34 9.71
N GLY A 350 0.68 4.66 10.01
CA GLY A 350 0.11 4.64 11.37
C GLY A 350 -1.02 5.64 11.63
N ALA A 351 -1.27 5.90 12.89
CA ALA A 351 -2.48 6.60 13.37
C ALA A 351 -2.57 8.03 12.83
N TYR A 352 -1.43 8.66 12.49
CA TYR A 352 -1.45 10.06 11.99
C TYR A 352 -1.98 10.11 10.55
N THR A 353 -2.25 8.97 9.91
CA THR A 353 -2.89 9.01 8.57
C THR A 353 -4.43 9.10 8.66
N ILE A 354 -4.98 8.96 9.87
CA ILE A 354 -6.45 9.06 10.14
C ILE A 354 -6.72 10.47 10.67
N VAL A 355 -7.81 11.10 10.21
CA VAL A 355 -8.19 12.42 10.78
C VAL A 355 -8.38 12.25 12.29
N ASN A 356 -7.75 13.14 13.05
CA ASN A 356 -7.76 13.06 14.53
C ASN A 356 -9.21 12.97 15.06
N SER A 357 -9.46 11.93 15.85
CA SER A 357 -10.73 11.60 16.54
C SER A 357 -11.68 10.76 15.67
N LEU A 358 -11.40 10.63 14.37
CA LEU A 358 -12.16 9.74 13.45
C LEU A 358 -11.55 8.31 13.58
N SER A 359 -12.38 7.33 13.29
CA SER A 359 -11.94 5.96 12.96
C SER A 359 -12.01 5.80 11.42
N THR A 360 -12.01 4.57 10.95
CA THR A 360 -11.78 4.26 9.55
C THR A 360 -13.06 3.71 8.88
N ASN A 361 -14.07 3.31 9.66
CA ASN A 361 -15.33 2.78 9.11
C ASN A 361 -16.50 3.66 9.61
N ILE A 362 -17.67 3.44 9.03
CA ILE A 362 -18.89 4.23 9.30
C ILE A 362 -20.06 3.41 8.83
N GLY A 363 -21.26 3.85 9.24
CA GLY A 363 -22.48 3.19 8.80
C GLY A 363 -23.56 4.19 8.43
N VAL A 364 -24.30 3.84 7.39
CA VAL A 364 -25.41 4.66 6.86
C VAL A 364 -26.65 3.79 6.83
N MET A 365 -27.81 4.37 7.09
CA MET A 365 -29.03 3.56 7.14
C MET A 365 -30.26 4.34 6.62
N SER A 366 -31.09 3.62 5.87
CA SER A 366 -32.46 4.07 5.54
C SER A 366 -33.34 4.18 6.79
N LEU A 367 -34.50 4.83 6.61
CA LEU A 367 -35.48 4.90 7.72
C LEU A 367 -35.94 3.50 8.10
N GLN A 368 -36.25 2.63 7.13
CA GLN A 368 -36.76 1.29 7.47
C GLN A 368 -35.63 0.45 8.10
N ARG A 369 -34.37 0.72 7.78
CA ARG A 369 -33.24 -0.03 8.39
C ARG A 369 -33.07 0.47 9.83
N ALA A 370 -33.21 1.79 10.08
CA ALA A 370 -33.13 2.33 11.44
C ALA A 370 -34.29 1.82 12.29
N ALA A 371 -35.50 1.81 11.74
CA ALA A 371 -36.77 1.71 12.48
C ALA A 371 -37.66 0.67 11.79
N PRO A 372 -37.22 -0.61 11.76
CA PRO A 372 -37.95 -1.60 10.98
C PRO A 372 -39.39 -1.81 11.46
N LYS A 373 -39.65 -1.62 12.75
CA LYS A 373 -40.98 -1.88 13.37
C LYS A 373 -41.86 -0.62 13.40
N SER A 374 -41.33 0.58 13.07
CA SER A 374 -42.13 1.80 13.26
C SER A 374 -41.97 2.81 12.10
N TYR A 375 -41.19 2.52 11.07
CA TYR A 375 -40.95 3.54 10.01
C TYR A 375 -42.27 3.97 9.36
N ARG A 376 -43.21 3.05 9.21
CA ARG A 376 -44.48 3.42 8.54
CA ARG A 376 -44.51 3.37 8.57
C ARG A 376 -45.29 4.41 9.41
N GLN A 377 -45.11 4.38 10.74
CA GLN A 377 -45.80 5.35 11.64
C GLN A 377 -45.19 6.75 11.48
N ILE A 378 -43.88 6.82 11.31
CA ILE A 378 -43.19 8.11 11.05
C ILE A 378 -43.62 8.67 9.70
N ILE A 379 -43.64 7.84 8.68
CA ILE A 379 -44.06 8.29 7.33
C ILE A 379 -45.51 8.78 7.41
N ALA A 380 -46.36 8.08 8.16
CA ALA A 380 -47.79 8.51 8.25
C ALA A 380 -47.85 9.88 8.90
N ALA A 381 -47.14 10.09 10.02
CA ALA A 381 -47.19 11.41 10.68
C ALA A 381 -46.73 12.46 9.68
N ALA A 382 -45.65 12.19 8.95
CA ALA A 382 -45.08 13.21 8.04
C ALA A 382 -46.07 13.47 6.88
N ARG A 383 -46.74 12.43 6.38
CA ARG A 383 -47.68 12.52 5.27
CA ARG A 383 -47.65 12.57 5.24
C ARG A 383 -48.90 13.35 5.72
N ALA A 384 -49.31 13.16 6.98
CA ALA A 384 -50.55 13.77 7.51
C ALA A 384 -50.39 15.30 7.61
N ARG A 385 -49.16 15.74 7.94
CA ARG A 385 -48.91 17.13 8.29
C ARG A 385 -48.66 17.98 7.05
N SER A 386 -49.47 19.01 6.91
CA SER A 386 -49.32 20.02 5.84
CA SER A 386 -49.33 20.02 5.83
C SER A 386 -47.88 20.53 5.80
N ALA A 387 -47.29 20.59 4.64
CA ALA A 387 -45.91 21.12 4.49
C ALA A 387 -45.83 22.52 5.12
N SER A 388 -46.87 23.36 4.99
CA SER A 388 -46.83 24.75 5.51
C SER A 388 -46.54 24.84 7.02
N LEU A 389 -46.86 23.83 7.81
CA LEU A 389 -46.63 23.87 9.29
C LEU A 389 -45.13 23.97 9.58
N SER A 390 -44.25 23.56 8.65
CA SER A 390 -42.79 23.57 8.88
CA SER A 390 -42.77 23.55 8.86
C SER A 390 -42.19 24.96 8.67
N LEU A 391 -42.99 25.90 8.19
CA LEU A 391 -42.50 27.23 7.85
C LEU A 391 -43.32 28.26 8.62
N PRO A 392 -42.76 29.46 8.92
CA PRO A 392 -43.57 30.47 9.60
C PRO A 392 -44.77 30.88 8.77
N PRO A 393 -45.89 31.29 9.42
CA PRO A 393 -47.06 31.69 8.65
C PRO A 393 -46.61 32.97 7.92
N GLY A 394 -47.19 33.22 6.77
CA GLY A 394 -46.75 34.37 5.97
C GLY A 394 -45.50 34.07 5.14
N THR A 395 -44.90 32.88 5.22
CA THR A 395 -43.90 32.44 4.22
C THR A 395 -44.49 32.61 2.82
N ASP A 396 -43.69 33.12 1.92
CA ASP A 396 -44.14 33.35 0.54
C ASP A 396 -44.74 32.06 -0.01
N PRO A 397 -45.91 32.13 -0.68
CA PRO A 397 -46.55 30.94 -1.23
CA PRO A 397 -46.53 30.91 -1.19
C PRO A 397 -45.72 30.09 -2.20
N ALA A 398 -44.87 30.74 -3.02
CA ALA A 398 -43.98 30.01 -3.93
C ALA A 398 -42.97 29.19 -3.11
N VAL A 399 -42.44 29.77 -2.05
CA VAL A 399 -41.47 29.06 -1.17
C VAL A 399 -42.15 27.84 -0.52
N ILE A 400 -43.40 27.98 -0.11
CA ILE A 400 -44.19 26.87 0.48
C ILE A 400 -44.37 25.77 -0.57
N ARG A 401 -44.76 26.16 -1.78
CA ARG A 401 -44.91 25.13 -2.84
C ARG A 401 -43.61 24.35 -3.09
N GLY A 402 -42.49 25.03 -3.18
CA GLY A 402 -41.20 24.31 -3.36
C GLY A 402 -40.86 23.42 -2.18
N TYR A 403 -41.12 23.88 -0.95
CA TYR A 403 -40.90 23.06 0.24
C TYR A 403 -41.80 21.82 0.17
N GLN A 404 -43.05 21.99 -0.21
CA GLN A 404 -43.99 20.83 -0.34
CA GLN A 404 -43.97 20.82 -0.31
C GLN A 404 -43.42 19.81 -1.34
N ALA A 405 -42.90 20.28 -2.48
CA ALA A 405 -42.32 19.37 -3.49
C ALA A 405 -41.07 18.65 -2.92
N GLN A 406 -40.20 19.37 -2.23
CA GLN A 406 -39.03 18.74 -1.56
C GLN A 406 -39.53 17.68 -0.55
N ARG A 407 -40.52 18.07 0.21
CA ARG A 407 -41.02 17.19 1.30
C ARG A 407 -41.60 15.90 0.68
N ASN A 408 -42.36 16.03 -0.40
CA ASN A 408 -42.94 14.83 -1.04
C ASN A 408 -41.78 13.95 -1.55
N ALA A 409 -40.71 14.55 -2.08
CA ALA A 409 -39.55 13.77 -2.56
C ALA A 409 -38.92 13.05 -1.37
N ILE A 410 -38.72 13.75 -0.24
CA ILE A 410 -38.08 13.14 0.95
C ILE A 410 -38.95 12.02 1.54
N LEU A 411 -40.27 12.19 1.55
CA LEU A 411 -41.13 11.08 2.06
C LEU A 411 -40.98 9.85 1.14
N LYS A 412 -40.89 10.01 -0.18
CA LYS A 412 -40.52 8.85 -1.04
C LYS A 412 -39.17 8.25 -0.61
N GLN A 413 -38.20 9.11 -0.25
CA GLN A 413 -36.90 8.60 0.23
C GLN A 413 -37.08 7.81 1.53
N PHE A 414 -37.94 8.27 2.41
CA PHE A 414 -38.19 7.58 3.71
C PHE A 414 -38.76 6.17 3.46
N GLU A 415 -39.48 5.98 2.33
CA GLU A 415 -40.11 4.70 1.91
CA GLU A 415 -40.07 4.66 2.00
C GLU A 415 -39.07 3.79 1.25
N ASN A 416 -37.95 4.36 0.80
CA ASN A 416 -36.97 3.70 -0.11
C ASN A 416 -35.92 2.98 0.72
N PRO A 417 -35.76 1.65 0.59
CA PRO A 417 -34.77 0.96 1.43
C PRO A 417 -33.32 1.34 1.07
N ASN A 418 -33.15 1.98 -0.09
CA ASN A 418 -31.82 2.26 -0.63
C ASN A 418 -31.45 3.76 -0.55
N VAL A 419 -32.08 4.52 0.32
CA VAL A 419 -31.68 5.92 0.58
C VAL A 419 -31.40 6.11 2.08
N GLY A 420 -30.24 6.69 2.41
CA GLY A 420 -29.89 6.87 3.82
C GLY A 420 -30.52 8.15 4.41
N VAL A 421 -30.84 8.08 5.70
CA VAL A 421 -31.38 9.23 6.48
C VAL A 421 -30.49 9.52 7.70
N GLY A 422 -29.54 8.64 8.02
CA GLY A 422 -28.69 8.86 9.17
C GLY A 422 -27.37 8.11 9.04
N THR A 423 -26.41 8.56 9.82
CA THR A 423 -25.01 8.06 9.85
C THR A 423 -24.65 7.77 11.31
N VAL A 424 -23.98 6.64 11.52
CA VAL A 424 -23.39 6.26 12.82
C VAL A 424 -21.88 6.08 12.65
N HIS A 425 -21.14 6.53 13.67
CA HIS A 425 -19.66 6.42 13.70
C HIS A 425 -19.22 6.18 15.15
N TRP A 426 -18.13 5.48 15.29
CA TRP A 426 -17.42 5.43 16.58
C TRP A 426 -15.94 5.63 16.31
N GLY A 427 -15.38 6.69 16.90
CA GLY A 427 -13.95 6.99 16.74
C GLY A 427 -12.99 6.00 17.39
N THR A 428 -13.49 5.10 18.21
CA THR A 428 -12.79 4.05 19.03
C THR A 428 -12.48 4.55 20.43
N GLY A 429 -12.86 5.78 20.74
CA GLY A 429 -12.65 6.34 22.07
C GLY A 429 -13.95 6.65 22.81
N SER A 430 -13.98 7.76 23.52
CA SER A 430 -15.02 8.05 24.52
C SER A 430 -16.33 8.60 23.95
N SER A 431 -16.47 8.65 22.64
CA SER A 431 -17.78 9.11 22.13
C SER A 431 -18.13 8.44 20.81
N ALA A 432 -19.43 8.41 20.56
CA ALA A 432 -19.99 8.01 19.26
C ALA A 432 -20.64 9.23 18.61
N LEU A 433 -20.79 9.18 17.29
CA LEU A 433 -21.45 10.25 16.56
C LEU A 433 -22.65 9.67 15.82
N VAL A 434 -23.77 10.42 15.88
CA VAL A 434 -24.99 10.08 15.14
C VAL A 434 -25.43 11.32 14.38
N TYR A 435 -25.43 11.22 13.04
CA TYR A 435 -25.78 12.36 12.18
C TYR A 435 -27.15 12.15 11.53
N HIS A 436 -27.91 13.24 11.51
CA HIS A 436 -29.24 13.26 10.86
C HIS A 436 -29.12 13.89 9.47
N LEU A 437 -29.22 13.06 8.43
CA LEU A 437 -28.82 13.48 7.06
C LEU A 437 -29.92 14.23 6.33
N LYS A 438 -31.20 13.95 6.65
CA LYS A 438 -32.36 14.32 5.84
C LYS A 438 -33.39 15.05 6.70
N PRO A 439 -33.01 16.19 7.34
CA PRO A 439 -34.01 16.94 8.07
C PRO A 439 -35.11 17.47 7.16
N LEU A 440 -36.33 17.51 7.72
CA LEU A 440 -37.46 18.20 7.09
C LEU A 440 -37.52 19.66 7.54
N SER A 441 -36.83 20.04 8.63
CA SER A 441 -36.81 21.42 9.11
C SER A 441 -36.09 22.30 8.09
N ARG A 442 -36.50 23.56 7.99
CA ARG A 442 -35.87 24.54 7.09
C ARG A 442 -35.61 25.82 7.84
N GLY A 443 -34.44 26.40 7.57
CA GLY A 443 -34.02 27.63 8.26
C GLY A 443 -33.88 28.82 7.32
N THR A 444 -33.27 29.89 7.79
CA THR A 444 -33.13 31.14 7.00
C THR A 444 -31.76 31.74 7.22
N VAL A 445 -31.29 32.48 6.21
CA VAL A 445 -30.09 33.32 6.34
C VAL A 445 -30.36 34.64 5.60
N ASN A 446 -30.52 35.72 6.35
CA ASN A 446 -30.91 37.05 5.81
C ASN A 446 -29.91 38.11 6.31
N ILE A 447 -29.56 39.03 5.44
CA ILE A 447 -28.84 40.26 5.87
C ILE A 447 -29.70 41.04 6.87
N ARG A 448 -28.99 41.67 7.80
CA ARG A 448 -29.57 42.53 8.86
C ARG A 448 -29.39 44.01 8.52
N SER A 449 -28.53 44.32 7.56
CA SER A 449 -28.14 45.68 7.19
C SER A 449 -27.57 45.72 5.77
N THR A 450 -27.31 46.93 5.31
CA THR A 450 -26.64 47.16 4.00
C THR A 450 -25.12 47.13 4.19
N ASN A 451 -24.62 46.97 5.40
CA ASN A 451 -23.15 46.97 5.62
C ASN A 451 -22.58 45.61 5.26
N PRO A 452 -21.71 45.50 4.23
CA PRO A 452 -21.27 44.18 3.79
C PRO A 452 -20.35 43.46 4.80
N LEU A 453 -19.90 44.17 5.83
CA LEU A 453 -19.08 43.59 6.93
C LEU A 453 -19.97 42.96 8.03
N ASP A 454 -21.27 43.20 8.00
CA ASP A 454 -22.17 42.72 9.08
C ASP A 454 -22.50 41.26 8.82
N ALA A 455 -22.42 40.42 9.84
CA ALA A 455 -22.89 39.02 9.74
C ALA A 455 -24.39 39.01 9.39
N PRO A 456 -24.86 38.04 8.56
CA PRO A 456 -26.29 37.85 8.39
C PRO A 456 -26.87 37.19 9.65
N GLU A 457 -28.20 37.24 9.75
CA GLU A 457 -28.99 36.53 10.74
C GLU A 457 -29.13 35.08 10.27
N ILE A 458 -28.67 34.16 11.10
CA ILE A 458 -28.63 32.73 10.74
C ILE A 458 -29.52 31.98 11.72
N ASP A 459 -30.60 31.43 11.21
CA ASP A 459 -31.61 30.68 12.00
C ASP A 459 -31.76 29.28 11.44
N TYR A 460 -31.08 28.30 12.03
CA TYR A 460 -31.14 26.92 11.51
C TYR A 460 -32.56 26.34 11.53
N ARG A 461 -33.32 26.68 12.56
CA ARG A 461 -34.67 26.13 12.78
C ARG A 461 -34.58 24.61 12.93
N THR A 462 -33.49 24.14 13.51
CA THR A 462 -33.30 22.70 13.79
C THR A 462 -34.43 22.20 14.68
N GLY A 463 -35.03 21.06 14.33
CA GLY A 463 -35.99 20.45 15.27
C GLY A 463 -37.33 21.16 15.30
N THR A 464 -37.56 22.17 14.43
CA THR A 464 -38.87 22.86 14.38
C THR A 464 -39.92 21.97 13.72
N ASP A 465 -39.53 21.13 12.77
CA ASP A 465 -40.43 20.11 12.21
C ASP A 465 -40.37 18.91 13.17
N PRO A 466 -41.49 18.56 13.83
CA PRO A 466 -41.46 17.51 14.85
C PRO A 466 -41.15 16.10 14.30
N ILE A 467 -41.28 15.88 12.99
CA ILE A 467 -40.90 14.58 12.40
C ILE A 467 -39.39 14.34 12.61
N ASP A 468 -38.60 15.41 12.62
CA ASP A 468 -37.15 15.24 12.69
C ASP A 468 -36.75 14.49 13.98
N ALA A 469 -37.42 14.82 15.10
CA ALA A 469 -37.10 14.21 16.39
C ALA A 469 -37.44 12.70 16.34
N GLN A 470 -38.52 12.33 15.63
CA GLN A 470 -38.91 10.90 15.49
C GLN A 470 -37.80 10.14 14.71
N VAL A 471 -37.32 10.74 13.63
CA VAL A 471 -36.25 10.09 12.84
C VAL A 471 -35.01 10.02 13.74
N TYR A 472 -34.65 11.12 14.39
CA TYR A 472 -33.37 11.17 15.12
C TYR A 472 -33.40 10.20 16.30
N THR A 473 -34.55 10.09 16.96
CA THR A 473 -34.69 9.15 18.11
C THR A 473 -34.45 7.73 17.60
N SER A 474 -34.92 7.40 16.42
CA SER A 474 -34.73 6.06 15.84
CA SER A 474 -34.72 6.04 15.87
C SER A 474 -33.23 5.83 15.59
N LEU A 475 -32.52 6.85 15.08
CA LEU A 475 -31.07 6.71 14.80
C LEU A 475 -30.32 6.47 16.10
N PHE A 476 -30.67 7.25 17.13
CA PHE A 476 -30.09 7.01 18.46
C PHE A 476 -30.25 5.54 18.90
N ARG A 477 -31.45 5.03 18.77
CA ARG A 477 -31.72 3.66 19.22
C ARG A 477 -30.89 2.64 18.42
N LYS A 478 -30.72 2.85 17.11
CA LYS A 478 -29.88 1.92 16.34
C LYS A 478 -28.44 1.98 16.84
N ASN A 479 -27.91 3.18 17.09
CA ASN A 479 -26.56 3.29 17.68
C ASN A 479 -26.48 2.48 18.98
N ARG A 480 -27.50 2.55 19.82
CA ARG A 480 -27.50 1.84 21.11
C ARG A 480 -27.45 0.31 20.83
N GLU A 481 -28.14 -0.15 19.78
CA GLU A 481 -28.09 -1.59 19.41
C GLU A 481 -26.65 -2.00 19.09
N ILE A 482 -25.90 -1.14 18.40
CA ILE A 482 -24.49 -1.47 18.03
C ILE A 482 -23.70 -1.71 19.32
N PHE A 483 -23.79 -0.75 20.25
CA PHE A 483 -22.97 -0.79 21.49
C PHE A 483 -23.40 -1.95 22.39
N ASN A 484 -24.62 -2.43 22.25
CA ASN A 484 -25.12 -3.57 23.04
C ASN A 484 -24.91 -4.92 22.32
N ALA A 485 -24.40 -4.94 21.10
CA ALA A 485 -24.18 -6.19 20.34
C ALA A 485 -22.99 -6.96 20.92
N PRO A 486 -22.96 -8.29 20.73
CA PRO A 486 -21.93 -9.11 21.33
C PRO A 486 -20.48 -8.64 21.15
N SER A 487 -20.15 -8.24 19.94
CA SER A 487 -18.76 -7.88 19.55
CA SER A 487 -18.73 -7.91 19.64
C SER A 487 -18.33 -6.56 20.26
N MET A 488 -19.28 -5.70 20.67
CA MET A 488 -18.95 -4.47 21.45
C MET A 488 -19.04 -4.70 22.95
N ARG A 489 -19.94 -5.58 23.40
CA ARG A 489 -20.07 -5.88 24.85
CA ARG A 489 -20.08 -5.91 24.85
C ARG A 489 -18.72 -6.36 25.45
N VAL A 490 -17.87 -7.03 24.68
CA VAL A 490 -16.53 -7.47 25.19
C VAL A 490 -15.69 -6.26 25.66
N LEU A 491 -15.95 -5.04 25.16
CA LEU A 491 -15.15 -3.87 25.53
C LEU A 491 -15.74 -3.23 26.78
N GLY A 492 -16.91 -3.71 27.20
CA GLY A 492 -17.69 -3.17 28.32
C GLY A 492 -18.09 -1.70 28.22
N PRO A 493 -18.75 -1.28 27.12
CA PRO A 493 -19.26 0.08 27.01
C PRO A 493 -20.49 0.34 27.89
N SER A 494 -20.60 1.55 28.39
CA SER A 494 -21.89 2.08 28.89
CA SER A 494 -21.81 2.13 29.03
C SER A 494 -22.00 3.57 28.55
N GLU A 495 -23.21 3.94 28.14
CA GLU A 495 -23.55 5.37 27.95
C GLU A 495 -23.28 6.12 29.25
N ALA A 496 -22.64 7.27 29.14
CA ALA A 496 -22.37 8.16 30.29
C ALA A 496 -23.46 9.23 30.35
N ALA A 497 -23.63 9.83 31.52
CA ALA A 497 -24.54 10.99 31.70
C ALA A 497 -24.05 12.08 30.74
N PRO A 498 -24.97 12.84 30.12
CA PRO A 498 -26.41 12.79 30.42
C PRO A 498 -27.28 11.78 29.66
N PHE A 499 -26.64 10.89 28.91
CA PHE A 499 -27.34 9.70 28.38
C PHE A 499 -27.30 8.61 29.46
N GLY A 500 -27.57 7.36 29.09
CA GLY A 500 -27.57 6.26 30.04
C GLY A 500 -28.58 5.20 29.73
N ALA A 501 -28.27 3.98 30.10
CA ALA A 501 -29.15 2.84 29.84
C ALA A 501 -30.49 3.00 30.59
N ASN A 502 -30.53 3.86 31.63
CA ASN A 502 -31.77 4.18 32.37
C ASN A 502 -32.71 5.09 31.59
N LEU A 503 -32.29 5.69 30.48
CA LEU A 503 -33.23 6.42 29.57
C LEU A 503 -33.76 5.42 28.55
N THR A 504 -35.01 4.95 28.71
CA THR A 504 -35.58 3.88 27.85
C THR A 504 -36.70 4.41 26.96
N THR A 505 -37.40 5.49 27.35
CA THR A 505 -38.54 6.00 26.55
C THR A 505 -38.06 7.03 25.53
N ASP A 506 -38.83 7.17 24.44
CA ASP A 506 -38.51 8.17 23.40
C ASP A 506 -38.45 9.55 24.06
N GLU A 507 -39.35 9.83 25.01
CA GLU A 507 -39.43 11.15 25.69
C GLU A 507 -38.14 11.39 26.50
N GLU A 508 -37.66 10.38 27.21
CA GLU A 508 -36.48 10.52 28.10
C GLU A 508 -35.25 10.76 27.22
N ILE A 509 -35.16 10.05 26.13
CA ILE A 509 -34.00 10.11 25.20
C ILE A 509 -34.01 11.47 24.54
N TYR A 510 -35.11 11.83 23.92
CA TYR A 510 -35.15 13.08 23.11
C TYR A 510 -34.98 14.31 24.00
N ALA A 511 -35.40 14.24 25.27
CA ALA A 511 -35.23 15.40 26.17
C ALA A 511 -33.73 15.73 26.25
N VAL A 512 -32.91 14.70 26.34
CA VAL A 512 -31.44 14.92 26.35
C VAL A 512 -30.96 15.34 24.96
N MET A 513 -31.40 14.68 23.91
CA MET A 513 -30.99 15.05 22.54
C MET A 513 -31.29 16.53 22.24
N ARG A 514 -32.42 17.04 22.73
CA ARG A 514 -32.83 18.43 22.47
C ARG A 514 -31.79 19.38 23.08
N GLU A 515 -31.15 18.96 24.19
CA GLU A 515 -30.14 19.80 24.87
C GLU A 515 -28.76 19.60 24.21
N LEU A 516 -28.47 18.50 23.51
CA LEU A 516 -27.09 18.21 23.01
CA LEU A 516 -27.10 18.18 23.01
C LEU A 516 -26.97 18.31 21.48
N ILE A 517 -28.02 18.14 20.71
CA ILE A 517 -27.87 18.18 19.23
C ILE A 517 -27.19 19.49 18.81
N ASN A 518 -26.21 19.39 17.93
CA ASN A 518 -25.66 20.56 17.23
C ASN A 518 -26.46 20.72 15.94
N PRO A 519 -26.99 21.93 15.64
CA PRO A 519 -27.72 22.15 14.39
C PRO A 519 -26.92 21.83 13.13
N SER A 520 -25.59 21.85 13.23
CA SER A 520 -24.76 21.96 12.04
C SER A 520 -23.52 21.07 12.11
N ASN A 521 -23.15 20.50 10.98
CA ASN A 521 -21.81 19.90 10.76
C ASN A 521 -21.05 20.73 9.69
N ALA A 522 -21.38 22.03 9.60
CA ALA A 522 -20.79 22.95 8.60
C ALA A 522 -21.15 22.45 7.20
N HIS A 523 -22.38 21.92 7.03
CA HIS A 523 -22.87 21.43 5.73
C HIS A 523 -23.97 22.38 5.20
N GLN A 524 -23.86 23.68 5.45
CA GLN A 524 -24.95 24.64 5.12
C GLN A 524 -25.16 24.61 3.61
N CYS A 525 -26.43 24.51 3.21
CA CYS A 525 -26.79 24.43 1.80
C CYS A 525 -28.12 25.13 1.55
N CYS A 526 -28.43 25.21 0.26
CA CYS A 526 -29.81 25.18 -0.27
C CYS A 526 -30.56 26.52 -0.14
N THR A 527 -29.81 27.61 0.10
CA THR A 527 -30.29 28.99 0.29
C THR A 527 -30.43 29.81 -1.00
N ALA A 528 -30.07 29.23 -2.17
CA ALA A 528 -30.30 29.83 -3.49
C ALA A 528 -30.76 28.70 -4.41
N ALA A 529 -31.88 28.08 -4.06
CA ALA A 529 -32.17 26.71 -4.51
C ALA A 529 -32.47 26.65 -6.01
N MET A 530 -32.03 25.55 -6.60
CA MET A 530 -32.34 25.21 -8.00
C MET A 530 -33.70 24.52 -8.05
N MET A 531 -34.72 25.34 -8.20
CA MET A 531 -36.10 24.89 -8.43
CA MET A 531 -36.16 24.99 -8.30
C MET A 531 -36.79 25.93 -9.32
N PRO A 532 -37.91 25.58 -9.98
CA PRO A 532 -38.66 26.58 -10.75
C PRO A 532 -38.96 27.83 -9.91
N LYS A 533 -38.95 28.99 -10.55
CA LYS A 533 -39.23 30.25 -9.84
C LYS A 533 -40.59 30.16 -9.12
N ASP A 534 -41.59 29.51 -9.74
CA ASP A 534 -42.93 29.46 -9.11
C ASP A 534 -42.99 28.48 -7.93
N MET A 535 -41.89 27.77 -7.69
CA MET A 535 -41.69 26.89 -6.50
CA MET A 535 -41.71 26.89 -6.51
C MET A 535 -40.68 27.55 -5.55
N GLY A 536 -40.44 28.84 -5.67
CA GLY A 536 -39.56 29.51 -4.70
C GLY A 536 -38.08 29.33 -5.02
N GLY A 537 -37.74 28.88 -6.21
CA GLY A 537 -36.36 28.75 -6.65
C GLY A 537 -35.70 30.08 -6.94
N VAL A 538 -34.38 30.03 -6.91
CA VAL A 538 -33.49 31.20 -7.16
C VAL A 538 -32.74 30.98 -8.47
N VAL A 539 -32.42 29.74 -8.84
CA VAL A 539 -31.72 29.46 -10.12
C VAL A 539 -32.40 28.39 -10.94
N SER A 540 -32.19 28.53 -12.24
CA SER A 540 -32.67 27.59 -13.27
C SER A 540 -31.88 26.26 -13.20
N SER A 541 -32.22 25.29 -14.07
CA SER A 541 -31.50 24.00 -14.14
C SER A 541 -30.07 24.24 -14.67
N GLU A 542 -29.82 25.38 -15.31
CA GLU A 542 -28.49 25.79 -15.78
C GLU A 542 -27.80 26.69 -14.73
N GLN A 543 -28.37 26.81 -13.55
CA GLN A 543 -27.82 27.52 -12.36
C GLN A 543 -27.78 29.05 -12.60
N LYS A 544 -28.62 29.54 -13.51
CA LYS A 544 -28.79 30.99 -13.80
C LYS A 544 -29.81 31.58 -12.82
N VAL A 545 -29.43 32.70 -12.19
CA VAL A 545 -30.32 33.44 -11.28
C VAL A 545 -31.51 34.00 -12.10
N TYR A 546 -32.72 33.75 -11.63
CA TYR A 546 -33.94 34.25 -12.31
C TYR A 546 -33.93 35.79 -12.36
N GLY A 547 -34.36 36.30 -13.50
CA GLY A 547 -34.62 37.74 -13.68
C GLY A 547 -33.36 38.54 -14.02
N VAL A 548 -32.22 37.87 -14.13
CA VAL A 548 -30.99 38.60 -14.60
CA VAL A 548 -30.87 38.48 -14.38
C VAL A 548 -30.17 37.70 -15.51
N GLN A 549 -29.32 38.36 -16.29
CA GLN A 549 -28.43 37.69 -17.26
C GLN A 549 -27.00 37.74 -16.72
N GLY A 550 -26.21 36.73 -17.07
CA GLY A 550 -24.78 36.69 -16.81
C GLY A 550 -24.46 36.38 -15.35
N LEU A 551 -25.36 35.73 -14.61
CA LEU A 551 -25.16 35.47 -13.16
C LEU A 551 -25.59 34.04 -12.82
N ARG A 552 -24.69 33.27 -12.25
CA ARG A 552 -24.97 31.87 -11.84
C ARG A 552 -24.53 31.65 -10.37
N VAL A 553 -25.06 30.58 -9.79
CA VAL A 553 -24.66 30.09 -8.44
C VAL A 553 -24.03 28.71 -8.62
N ALA A 554 -22.75 28.59 -8.25
CA ALA A 554 -21.95 27.36 -8.36
C ALA A 554 -21.86 26.58 -7.04
N ASP A 555 -21.88 27.26 -5.88
CA ASP A 555 -21.74 26.59 -4.57
C ASP A 555 -23.03 25.94 -4.11
N ILE A 556 -22.94 25.17 -3.02
CA ILE A 556 -24.07 24.27 -2.66
C ILE A 556 -25.27 25.03 -2.12
N SER A 557 -25.25 26.37 -2.13
CA SER A 557 -26.48 27.19 -2.07
CA SER A 557 -26.53 27.09 -1.97
C SER A 557 -27.53 26.67 -3.08
N PHE A 558 -27.09 26.17 -4.24
CA PHE A 558 -28.05 25.85 -5.32
C PHE A 558 -28.79 24.53 -5.01
N TRP A 559 -28.27 23.67 -4.12
CA TRP A 559 -28.93 22.35 -3.96
C TRP A 559 -30.35 22.49 -3.45
N PRO A 560 -31.31 21.70 -3.94
CA PRO A 560 -32.65 21.73 -3.35
C PRO A 560 -32.70 21.21 -1.92
N PHE A 561 -32.03 20.11 -1.65
CA PHE A 561 -32.00 19.54 -0.29
C PHE A 561 -30.77 18.64 -0.11
N GLN A 562 -30.52 18.31 1.17
CA GLN A 562 -29.36 17.54 1.64
C GLN A 562 -29.33 16.13 1.00
N LEU A 563 -28.09 15.62 0.86
CA LEU A 563 -27.83 14.26 0.32
C LEU A 563 -27.88 13.20 1.40
N SER A 564 -27.98 11.95 0.95
CA SER A 564 -27.59 10.75 1.74
CA SER A 564 -27.60 10.76 1.75
C SER A 564 -26.06 10.71 1.75
N GLY A 565 -25.47 11.52 2.62
CA GLY A 565 -24.02 11.67 2.77
C GLY A 565 -23.64 13.12 2.97
N SER A 566 -22.34 13.40 3.03
CA SER A 566 -21.78 14.74 3.26
C SER A 566 -21.51 15.41 1.91
N PRO A 567 -21.42 16.75 1.87
CA PRO A 567 -21.48 17.46 0.60
C PRO A 567 -20.24 17.47 -0.30
N MET A 568 -19.06 17.21 0.27
CA MET A 568 -17.79 17.57 -0.44
C MET A 568 -17.71 16.91 -1.84
N ALA A 569 -17.90 15.60 -1.96
CA ALA A 569 -17.67 14.95 -3.28
C ALA A 569 -18.60 15.60 -4.30
N THR A 570 -19.84 15.86 -3.92
CA THR A 570 -20.81 16.47 -4.84
C THR A 570 -20.50 17.97 -5.10
N ALA A 571 -19.93 18.69 -4.16
CA ALA A 571 -19.49 20.08 -4.39
C ALA A 571 -18.48 20.07 -5.54
N TYR A 572 -17.50 19.15 -5.51
CA TYR A 572 -16.51 19.08 -6.63
C TYR A 572 -17.24 18.70 -7.92
N ALA A 573 -18.03 17.63 -7.92
CA ALA A 573 -18.61 17.09 -9.17
C ALA A 573 -19.59 18.08 -9.77
N GLY A 574 -20.42 18.74 -8.94
CA GLY A 574 -21.39 19.71 -9.47
C GLY A 574 -20.69 20.88 -10.17
N ALA A 575 -19.54 21.29 -9.66
CA ALA A 575 -18.71 22.35 -10.27
C ALA A 575 -18.07 21.86 -11.56
N GLU A 576 -17.64 20.60 -11.60
CA GLU A 576 -17.15 19.98 -12.88
C GLU A 576 -18.27 20.05 -13.90
N ARG A 577 -19.48 19.70 -13.49
CA ARG A 577 -20.67 19.70 -14.38
CA ARG A 577 -20.60 19.68 -14.44
C ARG A 577 -20.93 21.13 -14.90
N LEU A 578 -20.92 22.10 -14.00
CA LEU A 578 -21.27 23.49 -14.35
C LEU A 578 -20.20 24.05 -15.29
N ALA A 579 -18.95 23.68 -15.11
CA ALA A 579 -17.86 24.17 -15.99
C ALA A 579 -18.21 23.79 -17.44
N ASP A 580 -18.65 22.55 -17.67
CA ASP A 580 -19.00 22.11 -19.03
C ASP A 580 -20.25 22.86 -19.53
N VAL A 581 -21.21 23.12 -18.66
CA VAL A 581 -22.43 23.88 -18.99
C VAL A 581 -22.03 25.29 -19.50
N ILE A 582 -21.14 25.98 -18.77
CA ILE A 582 -20.70 27.35 -19.11
C ILE A 582 -19.90 27.30 -20.40
N LYS A 583 -19.05 26.30 -20.57
CA LYS A 583 -18.22 26.19 -21.78
C LYS A 583 -19.14 26.02 -23.00
N LYS A 584 -20.28 25.34 -22.85
CA LYS A 584 -21.19 24.99 -23.97
C LYS A 584 -21.81 26.32 -24.44
N GLU A 585 -22.08 27.21 -23.52
CA GLU A 585 -22.87 28.37 -23.89
C GLU A 585 -21.96 29.31 -24.65
N HIS A 586 -20.72 29.47 -24.18
CA HIS A 586 -19.81 30.52 -24.70
C HIS A 586 -18.84 29.93 -25.74
N ARG A 587 -19.10 28.71 -26.22
CA ARG A 587 -18.25 27.93 -27.16
C ARG A 587 -16.79 27.98 -26.70
N LEU A 588 -16.51 27.66 -25.44
CA LEU A 588 -15.13 27.68 -24.89
C LEU A 588 -14.45 26.30 -25.03
N ASN B 5 3.79 -46.57 -12.17
CA ASN B 5 4.57 -45.95 -13.30
C ASN B 5 4.12 -44.48 -13.52
N TYR B 6 5.09 -43.62 -13.77
CA TYR B 6 5.00 -42.16 -13.97
C TYR B 6 5.64 -41.74 -15.30
N THR B 7 5.33 -40.55 -15.78
CA THR B 7 6.01 -39.96 -16.97
C THR B 7 7.40 -39.46 -16.54
N PHE B 8 7.45 -38.72 -15.43
CA PHE B 8 8.71 -38.18 -14.87
C PHE B 8 8.78 -38.48 -13.38
N ILE B 9 9.99 -38.74 -12.91
CA ILE B 9 10.28 -38.74 -11.46
C ILE B 9 11.31 -37.65 -11.20
N ILE B 10 11.02 -36.82 -10.21
CA ILE B 10 11.90 -35.71 -9.80
C ILE B 10 12.43 -35.99 -8.39
N ALA B 11 13.75 -36.02 -8.24
CA ALA B 11 14.41 -36.28 -6.94
C ALA B 11 14.67 -34.91 -6.31
N GLY B 12 13.87 -34.58 -5.30
CA GLY B 12 13.96 -33.33 -4.54
C GLY B 12 12.83 -32.37 -4.87
N GLY B 13 12.09 -32.00 -3.83
CA GLY B 13 10.93 -31.12 -3.94
C GLY B 13 11.28 -29.73 -3.41
N GLY B 14 12.40 -29.18 -3.89
CA GLY B 14 12.77 -27.81 -3.56
C GLY B 14 12.34 -26.82 -4.63
N ILE B 15 13.03 -25.70 -4.70
CA ILE B 15 12.61 -24.62 -5.64
C ILE B 15 12.55 -25.21 -7.06
N SER B 16 13.65 -25.81 -7.48
CA SER B 16 13.78 -26.31 -8.85
C SER B 16 12.77 -27.41 -9.10
N GLY B 17 12.69 -28.38 -8.19
CA GLY B 17 11.87 -29.57 -8.42
C GLY B 17 10.39 -29.23 -8.49
N LEU B 18 9.90 -28.40 -7.59
CA LEU B 18 8.44 -28.08 -7.58
C LEU B 18 8.10 -27.20 -8.78
N THR B 19 8.95 -26.26 -9.14
CA THR B 19 8.70 -25.40 -10.30
C THR B 19 8.55 -26.29 -11.54
N LEU B 20 9.48 -27.22 -11.71
CA LEU B 20 9.45 -28.12 -12.88
C LEU B 20 8.19 -28.99 -12.82
N ALA B 21 7.90 -29.59 -11.68
CA ALA B 21 6.74 -30.51 -11.56
C ALA B 21 5.43 -29.78 -11.91
N ASP B 22 5.28 -28.58 -11.38
CA ASP B 22 4.12 -27.71 -11.66
C ASP B 22 3.97 -27.56 -13.18
N ARG B 23 5.00 -27.05 -13.85
CA ARG B 23 4.89 -26.82 -15.32
C ARG B 23 4.62 -28.11 -16.09
N LEU B 24 5.29 -29.21 -15.77
CA LEU B 24 5.13 -30.46 -16.54
C LEU B 24 3.69 -30.95 -16.41
N THR B 25 3.08 -30.80 -15.24
CA THR B 25 1.72 -31.33 -14.97
C THR B 25 0.62 -30.39 -15.51
N GLU B 26 0.97 -29.26 -16.14
CA GLU B 26 0.02 -28.50 -16.98
C GLU B 26 -0.60 -29.38 -18.05
N ASP B 27 0.11 -30.42 -18.49
CA ASP B 27 -0.41 -31.34 -19.51
C ASP B 27 -1.06 -32.47 -18.72
N PRO B 28 -2.39 -32.63 -18.73
CA PRO B 28 -3.03 -33.66 -17.90
C PRO B 28 -2.60 -35.09 -18.26
N ARG B 29 -2.01 -35.30 -19.45
CA ARG B 29 -1.49 -36.63 -19.87
C ARG B 29 -0.11 -36.90 -19.23
N VAL B 30 0.49 -35.93 -18.55
CA VAL B 30 1.87 -36.10 -17.99
C VAL B 30 1.72 -36.29 -16.50
N THR B 31 2.22 -37.41 -15.99
CA THR B 31 2.23 -37.68 -14.56
CA THR B 31 2.22 -37.72 -14.55
C THR B 31 3.62 -37.50 -13.97
N VAL B 32 3.70 -36.85 -12.84
CA VAL B 32 5.01 -36.59 -12.18
C VAL B 32 4.92 -37.09 -10.76
N LEU B 33 5.99 -37.74 -10.31
CA LEU B 33 6.20 -38.00 -8.88
C LEU B 33 7.42 -37.22 -8.42
N VAL B 34 7.18 -36.36 -7.43
CA VAL B 34 8.27 -35.66 -6.72
C VAL B 34 8.55 -36.43 -5.43
N ILE B 35 9.78 -36.90 -5.28
CA ILE B 35 10.23 -37.56 -4.02
C ILE B 35 11.08 -36.55 -3.25
N GLU B 36 10.65 -36.16 -2.06
CA GLU B 36 11.30 -35.10 -1.27
C GLU B 36 11.73 -35.63 0.10
N ALA B 37 12.98 -35.36 0.46
CA ALA B 37 13.60 -35.86 1.68
C ALA B 37 12.86 -35.43 2.95
N GLY B 38 12.43 -34.18 2.98
CA GLY B 38 11.81 -33.61 4.14
C GLY B 38 10.28 -33.69 4.09
N PRO B 39 9.63 -33.28 5.20
CA PRO B 39 8.18 -33.29 5.31
C PRO B 39 7.57 -32.03 4.67
N LEU B 40 6.24 -31.99 4.64
CA LEU B 40 5.50 -30.73 4.45
C LEU B 40 5.68 -29.86 5.70
N ASP B 41 5.94 -28.57 5.52
CA ASP B 41 5.88 -27.65 6.67
C ASP B 41 4.41 -27.56 7.13
N ARG B 42 4.22 -27.13 8.35
CA ARG B 42 2.88 -27.13 9.02
CA ARG B 42 2.89 -27.13 9.04
C ARG B 42 2.27 -25.71 9.02
N GLY B 43 2.78 -24.80 8.21
CA GLY B 43 2.32 -23.41 8.18
C GLY B 43 2.60 -22.71 9.52
N GLU B 44 3.68 -23.09 10.19
CA GLU B 44 3.93 -22.45 11.49
CA GLU B 44 4.23 -22.52 11.45
C GLU B 44 4.43 -21.01 11.26
N ASP B 45 4.28 -20.19 12.31
CA ASP B 45 4.62 -18.74 12.19
C ASP B 45 6.09 -18.59 11.79
N GLY B 46 6.96 -19.46 12.30
CA GLY B 46 8.39 -19.39 11.97
C GLY B 46 8.69 -19.47 10.47
N ILE B 47 7.78 -20.08 9.73
CA ILE B 47 7.88 -20.17 8.26
C ILE B 47 7.08 -19.00 7.64
N LEU B 48 5.81 -18.83 7.99
CA LEU B 48 4.97 -17.95 7.18
C LEU B 48 5.21 -16.48 7.48
N VAL B 49 5.52 -16.15 8.73
CA VAL B 49 5.53 -14.73 9.20
C VAL B 49 6.96 -14.19 9.19
N PRO B 50 7.28 -13.12 8.40
CA PRO B 50 8.67 -12.74 8.28
C PRO B 50 9.32 -12.40 9.63
N GLY B 51 8.59 -11.71 10.52
CA GLY B 51 9.17 -11.31 11.82
C GLY B 51 9.42 -12.47 12.77
N ALA B 52 8.81 -13.63 12.51
CA ALA B 52 8.96 -14.84 13.34
C ALA B 52 10.03 -15.78 12.76
N PHE B 53 10.75 -15.35 11.72
CA PHE B 53 11.74 -16.18 10.97
C PHE B 53 12.49 -17.19 11.85
N SER B 54 12.31 -18.49 11.56
CA SER B 54 12.85 -19.65 12.33
C SER B 54 13.42 -20.68 11.37
N PRO B 55 14.50 -20.39 10.62
CA PRO B 55 14.91 -21.27 9.52
C PRO B 55 15.37 -22.66 10.01
N TRP B 56 15.74 -22.75 11.31
CA TRP B 56 16.30 -23.98 11.93
CA TRP B 56 16.30 -23.98 11.94
C TRP B 56 15.24 -25.10 11.97
N LEU B 57 13.95 -24.73 11.81
CA LEU B 57 12.84 -25.72 11.80
C LEU B 57 13.08 -26.85 10.78
N TYR B 58 13.84 -26.62 9.72
CA TYR B 58 13.98 -27.64 8.64
C TYR B 58 15.39 -27.71 8.08
N PHE B 59 16.40 -27.43 8.88
CA PHE B 59 17.81 -27.67 8.48
C PHE B 59 18.05 -29.17 8.35
N TRP B 60 18.72 -29.55 7.28
CA TRP B 60 19.21 -30.93 7.09
C TRP B 60 20.13 -31.27 8.27
N PRO B 61 19.89 -32.38 9.01
CA PRO B 61 20.70 -32.64 10.18
C PRO B 61 22.02 -33.35 9.86
N GLY B 62 23.01 -33.13 10.72
CA GLY B 62 24.23 -33.97 10.73
C GLY B 62 25.20 -33.67 9.57
N LEU B 63 25.20 -32.45 9.06
CA LEU B 63 26.17 -32.01 8.03
C LEU B 63 27.15 -31.04 8.67
N VAL B 64 28.42 -31.38 8.55
CA VAL B 64 29.58 -30.58 9.05
CA VAL B 64 29.55 -30.53 9.01
C VAL B 64 30.62 -30.53 7.93
N SER B 65 31.35 -29.44 7.82
CA SER B 65 32.44 -29.33 6.84
C SER B 65 33.65 -30.16 7.34
N THR B 66 34.58 -30.39 6.45
CA THR B 66 35.97 -30.74 6.80
C THR B 66 36.62 -29.51 7.39
N PRO B 67 37.77 -29.68 8.10
CA PRO B 67 38.54 -28.53 8.54
C PRO B 67 38.87 -27.67 7.30
N GLN B 68 38.65 -26.37 7.44
CA GLN B 68 38.77 -25.38 6.36
C GLN B 68 40.19 -24.80 6.32
N ALA B 69 41.03 -25.28 5.39
CA ALA B 69 42.48 -24.92 5.35
C ALA B 69 42.66 -23.40 5.22
N GLY B 70 41.71 -22.72 4.56
CA GLY B 70 41.77 -21.27 4.32
C GLY B 70 41.23 -20.48 5.50
N LEU B 71 40.61 -21.14 6.49
CA LEU B 71 39.95 -20.48 7.63
C LEU B 71 40.48 -21.07 8.94
N ASN B 72 41.81 -21.13 9.08
CA ASN B 72 42.43 -21.56 10.35
C ASN B 72 41.99 -22.99 10.72
N ASN B 73 41.68 -23.83 9.72
CA ASN B 73 41.28 -25.24 9.95
C ASN B 73 39.97 -25.34 10.72
N ARG B 74 39.16 -24.29 10.69
CA ARG B 74 37.84 -24.35 11.38
CA ARG B 74 37.84 -24.32 11.36
C ARG B 74 36.93 -25.34 10.68
N THR B 75 36.08 -25.99 11.47
CA THR B 75 34.96 -26.81 10.95
CA THR B 75 34.96 -26.85 11.02
C THR B 75 33.66 -26.05 11.20
N VAL B 76 32.75 -26.07 10.25
CA VAL B 76 31.50 -25.29 10.39
C VAL B 76 30.33 -26.24 10.15
N ASP B 77 29.23 -25.99 10.84
CA ASP B 77 27.96 -26.67 10.49
C ASP B 77 27.56 -26.24 9.08
N VAL B 78 27.07 -27.20 8.32
CA VAL B 78 26.58 -26.99 6.96
C VAL B 78 25.07 -26.82 7.01
N ILE B 79 24.60 -25.79 6.35
CA ILE B 79 23.17 -25.38 6.36
C ILE B 79 22.60 -25.61 4.97
N THR B 80 21.57 -26.44 4.92
CA THR B 80 20.77 -26.58 3.69
C THR B 80 19.37 -27.06 4.08
N ALA B 81 18.37 -26.88 3.23
CA ALA B 81 16.98 -27.24 3.59
C ALA B 81 16.71 -28.74 3.52
N GLN B 82 15.75 -29.21 4.33
CA GLN B 82 15.19 -30.57 4.23
C GLN B 82 13.69 -30.48 4.47
N VAL B 83 12.95 -30.10 3.44
CA VAL B 83 11.51 -29.74 3.57
C VAL B 83 10.95 -29.57 2.16
N VAL B 84 9.67 -29.85 2.01
CA VAL B 84 9.00 -29.51 0.73
C VAL B 84 9.13 -27.99 0.53
N GLY B 85 9.56 -27.58 -0.65
CA GLY B 85 9.84 -26.17 -0.94
C GLY B 85 11.33 -25.86 -0.84
N GLY B 86 12.10 -26.79 -0.26
CA GLY B 86 13.55 -26.64 -0.13
C GLY B 86 13.95 -25.29 0.46
N GLY B 87 14.96 -24.66 -0.12
CA GLY B 87 15.50 -23.43 0.46
C GLY B 87 14.45 -22.33 0.54
N SER B 88 13.45 -22.33 -0.34
CA SER B 88 12.43 -21.25 -0.32
C SER B 88 11.62 -21.29 0.99
N THR B 89 11.51 -22.45 1.62
CA THR B 89 10.69 -22.62 2.84
C THR B 89 11.35 -21.95 4.01
N ILE B 90 12.69 -21.93 4.01
CA ILE B 90 13.39 -21.46 5.25
C ILE B 90 14.40 -20.34 4.96
N ASN B 91 14.42 -19.75 3.78
CA ASN B 91 15.44 -18.72 3.46
C ASN B 91 14.96 -17.33 3.91
N ALA B 92 15.82 -16.32 3.72
CA ALA B 92 15.54 -14.96 4.20
C ALA B 92 14.66 -14.20 3.18
N MET B 93 14.10 -14.89 2.18
CA MET B 93 13.10 -14.35 1.22
CA MET B 93 13.10 -14.38 1.19
C MET B 93 13.70 -13.27 0.31
N VAL B 94 15.04 -13.14 0.26
CA VAL B 94 15.67 -12.13 -0.59
C VAL B 94 15.59 -12.61 -2.05
N TYR B 95 14.96 -11.80 -2.90
CA TYR B 95 14.56 -12.19 -4.27
C TYR B 95 15.24 -11.23 -5.26
N LEU B 96 16.38 -11.66 -5.83
CA LEU B 96 17.25 -10.80 -6.64
C LEU B 96 17.79 -11.63 -7.81
N ARG B 97 17.70 -11.08 -9.00
CA ARG B 97 18.36 -11.65 -10.20
C ARG B 97 19.85 -11.36 -10.17
N GLY B 98 20.60 -12.15 -10.94
CA GLY B 98 21.99 -11.81 -11.25
C GLY B 98 22.11 -10.64 -12.20
N ASP B 99 23.36 -10.37 -12.61
CA ASP B 99 23.64 -9.32 -13.59
C ASP B 99 23.65 -9.92 -14.99
N LYS B 100 23.45 -9.07 -15.98
CA LYS B 100 23.40 -9.55 -17.37
C LYS B 100 24.58 -10.47 -17.66
N ASP B 101 25.80 -10.04 -17.31
CA ASP B 101 26.99 -10.77 -17.78
C ASP B 101 27.07 -12.15 -17.11
N ASP B 102 26.41 -12.36 -15.96
CA ASP B 102 26.40 -13.72 -15.37
C ASP B 102 25.89 -14.74 -16.41
N TYR B 103 24.72 -14.51 -16.95
CA TYR B 103 24.05 -15.44 -17.86
C TYR B 103 24.81 -15.40 -19.20
N ASP B 104 25.24 -14.22 -19.65
CA ASP B 104 26.02 -14.15 -20.91
C ASP B 104 27.28 -15.02 -20.79
N SER B 105 27.96 -14.96 -19.63
CA SER B 105 29.22 -15.71 -19.36
CA SER B 105 29.22 -15.71 -19.42
C SER B 105 28.93 -17.21 -19.35
N TRP B 106 27.77 -17.61 -18.79
CA TRP B 106 27.39 -19.05 -18.82
C TRP B 106 27.30 -19.51 -20.27
N GLY B 107 26.70 -18.68 -21.12
CA GLY B 107 26.56 -19.03 -22.55
C GLY B 107 27.92 -19.14 -23.22
N ALA B 108 28.81 -18.21 -22.90
CA ALA B 108 30.17 -18.13 -23.48
C ALA B 108 31.06 -19.29 -23.02
N LEU B 109 30.74 -20.00 -21.91
CA LEU B 109 31.51 -21.22 -21.51
C LEU B 109 31.25 -22.44 -22.45
N GLY B 110 30.38 -22.31 -23.44
CA GLY B 110 30.02 -23.39 -24.35
C GLY B 110 28.59 -23.91 -24.19
N ASN B 111 27.67 -23.02 -23.85
CA ASN B 111 26.27 -23.36 -23.55
C ASN B 111 25.35 -22.54 -24.44
N PRO B 112 25.11 -23.02 -25.67
CA PRO B 112 24.20 -22.32 -26.57
C PRO B 112 22.84 -22.12 -25.90
N GLY B 113 22.21 -20.97 -26.15
CA GLY B 113 20.85 -20.66 -25.65
C GLY B 113 20.83 -20.02 -24.28
N TRP B 114 21.99 -19.72 -23.71
CA TRP B 114 22.10 -19.06 -22.38
C TRP B 114 22.62 -17.62 -22.53
N SER B 115 21.84 -16.66 -22.05
CA SER B 115 22.15 -15.20 -22.07
C SER B 115 21.17 -14.47 -21.15
N TRP B 116 21.41 -13.19 -20.94
CA TRP B 116 20.39 -12.37 -20.25
C TRP B 116 19.10 -12.35 -21.06
N ASN B 117 19.22 -12.13 -22.37
CA ASN B 117 18.00 -11.98 -23.16
C ASN B 117 17.20 -13.27 -23.18
N SER B 118 17.86 -14.44 -23.15
CA SER B 118 17.11 -15.70 -23.16
C SER B 118 16.52 -15.97 -21.76
N MET B 119 17.15 -15.49 -20.67
CA MET B 119 16.58 -15.70 -19.33
C MET B 119 15.42 -14.73 -19.02
N LEU B 120 15.48 -13.50 -19.55
CA LEU B 120 14.51 -12.46 -19.15
C LEU B 120 13.07 -12.95 -19.31
N PRO B 121 12.64 -13.59 -20.40
CA PRO B 121 11.25 -14.06 -20.47
C PRO B 121 10.88 -15.01 -19.33
N TYR B 122 11.84 -15.77 -18.85
CA TYR B 122 11.60 -16.77 -17.78
C TYR B 122 11.57 -16.07 -16.42
N PHE B 123 12.38 -15.03 -16.25
CA PHE B 123 12.25 -14.18 -15.03
C PHE B 123 10.83 -13.62 -14.98
N ILE B 124 10.38 -13.03 -16.09
CA ILE B 124 9.02 -12.43 -16.22
CA ILE B 124 9.03 -12.41 -16.11
C ILE B 124 7.94 -13.48 -15.90
N LYS B 125 8.05 -14.63 -16.56
CA LYS B 125 7.04 -15.73 -16.44
C LYS B 125 6.95 -16.25 -15.00
N SER B 126 8.05 -16.17 -14.26
CA SER B 126 8.15 -16.87 -12.94
C SER B 126 7.30 -16.22 -11.86
N GLU B 127 6.87 -14.96 -12.05
CA GLU B 127 6.61 -14.12 -10.88
C GLU B 127 5.47 -13.11 -11.07
N THR B 128 4.90 -12.69 -9.93
CA THR B 128 3.98 -11.53 -9.86
C THR B 128 4.54 -10.55 -8.86
N PHE B 129 4.96 -9.38 -9.32
CA PHE B 129 5.40 -8.29 -8.44
C PHE B 129 4.18 -7.46 -8.03
N THR B 130 4.02 -7.21 -6.71
CA THR B 130 2.98 -6.30 -6.21
C THR B 130 3.66 -5.04 -5.74
N PRO B 131 3.37 -3.88 -6.32
CA PRO B 131 3.99 -2.63 -5.89
CA PRO B 131 4.02 -2.65 -5.88
C PRO B 131 3.68 -2.27 -4.45
N PRO B 132 4.64 -1.61 -3.75
CA PRO B 132 4.39 -1.08 -2.41
C PRO B 132 3.42 0.11 -2.51
N SER B 133 2.92 0.58 -1.39
CA SER B 133 2.06 1.76 -1.33
C SER B 133 2.84 2.98 -1.84
N PRO B 134 2.16 3.96 -2.45
CA PRO B 134 2.85 5.17 -2.91
C PRO B 134 3.57 5.93 -1.80
N GLU B 135 2.98 5.97 -0.61
CA GLU B 135 3.61 6.72 0.53
CA GLU B 135 3.64 6.74 0.50
C GLU B 135 4.93 6.04 0.95
N LEU B 136 4.94 4.71 1.00
CA LEU B 136 6.14 3.97 1.40
C LEU B 136 7.19 4.09 0.32
N ALA B 137 6.78 4.03 -0.95
CA ALA B 137 7.78 4.17 -2.03
C ALA B 137 8.44 5.54 -1.93
N ALA B 138 7.65 6.59 -1.74
CA ALA B 138 8.22 7.94 -1.67
C ALA B 138 9.10 8.09 -0.43
N ALA B 139 8.60 7.72 0.74
CA ALA B 139 9.36 7.89 2.01
C ALA B 139 10.63 7.00 2.03
N GLY B 140 10.52 5.78 1.49
CA GLY B 140 11.58 4.80 1.57
C GLY B 140 12.59 4.86 0.44
N ASN B 141 12.34 5.63 -0.63
CA ASN B 141 13.18 5.61 -1.85
C ASN B 141 13.09 4.24 -2.54
N ILE B 142 11.88 3.70 -2.59
CA ILE B 142 11.64 2.42 -3.31
C ILE B 142 11.36 2.74 -4.77
N THR B 143 12.13 2.17 -5.67
CA THR B 143 11.93 2.33 -7.11
C THR B 143 12.02 0.97 -7.80
N TRP B 144 11.40 0.90 -8.98
CA TRP B 144 11.42 -0.31 -9.81
C TRP B 144 11.09 0.10 -11.24
N ASP B 145 11.28 -0.86 -12.11
CA ASP B 145 10.96 -0.73 -13.53
C ASP B 145 9.93 -1.81 -13.80
N GLY B 146 8.67 -1.41 -13.87
CA GLY B 146 7.57 -2.37 -14.02
C GLY B 146 7.66 -3.15 -15.34
N SER B 147 8.38 -2.62 -16.35
CA SER B 147 8.52 -3.26 -17.68
C SER B 147 9.34 -4.56 -17.59
N ILE B 148 10.16 -4.74 -16.54
CA ILE B 148 11.00 -5.96 -16.43
C ILE B 148 10.67 -6.78 -15.19
N ARG B 149 9.51 -6.52 -14.55
CA ARG B 149 9.03 -7.36 -13.45
C ARG B 149 7.73 -8.05 -13.88
N GLY B 150 7.63 -9.34 -13.58
CA GLY B 150 6.46 -10.13 -14.02
C GLY B 150 5.20 -9.71 -13.27
N ARG B 151 4.06 -9.84 -13.94
CA ARG B 151 2.74 -9.45 -13.40
C ARG B 151 1.78 -10.65 -13.30
N SER B 152 2.12 -11.84 -13.79
CA SER B 152 1.11 -12.93 -13.92
C SER B 152 1.59 -14.29 -13.45
N GLY B 153 2.83 -14.39 -13.01
CA GLY B 153 3.44 -15.68 -12.69
C GLY B 153 3.28 -16.04 -11.21
N PRO B 154 3.66 -17.27 -10.85
CA PRO B 154 3.25 -17.81 -9.57
C PRO B 154 3.98 -17.33 -8.32
N VAL B 155 5.23 -16.93 -8.45
CA VAL B 155 5.99 -16.45 -7.27
C VAL B 155 5.53 -15.03 -6.98
N ASN B 156 4.88 -14.85 -5.83
CA ASN B 156 4.54 -13.48 -5.38
C ASN B 156 5.77 -12.84 -4.72
N TYR B 157 6.05 -11.59 -5.10
CA TYR B 157 7.08 -10.79 -4.42
C TYR B 157 6.69 -9.32 -4.38
N SER B 158 7.24 -8.65 -3.38
CA SER B 158 6.87 -7.28 -3.02
C SER B 158 7.92 -6.76 -2.05
N TYR B 159 7.51 -5.94 -1.09
CA TYR B 159 8.37 -5.38 -0.06
C TYR B 159 7.61 -5.47 1.25
N PRO B 160 8.34 -5.45 2.38
CA PRO B 160 7.71 -5.11 3.64
C PRO B 160 6.98 -3.75 3.54
N ASN B 161 6.05 -3.51 4.46
CA ASN B 161 5.27 -2.27 4.48
C ASN B 161 5.73 -1.31 5.58
N TYR B 162 6.96 -1.45 6.01
CA TYR B 162 7.54 -0.70 7.13
C TYR B 162 9.05 -0.67 6.90
N PHE B 163 9.74 0.36 7.41
CA PHE B 163 11.21 0.32 7.55
C PHE B 163 11.56 0.88 8.94
N PHE B 164 12.64 0.37 9.49
CA PHE B 164 13.21 0.89 10.75
C PHE B 164 13.85 2.24 10.40
N PRO B 165 13.79 3.24 11.29
CA PRO B 165 14.24 4.58 10.96
C PRO B 165 15.74 4.61 10.66
N GLY B 166 16.54 3.75 11.32
CA GLY B 166 18.00 3.74 11.11
C GLY B 166 18.38 3.37 9.66
N SER B 167 17.50 2.72 8.93
CA SER B 167 17.74 2.34 7.51
C SER B 167 17.92 3.61 6.65
N GLU B 168 17.33 4.74 7.07
CA GLU B 168 17.51 6.05 6.41
C GLU B 168 18.95 6.53 6.56
N ASN B 169 19.46 6.45 7.78
CA ASN B 169 20.87 6.86 8.06
C ASN B 169 21.80 6.05 7.15
N TRP B 170 21.58 4.75 7.07
CA TRP B 170 22.45 3.82 6.30
C TRP B 170 22.38 4.14 4.80
N TRP B 171 21.17 4.36 4.28
CA TRP B 171 21.01 4.72 2.86
C TRP B 171 21.81 5.96 2.53
N ASN B 172 21.61 7.02 3.31
CA ASN B 172 22.30 8.29 3.06
C ASN B 172 23.82 8.12 3.19
N ALA B 173 24.29 7.34 4.17
CA ALA B 173 25.73 7.08 4.36
C ALA B 173 26.27 6.33 3.15
N ALA B 174 25.56 5.30 2.69
CA ALA B 174 26.00 4.55 1.50
C ALA B 174 26.11 5.51 0.31
N ASN B 175 25.12 6.39 0.12
CA ASN B 175 25.19 7.34 -1.00
C ASN B 175 26.44 8.25 -0.85
N GLU B 176 26.73 8.69 0.37
CA GLU B 176 27.86 9.60 0.72
C GLU B 176 29.17 8.92 0.31
N VAL B 177 29.25 7.57 0.31
CA VAL B 177 30.54 6.88 0.02
C VAL B 177 30.51 6.17 -1.33
N GLY B 178 29.66 6.60 -2.25
CA GLY B 178 29.74 6.21 -3.66
C GLY B 178 28.89 4.98 -4.00
N LEU B 179 27.86 4.68 -3.21
CA LEU B 179 26.84 3.63 -3.51
C LEU B 179 25.50 4.34 -3.76
N PRO B 180 25.20 4.70 -5.02
CA PRO B 180 24.05 5.55 -5.32
C PRO B 180 22.78 4.72 -5.38
N PRO B 181 21.61 5.37 -5.37
CA PRO B 181 20.36 4.63 -5.60
C PRO B 181 20.33 3.93 -6.96
N VAL B 182 19.93 2.66 -6.93
CA VAL B 182 19.72 1.82 -8.12
C VAL B 182 18.25 1.84 -8.52
N LYS B 183 17.96 2.22 -9.75
CA LYS B 183 16.57 2.27 -10.31
CA LYS B 183 16.55 2.30 -10.23
C LYS B 183 15.86 0.94 -10.07
N ASP B 184 16.47 -0.13 -10.54
CA ASP B 184 15.87 -1.46 -10.32
C ASP B 184 16.96 -2.52 -10.34
N PRO B 185 17.23 -3.19 -9.20
CA PRO B 185 18.28 -4.21 -9.19
C PRO B 185 17.93 -5.50 -9.96
N MET B 186 16.71 -5.58 -10.48
CA MET B 186 16.23 -6.68 -11.31
C MET B 186 16.47 -6.41 -12.79
N ALA B 187 17.07 -5.26 -13.14
CA ALA B 187 17.22 -4.87 -14.55
C ALA B 187 18.56 -5.35 -15.14
N GLY B 188 19.30 -6.19 -14.43
CA GLY B 188 20.57 -6.76 -14.95
C GLY B 188 21.81 -6.00 -14.49
N SER B 189 21.65 -5.03 -13.61
CA SER B 189 22.76 -4.33 -12.93
C SER B 189 22.26 -3.80 -11.60
N LYS B 190 23.14 -3.69 -10.63
CA LYS B 190 22.70 -3.34 -9.26
C LYS B 190 23.78 -2.57 -8.49
N GLN B 191 24.42 -1.60 -9.12
CA GLN B 191 25.58 -0.90 -8.57
C GLN B 191 25.10 0.23 -7.65
N GLY B 192 25.05 -0.08 -6.35
CA GLY B 192 24.67 0.86 -5.31
C GLY B 192 23.60 0.27 -4.40
N VAL B 193 22.70 1.11 -3.89
CA VAL B 193 21.72 0.69 -2.85
C VAL B 193 20.32 0.64 -3.43
N PHE B 194 19.49 -0.16 -2.80
CA PHE B 194 18.12 -0.40 -3.25
C PHE B 194 17.39 -1.18 -2.17
N TRP B 195 16.06 -1.06 -2.21
CA TRP B 195 15.22 -1.93 -1.40
C TRP B 195 15.37 -3.39 -1.83
N ILE B 196 15.39 -4.25 -0.85
CA ILE B 196 15.44 -5.72 -1.01
C ILE B 196 14.09 -6.20 -1.48
N PRO B 197 13.91 -6.71 -2.74
CA PRO B 197 12.66 -7.36 -3.05
C PRO B 197 12.56 -8.65 -2.19
N SER B 198 11.34 -8.92 -1.72
CA SER B 198 11.05 -10.03 -0.78
C SER B 198 9.98 -10.94 -1.36
N ALA B 199 10.19 -12.22 -1.28
CA ALA B 199 9.26 -13.25 -1.78
C ALA B 199 8.11 -13.44 -0.78
N ILE B 200 7.36 -12.36 -0.60
CA ILE B 200 6.18 -12.27 0.28
CA ILE B 200 6.15 -12.36 0.25
C ILE B 200 4.91 -12.05 -0.59
N ASP B 201 3.82 -12.66 -0.17
CA ASP B 201 2.50 -12.42 -0.75
C ASP B 201 1.91 -11.26 0.04
N ALA B 202 1.75 -10.13 -0.61
CA ALA B 202 1.35 -8.88 0.04
C ALA B 202 -0.12 -8.94 0.49
N ARG B 203 -0.91 -9.90 0.05
CA ARG B 203 -2.32 -9.94 0.52
C ARG B 203 -2.35 -10.37 1.99
N THR B 204 -1.49 -11.28 2.38
CA THR B 204 -1.44 -11.82 3.76
C THR B 204 -0.15 -11.45 4.49
N MET B 205 0.79 -10.80 3.83
CA MET B 205 2.16 -10.55 4.34
CA MET B 205 2.14 -10.55 4.40
C MET B 205 2.71 -11.87 4.93
N THR B 206 2.68 -12.90 4.10
CA THR B 206 3.26 -14.22 4.45
C THR B 206 4.21 -14.67 3.33
N ARG B 207 5.15 -15.52 3.68
CA ARG B 207 6.10 -16.13 2.74
C ARG B 207 5.40 -16.74 1.51
N SER B 208 5.90 -16.45 0.33
CA SER B 208 5.49 -17.15 -0.92
C SER B 208 6.60 -18.14 -1.33
N HIS B 209 6.62 -19.26 -0.66
CA HIS B 209 7.62 -20.34 -0.94
C HIS B 209 7.07 -21.32 -1.99
N ALA B 210 7.97 -22.14 -2.50
CA ALA B 210 7.66 -22.99 -3.67
C ALA B 210 6.59 -24.02 -3.26
N ARG B 211 6.55 -24.44 -2.01
CA ARG B 211 5.47 -25.30 -1.45
CA ARG B 211 5.47 -25.34 -1.52
C ARG B 211 4.09 -24.71 -1.80
N ARG B 212 3.95 -23.40 -1.63
CA ARG B 212 2.68 -22.69 -1.91
C ARG B 212 2.54 -22.41 -3.40
N ASN B 213 3.54 -21.73 -3.98
CA ASN B 213 3.37 -21.14 -5.33
C ASN B 213 3.55 -22.17 -6.47
N HIS B 214 4.14 -23.33 -6.18
CA HIS B 214 4.34 -24.37 -7.20
C HIS B 214 3.90 -25.78 -6.76
N TYR B 215 3.17 -25.87 -5.67
CA TYR B 215 2.51 -27.12 -5.26
C TYR B 215 1.08 -26.85 -4.79
N ASP B 216 0.91 -26.19 -3.66
CA ASP B 216 -0.46 -25.97 -3.11
C ASP B 216 -1.35 -25.38 -4.20
N ARG B 217 -0.84 -24.37 -4.93
CA ARG B 217 -1.56 -23.61 -5.98
C ARG B 217 -2.19 -24.55 -7.05
N VAL B 218 -1.55 -25.70 -7.29
CA VAL B 218 -1.96 -26.64 -8.37
C VAL B 218 -2.21 -28.05 -7.81
N SER B 219 -2.41 -28.18 -6.52
CA SER B 219 -2.47 -29.50 -5.83
C SER B 219 -3.81 -30.19 -6.11
N SER B 220 -4.77 -29.52 -6.79
CA SER B 220 -6.00 -30.21 -7.24
C SER B 220 -5.66 -31.23 -8.35
N ARG B 221 -4.50 -31.09 -8.98
CA ARG B 221 -4.17 -31.93 -10.15
C ARG B 221 -3.90 -33.36 -9.67
N PRO B 222 -4.63 -34.37 -10.19
CA PRO B 222 -4.35 -35.75 -9.80
C PRO B 222 -3.06 -36.33 -10.40
N ASN B 223 -2.49 -35.63 -11.39
CA ASN B 223 -1.28 -36.08 -12.13
C ASN B 223 0.00 -35.55 -11.46
N TYR B 224 -0.15 -34.70 -10.44
CA TYR B 224 0.98 -34.09 -9.71
C TYR B 224 1.08 -34.79 -8.35
N HIS B 225 1.95 -35.76 -8.24
CA HIS B 225 2.10 -36.55 -7.00
C HIS B 225 3.34 -36.09 -6.25
N ILE B 226 3.25 -36.16 -4.92
CA ILE B 226 4.37 -35.81 -4.02
CA ILE B 226 4.39 -35.85 -4.05
C ILE B 226 4.51 -36.91 -2.96
N LEU B 227 5.76 -37.27 -2.66
CA LEU B 227 6.03 -38.22 -1.57
C LEU B 227 7.05 -37.55 -0.68
N PRO B 228 6.59 -36.88 0.38
CA PRO B 228 7.50 -36.34 1.38
C PRO B 228 8.17 -37.43 2.22
N SER B 229 9.23 -37.02 2.90
CA SER B 229 9.97 -37.77 3.91
C SER B 229 10.61 -39.03 3.33
N HIS B 230 10.99 -38.99 2.03
CA HIS B 230 11.72 -40.12 1.40
C HIS B 230 12.94 -39.59 0.64
N LEU B 231 14.02 -40.39 0.61
CA LEU B 231 15.26 -40.06 -0.12
C LEU B 231 15.37 -40.90 -1.38
N VAL B 232 15.68 -40.24 -2.49
CA VAL B 232 16.21 -40.97 -3.65
C VAL B 232 17.61 -41.45 -3.33
N SER B 233 17.81 -42.77 -3.38
CA SER B 233 19.08 -43.39 -2.99
C SER B 233 19.89 -43.83 -4.20
N LYS B 234 19.25 -43.98 -5.36
CA LYS B 234 19.91 -44.53 -6.57
CA LYS B 234 19.93 -44.48 -6.58
C LYS B 234 19.05 -44.25 -7.80
N ILE B 235 19.71 -43.99 -8.94
CA ILE B 235 19.07 -44.00 -10.27
C ILE B 235 19.22 -45.44 -10.80
N LEU B 236 18.15 -45.94 -11.40
CA LEU B 236 18.07 -47.26 -12.04
C LEU B 236 18.22 -47.07 -13.56
N PHE B 237 18.95 -47.99 -14.16
CA PHE B 237 19.25 -47.96 -15.61
C PHE B 237 18.90 -49.26 -16.32
N ARG B 238 18.56 -49.09 -17.60
CA ARG B 238 18.58 -50.14 -18.65
CA ARG B 238 18.59 -50.15 -18.64
C ARG B 238 19.70 -49.72 -19.61
N GLY B 239 20.85 -50.39 -19.50
CA GLY B 239 22.02 -49.93 -20.25
C GLY B 239 22.38 -48.53 -19.78
N LYS B 240 22.44 -47.57 -20.68
CA LYS B 240 22.76 -46.15 -20.31
C LYS B 240 21.50 -45.30 -20.22
N GLN B 241 20.32 -45.89 -20.30
CA GLN B 241 19.03 -45.14 -20.18
C GLN B 241 18.57 -45.16 -18.70
N ALA B 242 18.37 -43.97 -18.11
CA ALA B 242 17.77 -43.81 -16.77
C ALA B 242 16.28 -44.16 -16.85
N ILE B 243 15.85 -45.16 -16.10
CA ILE B 243 14.46 -45.64 -16.21
C ILE B 243 13.69 -45.50 -14.90
N GLY B 244 14.33 -45.16 -13.80
CA GLY B 244 13.68 -45.23 -12.51
C GLY B 244 14.63 -44.83 -11.41
N VAL B 245 14.12 -44.86 -10.19
CA VAL B 245 14.90 -44.61 -8.99
C VAL B 245 14.51 -45.64 -7.93
N SER B 246 15.42 -45.77 -6.99
CA SER B 246 15.22 -46.38 -5.66
C SER B 246 15.00 -45.25 -4.67
N TYR B 247 14.13 -45.47 -3.71
CA TYR B 247 13.97 -44.54 -2.58
C TYR B 247 13.78 -45.29 -1.28
N ILE B 248 14.14 -44.59 -0.24
CA ILE B 248 14.14 -45.12 1.16
C ILE B 248 13.51 -44.06 2.07
N PRO B 249 13.04 -44.48 3.25
CA PRO B 249 12.59 -43.49 4.22
C PRO B 249 13.75 -42.63 4.74
N THR B 250 13.53 -41.31 4.80
CA THR B 250 14.56 -40.40 5.31
C THR B 250 14.96 -40.81 6.73
N SER B 251 14.00 -41.29 7.54
CA SER B 251 14.27 -41.59 8.95
C SER B 251 15.08 -42.88 9.13
N GLY B 252 15.45 -43.61 8.07
CA GLY B 252 16.49 -44.65 8.18
C GLY B 252 15.95 -46.08 8.32
N GLY B 253 14.65 -46.30 8.15
CA GLY B 253 14.06 -47.64 8.16
C GLY B 253 14.61 -48.49 7.03
N ASN B 254 14.76 -49.77 7.27
CA ASN B 254 15.43 -50.71 6.34
C ASN B 254 14.43 -51.16 5.27
N THR B 255 13.98 -50.20 4.52
CA THR B 255 13.07 -50.39 3.38
C THR B 255 13.65 -49.70 2.16
N THR B 256 13.47 -50.32 1.00
CA THR B 256 13.85 -49.73 -0.29
CA THR B 256 13.83 -49.71 -0.29
C THR B 256 12.76 -50.09 -1.31
N THR B 257 12.45 -49.13 -2.19
CA THR B 257 11.37 -49.23 -3.17
C THR B 257 11.87 -48.71 -4.52
N ASN B 258 11.51 -49.41 -5.60
CA ASN B 258 11.84 -48.95 -6.96
C ASN B 258 10.56 -48.40 -7.61
N VAL B 259 10.68 -47.27 -8.30
CA VAL B 259 9.60 -46.69 -9.15
C VAL B 259 10.20 -46.27 -10.48
N TYR B 260 9.40 -46.28 -11.52
CA TYR B 260 9.88 -46.14 -12.91
C TYR B 260 9.19 -44.97 -13.61
N ALA B 261 9.94 -44.37 -14.53
CA ALA B 261 9.46 -43.25 -15.37
C ALA B 261 9.52 -43.65 -16.83
N SER B 262 8.47 -43.33 -17.57
CA SER B 262 8.40 -43.66 -19.01
C SER B 262 9.28 -42.70 -19.82
N LYS B 263 9.52 -41.47 -19.35
CA LYS B 263 10.25 -40.44 -20.15
C LYS B 263 11.59 -40.11 -19.48
N GLU B 264 11.64 -39.46 -18.31
CA GLU B 264 12.91 -38.99 -17.74
C GLU B 264 12.89 -39.01 -16.22
N ILE B 265 14.12 -39.10 -15.71
CA ILE B 265 14.48 -38.83 -14.31
C ILE B 265 15.07 -37.42 -14.25
N THR B 266 14.62 -36.60 -13.32
CA THR B 266 15.22 -35.25 -13.14
C THR B 266 15.78 -35.15 -11.73
N LEU B 267 17.05 -34.80 -11.58
CA LEU B 267 17.63 -34.55 -10.25
C LEU B 267 17.42 -33.10 -9.89
N ALA B 268 16.87 -32.88 -8.69
CA ALA B 268 16.60 -31.54 -8.16
C ALA B 268 16.97 -31.54 -6.68
N ALA B 269 18.03 -32.23 -6.29
CA ALA B 269 18.34 -32.50 -4.86
C ALA B 269 19.33 -31.49 -4.29
N GLY B 270 19.66 -30.47 -5.06
CA GLY B 270 20.49 -29.34 -4.57
C GLY B 270 21.97 -29.57 -4.74
N GLY B 271 22.77 -28.51 -4.51
CA GLY B 271 24.22 -28.57 -4.63
C GLY B 271 24.87 -29.67 -3.80
N LEU B 272 24.28 -30.02 -2.63
CA LEU B 272 24.87 -31.04 -1.74
C LEU B 272 24.15 -32.40 -1.84
N GLY B 273 23.08 -32.48 -2.64
CA GLY B 273 22.26 -33.70 -2.80
C GLY B 273 22.40 -34.34 -4.17
N THR B 274 22.44 -33.56 -5.22
CA THR B 274 22.46 -34.11 -6.58
C THR B 274 23.75 -34.88 -6.83
N PRO B 275 24.96 -34.32 -6.52
CA PRO B 275 26.16 -35.09 -6.78
C PRO B 275 26.19 -36.46 -6.08
N LYS B 276 25.65 -36.50 -4.87
CA LYS B 276 25.59 -37.77 -4.08
C LYS B 276 24.73 -38.80 -4.86
N ILE B 277 23.57 -38.41 -5.35
CA ILE B 277 22.74 -39.36 -6.14
C ILE B 277 23.55 -39.85 -7.34
N LEU B 278 24.22 -38.94 -8.04
CA LEU B 278 25.00 -39.32 -9.23
C LEU B 278 26.09 -40.33 -8.87
N GLN B 279 26.92 -39.99 -7.91
CA GLN B 279 28.05 -40.84 -7.48
C GLN B 279 27.56 -42.22 -7.00
N LEU B 280 26.49 -42.27 -6.22
CA LEU B 280 25.96 -43.57 -5.73
C LEU B 280 25.48 -44.42 -6.91
N SER B 281 25.06 -43.77 -7.98
CA SER B 281 24.48 -44.40 -9.20
C SER B 281 25.56 -44.74 -10.23
N GLY B 282 26.83 -44.51 -9.92
CA GLY B 282 27.95 -44.80 -10.83
C GLY B 282 28.20 -43.72 -11.87
N ILE B 283 27.79 -42.50 -11.58
CA ILE B 283 28.05 -41.35 -12.49
C ILE B 283 28.94 -40.39 -11.72
N GLY B 284 30.22 -40.34 -12.05
CA GLY B 284 31.15 -39.63 -11.18
C GLY B 284 32.59 -39.98 -11.53
N PRO B 285 33.53 -39.49 -10.71
CA PRO B 285 34.94 -39.65 -11.01
C PRO B 285 35.31 -41.14 -10.85
N ARG B 286 35.97 -41.72 -11.85
CA ARG B 286 36.35 -43.14 -11.83
C ARG B 286 37.13 -43.45 -10.54
N LYS B 287 38.08 -42.59 -10.15
CA LYS B 287 38.95 -42.93 -8.98
C LYS B 287 38.09 -43.08 -7.72
N LEU B 288 37.17 -42.16 -7.49
CA LEU B 288 36.32 -42.21 -6.26
C LEU B 288 35.41 -43.44 -6.31
N LEU B 289 34.77 -43.68 -7.45
CA LEU B 289 33.81 -44.80 -7.59
C LEU B 289 34.58 -46.14 -7.47
N ASN B 290 35.74 -46.26 -8.10
CA ASN B 290 36.59 -47.47 -7.93
C ASN B 290 36.94 -47.67 -6.45
N GLU B 291 37.34 -46.61 -5.74
CA GLU B 291 37.71 -46.67 -4.29
CA GLU B 291 37.75 -46.78 -4.31
C GLU B 291 36.56 -47.33 -3.52
N LEU B 292 35.34 -46.96 -3.85
CA LEU B 292 34.13 -47.38 -3.06
C LEU B 292 33.50 -48.66 -3.63
N GLY B 293 34.04 -49.21 -4.75
CA GLY B 293 33.49 -50.42 -5.37
C GLY B 293 32.19 -50.19 -6.11
N ILE B 294 31.96 -48.96 -6.56
CA ILE B 294 30.73 -48.59 -7.33
C ILE B 294 31.01 -48.74 -8.82
N PRO B 295 30.34 -49.64 -9.55
CA PRO B 295 30.55 -49.74 -11.01
C PRO B 295 30.29 -48.42 -11.73
N VAL B 296 31.24 -48.03 -12.58
CA VAL B 296 31.15 -46.74 -13.30
C VAL B 296 30.24 -46.89 -14.51
N ILE B 297 29.14 -46.13 -14.56
CA ILE B 297 28.18 -46.04 -15.71
C ILE B 297 28.66 -44.90 -16.66
N SER B 298 29.12 -43.79 -16.08
CA SER B 298 29.63 -42.60 -16.81
C SER B 298 30.76 -41.97 -16.00
N ASP B 299 31.97 -42.00 -16.56
CA ASP B 299 33.18 -41.46 -15.90
C ASP B 299 33.18 -39.94 -16.10
N LEU B 300 32.71 -39.20 -15.08
CA LEU B 300 32.55 -37.73 -15.14
C LEU B 300 33.28 -37.16 -13.93
N PRO B 301 34.56 -36.77 -14.11
CA PRO B 301 35.33 -36.25 -12.99
C PRO B 301 34.72 -34.97 -12.40
N GLY B 302 33.87 -34.26 -13.13
CA GLY B 302 33.30 -33.02 -12.59
C GLY B 302 32.24 -33.20 -11.51
N VAL B 303 31.74 -34.42 -11.32
CA VAL B 303 30.67 -34.63 -10.34
C VAL B 303 31.23 -34.46 -8.93
N GLY B 304 30.71 -33.47 -8.21
CA GLY B 304 31.18 -33.19 -6.86
C GLY B 304 32.33 -32.18 -6.85
N GLN B 305 32.89 -31.84 -7.99
CA GLN B 305 33.91 -30.78 -8.10
C GLN B 305 33.21 -29.42 -8.18
N ASN B 306 34.01 -28.35 -8.09
CA ASN B 306 33.55 -26.99 -8.45
C ASN B 306 32.54 -26.43 -7.46
N LEU B 307 32.44 -26.97 -6.25
CA LEU B 307 31.51 -26.41 -5.22
C LEU B 307 31.84 -24.94 -4.96
N GLN B 308 30.79 -24.14 -4.94
CA GLN B 308 30.89 -22.73 -4.58
C GLN B 308 29.77 -22.41 -3.59
N ASP B 309 30.02 -21.36 -2.84
CA ASP B 309 28.97 -20.69 -2.01
C ASP B 309 29.35 -19.21 -2.01
N GLN B 310 28.70 -18.41 -1.21
CA GLN B 310 28.92 -16.94 -1.10
C GLN B 310 29.18 -16.63 0.35
N PRO B 311 30.47 -16.60 0.74
CA PRO B 311 30.84 -16.43 2.15
C PRO B 311 30.27 -15.16 2.81
N THR B 312 30.10 -15.27 4.12
CA THR B 312 29.54 -14.17 4.91
C THR B 312 30.48 -13.76 6.04
N LEU B 313 30.32 -12.49 6.41
CA LEU B 313 31.01 -11.95 7.58
C LEU B 313 30.04 -11.09 8.35
N THR B 314 29.92 -11.36 9.65
CA THR B 314 29.11 -10.55 10.57
C THR B 314 30.07 -9.67 11.38
N ILE B 315 29.92 -8.36 11.26
CA ILE B 315 30.76 -7.36 11.97
C ILE B 315 29.93 -6.78 13.09
N PRO B 316 30.37 -6.94 14.34
CA PRO B 316 29.61 -6.44 15.48
C PRO B 316 29.92 -4.97 15.80
N TYR B 317 28.92 -4.24 16.25
CA TYR B 317 29.02 -2.79 16.58
C TYR B 317 28.40 -2.52 17.93
N THR B 318 28.86 -1.45 18.53
CA THR B 318 28.10 -0.76 19.58
C THR B 318 27.84 0.67 19.09
N PHE B 319 26.86 1.28 19.73
CA PHE B 319 26.38 2.63 19.38
C PHE B 319 26.17 3.45 20.63
N THR B 320 26.62 4.71 20.59
CA THR B 320 26.32 5.68 21.66
C THR B 320 24.93 6.30 21.48
N ASN B 321 24.35 6.23 20.28
CA ASN B 321 23.15 7.04 19.94
C ASN B 321 22.36 6.36 18.83
N ASN B 322 22.15 5.05 18.91
CA ASN B 322 21.32 4.38 17.91
C ASN B 322 19.89 4.91 18.06
N VAL B 323 19.15 4.89 16.96
CA VAL B 323 17.72 5.28 16.97
C VAL B 323 16.82 4.10 17.35
N PHE B 324 15.74 4.44 18.05
CA PHE B 324 14.67 3.48 18.45
C PHE B 324 13.45 3.79 17.61
N PRO B 325 12.69 2.76 17.17
CA PRO B 325 13.07 1.36 17.32
C PRO B 325 14.08 0.89 16.25
N ASN B 326 14.61 -0.32 16.45
CA ASN B 326 15.51 -0.99 15.50
C ASN B 326 15.26 -2.51 15.62
N THR B 327 15.94 -3.29 14.77
CA THR B 327 15.69 -4.75 14.72
C THR B 327 15.93 -5.35 16.11
N ASP B 328 16.90 -4.85 16.86
CA ASP B 328 17.24 -5.48 18.16
C ASP B 328 16.15 -5.21 19.20
N SER B 329 15.34 -4.17 19.02
CA SER B 329 14.16 -3.93 19.87
C SER B 329 13.26 -5.17 19.91
N LEU B 330 13.10 -5.89 18.79
CA LEU B 330 12.22 -7.11 18.77
C LEU B 330 12.69 -8.16 19.79
N THR B 331 13.98 -8.19 20.11
CA THR B 331 14.62 -9.20 20.99
C THR B 331 14.62 -8.68 22.42
N THR B 332 15.08 -7.44 22.63
CA THR B 332 15.37 -7.00 24.01
C THR B 332 14.14 -6.39 24.68
N ASN B 333 13.15 -5.92 23.91
CA ASN B 333 12.06 -5.07 24.42
C ASN B 333 10.76 -5.84 24.23
N ALA B 334 10.32 -6.56 25.29
CA ALA B 334 9.17 -7.48 25.14
C ALA B 334 7.94 -6.64 24.77
N THR B 335 7.86 -5.40 25.25
CA THR B 335 6.69 -4.51 25.02
C THR B 335 6.65 -4.15 23.54
N TYR B 336 7.78 -3.73 22.98
CA TYR B 336 7.84 -3.39 21.55
C TYR B 336 7.47 -4.62 20.71
N ASN B 337 8.06 -5.75 21.03
CA ASN B 337 7.80 -6.99 20.28
C ASN B 337 6.30 -7.29 20.29
N ALA B 338 5.70 -7.27 21.46
CA ALA B 338 4.27 -7.61 21.63
C ALA B 338 3.40 -6.61 20.86
N GLU B 339 3.75 -5.33 20.90
CA GLU B 339 2.96 -4.32 20.17
C GLU B 339 3.08 -4.48 18.64
N GLN B 340 4.28 -4.78 18.11
CA GLN B 340 4.46 -5.02 16.67
C GLN B 340 3.73 -6.30 16.32
N ARG B 341 3.75 -7.32 17.17
CA ARG B 341 3.02 -8.56 16.79
C ARG B 341 1.51 -8.29 16.81
N ALA B 342 0.99 -7.53 17.76
CA ALA B 342 -0.45 -7.20 17.81
C ALA B 342 -0.84 -6.37 16.57
N LEU B 343 0.03 -5.47 16.16
CA LEU B 343 -0.19 -4.63 14.97
C LEU B 343 -0.28 -5.52 13.75
N TYR B 344 0.65 -6.45 13.60
CA TYR B 344 0.65 -7.40 12.46
C TYR B 344 -0.64 -8.24 12.51
N ASP B 345 -0.99 -8.76 13.69
CA ASP B 345 -2.17 -9.65 13.82
C ASP B 345 -3.44 -8.90 13.43
N SER B 346 -3.50 -7.60 13.69
CA SER B 346 -4.71 -6.78 13.46
C SER B 346 -4.78 -6.28 12.01
N SER B 347 -3.80 -5.48 11.58
CA SER B 347 -3.85 -4.80 10.26
C SER B 347 -2.72 -5.18 9.32
N LYS B 348 -1.90 -6.17 9.69
CA LYS B 348 -0.79 -6.70 8.90
C LYS B 348 0.25 -5.63 8.60
N GLN B 349 0.44 -4.67 9.52
CA GLN B 349 1.41 -3.57 9.38
C GLN B 349 2.64 -3.85 10.26
N GLY B 350 3.75 -3.20 9.94
CA GLY B 350 4.84 -3.00 10.91
C GLY B 350 6.03 -3.95 10.77
N ALA B 351 6.82 -4.03 11.84
CA ALA B 351 8.13 -4.70 11.83
C ALA B 351 8.01 -6.20 11.51
N TYR B 352 6.87 -6.84 11.79
CA TYR B 352 6.71 -8.28 11.51
C TYR B 352 6.60 -8.56 10.01
N THR B 353 6.53 -7.55 9.15
CA THR B 353 6.55 -7.80 7.70
C THR B 353 7.97 -7.89 7.14
N ILE B 354 8.99 -7.60 7.94
CA ILE B 354 10.43 -7.68 7.57
C ILE B 354 10.94 -9.01 8.11
N VAL B 355 11.75 -9.73 7.36
CA VAL B 355 12.40 -10.96 7.89
C VAL B 355 13.19 -10.57 9.15
N ASN B 356 13.01 -11.29 10.24
CA ASN B 356 13.66 -10.96 11.52
C ASN B 356 15.20 -10.89 11.38
N SER B 357 15.77 -9.73 11.75
CA SER B 357 17.20 -9.37 11.76
C SER B 357 17.60 -8.69 10.45
N LEU B 358 16.77 -8.78 9.39
CA LEU B 358 17.04 -8.05 8.13
C LEU B 358 16.52 -6.60 8.32
N SER B 359 17.07 -5.68 7.55
CA SER B 359 16.48 -4.38 7.27
C SER B 359 15.81 -4.40 5.87
N THR B 360 15.58 -3.23 5.29
CA THR B 360 14.80 -3.12 4.03
C THR B 360 15.65 -2.78 2.83
N ASN B 361 16.86 -2.29 3.03
CA ASN B 361 17.75 -1.85 1.96
C ASN B 361 19.09 -2.60 2.03
N ILE B 362 19.82 -2.55 0.94
CA ILE B 362 21.07 -3.35 0.76
C ILE B 362 21.92 -2.67 -0.32
N GLY B 363 23.21 -2.98 -0.36
CA GLY B 363 24.09 -2.42 -1.38
C GLY B 363 24.93 -3.51 -2.02
N VAL B 364 25.15 -3.36 -3.31
CA VAL B 364 25.99 -4.29 -4.12
C VAL B 364 27.03 -3.42 -4.83
N MET B 365 28.25 -3.93 -4.97
CA MET B 365 29.32 -3.13 -5.63
C MET B 365 30.24 -4.03 -6.45
N SER B 366 30.65 -3.51 -7.59
CA SER B 366 31.73 -4.04 -8.43
C SER B 366 33.07 -3.97 -7.70
N LEU B 367 34.09 -4.61 -8.26
CA LEU B 367 35.43 -4.52 -7.66
C LEU B 367 35.94 -3.07 -7.74
N GLN B 368 35.74 -2.38 -8.87
CA GLN B 368 36.28 -1.00 -8.95
C GLN B 368 35.49 -0.05 -8.02
N ARG B 369 34.25 -0.36 -7.74
CA ARG B 369 33.44 0.48 -6.81
C ARG B 369 33.96 0.24 -5.38
N ALA B 370 34.29 -1.02 -5.04
CA ALA B 370 34.82 -1.33 -3.71
C ALA B 370 36.21 -0.74 -3.56
N ALA B 371 37.04 -0.84 -4.58
CA ALA B 371 38.49 -0.63 -4.49
C ALA B 371 38.94 0.30 -5.62
N PRO B 372 38.52 1.57 -5.62
CA PRO B 372 38.70 2.41 -6.78
C PRO B 372 40.18 2.74 -7.03
N LYS B 373 41.00 2.65 -6.00
CA LYS B 373 42.44 3.04 -6.12
C LYS B 373 43.34 1.82 -6.36
N SER B 374 42.80 0.57 -6.22
CA SER B 374 43.66 -0.62 -6.21
C SER B 374 43.05 -1.79 -6.99
N TYR B 375 41.86 -1.67 -7.56
CA TYR B 375 41.25 -2.85 -8.25
C TYR B 375 42.17 -3.38 -9.36
N ARG B 376 42.94 -2.53 -10.05
CA ARG B 376 43.78 -3.01 -11.17
C ARG B 376 44.93 -3.87 -10.61
N GLN B 377 45.38 -3.59 -9.38
CA GLN B 377 46.45 -4.39 -8.72
C GLN B 377 45.89 -5.77 -8.34
N ILE B 378 44.63 -5.84 -7.90
CA ILE B 378 44.00 -7.16 -7.57
C ILE B 378 43.84 -7.96 -8.87
N ILE B 379 43.31 -7.34 -9.91
CA ILE B 379 43.17 -8.00 -11.23
C ILE B 379 44.54 -8.53 -11.70
N ALA B 380 45.60 -7.72 -11.60
CA ALA B 380 46.93 -8.12 -12.04
C ALA B 380 47.35 -9.40 -11.28
N ALA B 381 47.18 -9.40 -9.95
CA ALA B 381 47.58 -10.57 -9.14
C ALA B 381 46.77 -11.77 -9.63
N ALA B 382 45.48 -11.61 -9.82
CA ALA B 382 44.62 -12.72 -10.26
C ALA B 382 45.04 -13.23 -11.65
N ARG B 383 45.33 -12.30 -12.58
CA ARG B 383 45.68 -12.66 -13.97
CA ARG B 383 45.68 -12.68 -13.97
C ARG B 383 47.03 -13.40 -13.96
N ALA B 384 47.92 -13.00 -13.05
CA ALA B 384 49.31 -13.48 -13.03
C ALA B 384 49.34 -14.95 -12.61
N ARG B 385 48.43 -15.32 -11.73
CA ARG B 385 48.49 -16.64 -11.07
C ARG B 385 47.85 -17.71 -11.96
N SER B 386 48.50 -18.85 -12.11
CA SER B 386 47.95 -20.01 -12.84
CA SER B 386 47.92 -19.98 -12.87
C SER B 386 46.64 -20.46 -12.18
N ALA B 387 45.60 -20.66 -12.97
CA ALA B 387 44.31 -21.20 -12.49
C ALA B 387 44.55 -22.48 -11.68
N SER B 388 45.50 -23.32 -12.08
CA SER B 388 45.66 -24.67 -11.49
C SER B 388 46.06 -24.54 -10.00
N LEU B 389 46.62 -23.41 -9.55
CA LEU B 389 47.10 -23.29 -8.15
C LEU B 389 45.87 -23.28 -7.23
N SER B 390 44.70 -22.98 -7.78
CA SER B 390 43.45 -22.89 -6.98
CA SER B 390 43.43 -22.88 -7.00
C SER B 390 42.88 -24.27 -6.66
N LEU B 391 43.38 -25.32 -7.30
CA LEU B 391 42.84 -26.68 -7.11
C LEU B 391 43.98 -27.57 -6.62
N PRO B 392 43.68 -28.68 -5.96
CA PRO B 392 44.71 -29.60 -5.49
C PRO B 392 45.54 -30.15 -6.62
N PRO B 393 46.85 -30.46 -6.45
CA PRO B 393 47.57 -31.12 -7.53
C PRO B 393 46.85 -32.45 -7.75
N GLY B 394 46.87 -32.91 -8.99
CA GLY B 394 46.22 -34.18 -9.31
C GLY B 394 44.78 -33.98 -9.68
N THR B 395 44.22 -32.76 -9.56
CA THR B 395 42.86 -32.46 -10.06
C THR B 395 42.80 -32.87 -11.54
N ASP B 396 41.70 -33.51 -11.92
CA ASP B 396 41.49 -33.94 -13.31
C ASP B 396 41.78 -32.79 -14.26
N PRO B 397 42.59 -32.99 -15.33
CA PRO B 397 42.88 -31.94 -16.29
CA PRO B 397 42.88 -31.92 -16.27
C PRO B 397 41.66 -31.26 -16.93
N ALA B 398 40.58 -32.02 -17.16
CA ALA B 398 39.34 -31.45 -17.75
C ALA B 398 38.72 -30.46 -16.75
N VAL B 399 38.73 -30.82 -15.49
CA VAL B 399 38.16 -29.96 -14.41
C VAL B 399 39.01 -28.69 -14.32
N ILE B 400 40.33 -28.82 -14.46
CA ILE B 400 41.20 -27.61 -14.43
C ILE B 400 40.83 -26.70 -15.62
N ARG B 401 40.66 -27.28 -16.81
CA ARG B 401 40.32 -26.46 -18.01
C ARG B 401 39.02 -25.70 -17.78
N GLY B 402 38.02 -26.35 -17.18
CA GLY B 402 36.75 -25.64 -16.95
C GLY B 402 36.92 -24.54 -15.90
N TYR B 403 37.71 -24.77 -14.89
CA TYR B 403 37.97 -23.76 -13.86
C TYR B 403 38.72 -22.57 -14.50
N GLN B 404 39.71 -22.85 -15.36
CA GLN B 404 40.42 -21.75 -16.07
CA GLN B 404 40.44 -21.76 -16.08
C GLN B 404 39.41 -20.92 -16.87
N ALA B 405 38.46 -21.57 -17.54
CA ALA B 405 37.45 -20.83 -18.34
C ALA B 405 36.55 -20.00 -17.41
N GLN B 406 36.14 -20.57 -16.26
CA GLN B 406 35.34 -19.79 -15.28
C GLN B 406 36.15 -18.58 -14.80
N ARG B 407 37.40 -18.82 -14.43
CA ARG B 407 38.29 -17.81 -13.84
C ARG B 407 38.47 -16.66 -14.84
N ASN B 408 38.69 -16.99 -16.13
CA ASN B 408 38.83 -15.92 -17.15
C ASN B 408 37.55 -15.06 -17.23
N ALA B 409 36.38 -15.70 -17.15
CA ALA B 409 35.09 -14.99 -17.18
C ALA B 409 34.95 -14.10 -15.97
N ILE B 410 35.37 -14.58 -14.81
CA ILE B 410 35.23 -13.82 -13.56
C ILE B 410 36.23 -12.64 -13.57
N LEU B 411 37.43 -12.82 -14.11
CA LEU B 411 38.39 -11.69 -14.18
C LEU B 411 37.79 -10.60 -15.10
N LYS B 412 37.14 -10.96 -16.21
CA LYS B 412 36.45 -9.93 -17.03
C LYS B 412 35.38 -9.23 -16.17
N GLN B 413 34.68 -10.00 -15.31
CA GLN B 413 33.68 -9.39 -14.37
C GLN B 413 34.39 -8.44 -13.40
N PHE B 414 35.56 -8.80 -12.89
CA PHE B 414 36.31 -7.89 -11.99
C PHE B 414 36.64 -6.55 -12.67
N GLU B 415 36.81 -6.55 -13.99
CA GLU B 415 37.12 -5.36 -14.82
CA GLU B 415 37.13 -5.32 -14.75
C GLU B 415 35.85 -4.55 -15.09
N ASN B 416 34.67 -5.18 -14.94
CA ASN B 416 33.39 -4.64 -15.45
C ASN B 416 32.75 -3.76 -14.37
N PRO B 417 32.51 -2.47 -14.60
CA PRO B 417 31.91 -1.61 -13.58
C PRO B 417 30.48 -1.99 -13.23
N ASN B 418 29.88 -2.87 -14.04
CA ASN B 418 28.44 -3.17 -13.89
C ASN B 418 28.20 -4.62 -13.46
N VAL B 419 29.19 -5.28 -12.85
CA VAL B 419 28.96 -6.61 -12.25
C VAL B 419 29.36 -6.53 -10.76
N GLY B 420 28.51 -7.05 -9.89
CA GLY B 420 28.82 -7.02 -8.44
C GLY B 420 29.77 -8.14 -8.01
N VAL B 421 30.60 -7.87 -6.99
CA VAL B 421 31.44 -8.94 -6.34
C VAL B 421 31.19 -8.99 -4.84
N GLY B 422 30.46 -8.04 -4.27
CA GLY B 422 30.16 -8.06 -2.83
C GLY B 422 28.86 -7.35 -2.53
N THR B 423 28.32 -7.71 -1.37
CA THR B 423 27.09 -7.14 -0.79
C THR B 423 27.37 -6.61 0.61
N VAL B 424 26.76 -5.46 0.95
CA VAL B 424 26.77 -4.91 2.31
C VAL B 424 25.31 -4.72 2.77
N HIS B 425 25.08 -4.94 4.05
CA HIS B 425 23.75 -4.82 4.68
C HIS B 425 23.97 -4.39 6.14
N TRP B 426 23.01 -3.66 6.66
CA TRP B 426 22.95 -3.39 8.09
C TRP B 426 21.49 -3.59 8.53
N GLY B 427 21.25 -4.52 9.45
CA GLY B 427 19.90 -4.82 9.92
C GLY B 427 19.28 -3.75 10.81
N THR B 428 20.05 -2.73 11.20
CA THR B 428 19.71 -1.58 12.09
C THR B 428 20.05 -1.88 13.55
N GLY B 429 20.58 -3.05 13.88
CA GLY B 429 21.02 -3.35 15.25
C GLY B 429 22.51 -3.57 15.34
N SER B 430 22.89 -4.58 16.11
CA SER B 430 24.26 -4.75 16.62
C SER B 430 25.22 -5.36 15.60
N SER B 431 24.81 -5.67 14.38
CA SER B 431 25.80 -6.20 13.42
C SER B 431 25.49 -5.78 12.00
N ALA B 432 26.56 -5.71 11.22
CA ALA B 432 26.49 -5.52 9.75
C ALA B 432 26.92 -6.82 9.08
N LEU B 433 26.52 -6.98 7.85
CA LEU B 433 26.81 -8.19 7.05
C LEU B 433 27.55 -7.77 5.78
N VAL B 434 28.60 -8.51 5.47
CA VAL B 434 29.35 -8.31 4.24
C VAL B 434 29.52 -9.69 3.59
N TYR B 435 29.02 -9.78 2.38
CA TYR B 435 29.01 -11.03 1.61
C TYR B 435 29.95 -10.93 0.41
N HIS B 436 30.66 -12.04 0.18
CA HIS B 436 31.60 -12.19 -0.94
C HIS B 436 30.86 -13.00 -2.00
N LEU B 437 30.48 -12.35 -3.09
CA LEU B 437 29.56 -12.97 -4.12
C LEU B 437 30.30 -13.84 -5.13
N LYS B 438 31.56 -13.52 -5.41
CA LYS B 438 32.28 -14.07 -6.58
C LYS B 438 33.62 -14.69 -6.14
N PRO B 439 33.62 -15.70 -5.25
CA PRO B 439 34.87 -16.32 -4.89
C PRO B 439 35.49 -17.07 -6.07
N LEU B 440 36.83 -17.00 -6.12
CA LEU B 440 37.64 -17.80 -7.05
C LEU B 440 38.04 -19.14 -6.44
N SER B 441 37.80 -19.32 -5.14
CA SER B 441 38.06 -20.61 -4.47
C SER B 441 37.01 -21.63 -4.92
N ARG B 442 37.39 -22.91 -4.94
CA ARG B 442 36.47 -24.03 -5.33
C ARG B 442 36.62 -25.17 -4.36
N GLY B 443 35.52 -25.76 -3.97
CA GLY B 443 35.54 -26.89 -3.05
C GLY B 443 34.96 -28.16 -3.67
N THR B 444 34.63 -29.12 -2.80
CA THR B 444 34.26 -30.49 -3.19
C THR B 444 33.14 -30.99 -2.32
N VAL B 445 32.32 -31.86 -2.89
CA VAL B 445 31.33 -32.64 -2.12
C VAL B 445 31.34 -34.07 -2.68
N ASN B 446 31.86 -35.02 -1.89
CA ASN B 446 32.03 -36.41 -2.35
C ASN B 446 31.45 -37.39 -1.34
N ILE B 447 30.76 -38.40 -1.82
CA ILE B 447 30.33 -39.50 -0.92
C ILE B 447 31.54 -40.15 -0.24
N ARG B 448 31.30 -40.67 0.95
CA ARG B 448 32.34 -41.31 1.80
C ARG B 448 32.15 -42.83 1.79
N SER B 449 30.99 -43.31 1.30
CA SER B 449 30.52 -44.70 1.42
C SER B 449 29.39 -44.92 0.40
N THR B 450 29.02 -46.18 0.27
CA THR B 450 27.86 -46.61 -0.55
C THR B 450 26.56 -46.53 0.26
N ASN B 451 26.63 -46.13 1.53
CA ASN B 451 25.40 -46.10 2.36
C ASN B 451 24.68 -44.77 2.05
N PRO B 452 23.46 -44.83 1.47
CA PRO B 452 22.77 -43.58 1.11
C PRO B 452 22.31 -42.72 2.31
N LEU B 453 22.41 -43.24 3.54
CA LEU B 453 22.11 -42.47 4.77
C LEU B 453 23.33 -41.65 5.27
N ASP B 454 24.52 -41.92 4.75
CA ASP B 454 25.77 -41.29 5.22
C ASP B 454 25.92 -39.92 4.54
N ALA B 455 26.23 -38.90 5.33
CA ALA B 455 26.51 -37.56 4.78
C ALA B 455 27.73 -37.64 3.87
N PRO B 456 27.79 -36.80 2.83
CA PRO B 456 29.00 -36.68 2.03
C PRO B 456 30.02 -35.85 2.82
N GLU B 457 31.25 -35.90 2.34
CA GLU B 457 32.36 -35.06 2.82
C GLU B 457 32.22 -33.71 2.11
N ILE B 458 32.10 -32.63 2.88
CA ILE B 458 31.81 -31.28 2.32
C ILE B 458 33.01 -30.40 2.65
N ASP B 459 33.81 -30.04 1.64
CA ASP B 459 35.00 -29.18 1.83
C ASP B 459 34.82 -27.89 0.99
N TYR B 460 34.42 -26.80 1.61
CA TYR B 460 34.16 -25.54 0.89
C TYR B 460 35.44 -25.00 0.25
N ARG B 461 36.59 -25.20 0.91
CA ARG B 461 37.90 -24.63 0.49
C ARG B 461 37.84 -23.11 0.43
N THR B 462 37.04 -22.50 1.28
CA THR B 462 36.93 -21.03 1.38
C THR B 462 38.30 -20.43 1.61
N GLY B 463 38.62 -19.38 0.88
CA GLY B 463 39.84 -18.62 1.19
C GLY B 463 41.09 -19.36 0.82
N THR B 464 41.00 -20.45 0.05
CA THR B 464 42.22 -21.17 -0.42
C THR B 464 42.88 -20.45 -1.59
N ASP B 465 42.09 -19.76 -2.41
CA ASP B 465 42.65 -18.86 -3.44
C ASP B 465 42.94 -17.53 -2.76
N PRO B 466 44.19 -17.07 -2.71
CA PRO B 466 44.53 -15.86 -1.94
C PRO B 466 43.94 -14.56 -2.53
N ILE B 467 43.50 -14.58 -3.78
CA ILE B 467 42.83 -13.40 -4.39
C ILE B 467 41.54 -13.09 -3.62
N ASP B 468 40.89 -14.12 -3.07
CA ASP B 468 39.59 -13.94 -2.39
C ASP B 468 39.76 -13.03 -1.16
N ALA B 469 40.89 -13.15 -0.47
CA ALA B 469 41.15 -12.34 0.74
C ALA B 469 41.33 -10.86 0.32
N GLN B 470 41.93 -10.62 -0.85
CA GLN B 470 42.14 -9.24 -1.33
C GLN B 470 40.76 -8.62 -1.64
N VAL B 471 39.90 -9.36 -2.35
CA VAL B 471 38.55 -8.85 -2.67
C VAL B 471 37.80 -8.59 -1.36
N TYR B 472 37.81 -9.56 -0.47
CA TYR B 472 36.97 -9.50 0.74
C TYR B 472 37.46 -8.39 1.65
N THR B 473 38.78 -8.20 1.75
CA THR B 473 39.32 -7.09 2.57
C THR B 473 38.82 -5.75 2.01
N SER B 474 38.77 -5.60 0.70
CA SER B 474 38.28 -4.36 0.06
CA SER B 474 38.29 -4.33 0.08
C SER B 474 36.81 -4.13 0.44
N LEU B 475 36.01 -5.21 0.47
CA LEU B 475 34.59 -5.09 0.81
C LEU B 475 34.45 -4.63 2.27
N PHE B 476 35.25 -5.21 3.15
CA PHE B 476 35.27 -4.82 4.56
C PHE B 476 35.53 -3.29 4.66
N ARG B 477 36.52 -2.83 3.93
CA ARG B 477 36.90 -1.40 3.97
C ARG B 477 35.75 -0.52 3.48
N LYS B 478 35.02 -0.96 2.45
CA LYS B 478 33.89 -0.15 1.96
C LYS B 478 32.80 -0.12 3.02
N ASN B 479 32.56 -1.23 3.70
CA ASN B 479 31.59 -1.24 4.83
C ASN B 479 32.01 -0.20 5.87
N ARG B 480 33.28 -0.18 6.21
CA ARG B 480 33.80 0.71 7.27
C ARG B 480 33.55 2.16 6.82
N GLU B 481 33.74 2.44 5.54
CA GLU B 481 33.45 3.81 5.01
C GLU B 481 31.97 4.17 5.28
N ILE B 482 31.03 3.24 5.10
CA ILE B 482 29.59 3.54 5.32
C ILE B 482 29.39 3.98 6.79
N PHE B 483 29.94 3.20 7.71
CA PHE B 483 29.75 3.43 9.14
C PHE B 483 30.45 4.72 9.60
N ASN B 484 31.47 5.15 8.88
CA ASN B 484 32.25 6.38 9.19
C ASN B 484 31.64 7.62 8.50
N ALA B 485 30.66 7.43 7.62
CA ALA B 485 30.08 8.57 6.87
C ALA B 485 29.20 9.42 7.79
N PRO B 486 29.02 10.72 7.47
CA PRO B 486 28.29 11.62 8.34
C PRO B 486 26.91 11.14 8.83
N SER B 487 26.12 10.53 7.96
CA SER B 487 24.73 10.11 8.27
CA SER B 487 24.74 10.22 8.42
C SER B 487 24.72 8.95 9.27
N MET B 488 25.79 8.15 9.33
CA MET B 488 25.92 7.02 10.32
C MET B 488 26.65 7.51 11.56
N ARG B 489 27.61 8.43 11.43
CA ARG B 489 28.36 8.94 12.60
C ARG B 489 27.39 9.57 13.62
N VAL B 490 26.23 10.08 13.19
CA VAL B 490 25.29 10.69 14.18
CA VAL B 490 25.12 10.64 14.05
C VAL B 490 24.75 9.62 15.14
N LEU B 491 24.75 8.33 14.79
CA LEU B 491 24.24 7.25 15.67
C LEU B 491 25.37 6.78 16.60
N GLY B 492 26.60 7.26 16.39
CA GLY B 492 27.74 6.95 17.26
C GLY B 492 28.21 5.50 17.17
N PRO B 493 28.37 4.89 15.98
CA PRO B 493 28.83 3.50 15.91
C PRO B 493 30.34 3.35 16.18
N SER B 494 30.70 2.19 16.74
CA SER B 494 32.09 1.74 16.70
CA SER B 494 32.09 1.72 16.91
C SER B 494 32.13 0.22 16.56
N GLU B 495 33.08 -0.23 15.76
CA GLU B 495 33.33 -1.68 15.61
C GLU B 495 33.61 -2.27 17.00
N ALA B 496 33.00 -3.41 17.30
CA ALA B 496 33.24 -4.12 18.57
C ALA B 496 34.27 -5.23 18.35
N ALA B 497 34.87 -5.72 19.42
CA ALA B 497 35.84 -6.83 19.39
C ALA B 497 35.21 -8.00 18.66
N PRO B 498 35.95 -8.78 17.84
CA PRO B 498 37.39 -8.63 17.66
C PRO B 498 37.81 -7.65 16.55
N PHE B 499 36.87 -6.91 16.00
CA PHE B 499 37.22 -5.81 15.07
C PHE B 499 37.56 -4.56 15.87
N GLY B 500 37.63 -3.40 15.22
CA GLY B 500 38.02 -2.15 15.88
C GLY B 500 38.76 -1.21 14.95
N ALA B 501 38.59 0.10 15.19
CA ALA B 501 39.18 1.17 14.37
C ALA B 501 40.71 1.01 14.33
N ASN B 502 41.34 0.43 15.36
CA ASN B 502 42.82 0.33 15.39
C ASN B 502 43.34 -0.79 14.49
N LEU B 503 42.48 -1.67 13.96
CA LEU B 503 42.86 -2.62 12.90
C LEU B 503 42.83 -1.88 11.55
N THR B 504 44.00 -1.52 11.01
CA THR B 504 44.08 -0.63 9.83
C THR B 504 44.80 -1.34 8.69
N THR B 505 45.67 -2.31 8.97
CA THR B 505 46.42 -2.97 7.86
C THR B 505 45.60 -4.12 7.28
N ASP B 506 45.90 -4.46 6.02
CA ASP B 506 45.24 -5.59 5.34
C ASP B 506 45.44 -6.84 6.21
N GLU B 507 46.68 -7.05 6.65
CA GLU B 507 47.08 -8.22 7.48
C GLU B 507 46.22 -8.29 8.76
N GLU B 508 46.13 -7.18 9.50
CA GLU B 508 45.44 -7.01 10.80
C GLU B 508 43.95 -7.34 10.59
N ILE B 509 43.39 -6.80 9.52
CA ILE B 509 41.93 -6.92 9.26
C ILE B 509 41.63 -8.34 8.80
N TYR B 510 42.40 -8.87 7.87
CA TYR B 510 42.09 -10.20 7.30
C TYR B 510 42.37 -11.28 8.36
N ALA B 511 43.32 -11.09 9.30
CA ALA B 511 43.53 -12.12 10.33
C ALA B 511 42.24 -12.32 11.12
N VAL B 512 41.54 -11.23 11.42
CA VAL B 512 40.26 -11.32 12.17
C VAL B 512 39.21 -11.94 11.25
N MET B 513 39.16 -11.55 9.99
CA MET B 513 38.13 -12.11 9.07
C MET B 513 38.34 -13.62 8.91
N ARG B 514 39.59 -14.09 8.84
CA ARG B 514 39.89 -15.52 8.66
CA ARG B 514 39.95 -15.52 8.70
C ARG B 514 39.25 -16.32 9.81
N GLU B 515 39.19 -15.76 11.02
CA GLU B 515 38.58 -16.45 12.19
C GLU B 515 37.03 -16.40 12.19
N LEU B 516 36.41 -15.42 11.54
CA LEU B 516 34.94 -15.13 11.59
CA LEU B 516 34.94 -15.21 11.61
C LEU B 516 34.18 -15.53 10.31
N ILE B 517 34.82 -15.46 9.16
CA ILE B 517 34.10 -15.74 7.88
C ILE B 517 33.37 -17.07 8.00
N ASN B 518 32.10 -17.08 7.62
CA ASN B 518 31.38 -18.36 7.37
C ASN B 518 31.54 -18.70 5.90
N PRO B 519 31.97 -19.95 5.59
CA PRO B 519 32.08 -20.36 4.18
C PRO B 519 30.82 -20.19 3.37
N SER B 520 29.65 -20.18 4.02
CA SER B 520 28.40 -20.46 3.33
C SER B 520 27.28 -19.54 3.83
N ASN B 521 26.42 -19.15 2.91
CA ASN B 521 25.09 -18.54 3.17
C ASN B 521 23.99 -19.49 2.68
N ALA B 522 24.30 -20.79 2.65
CA ALA B 522 23.42 -21.86 2.14
C ALA B 522 23.11 -21.57 0.66
N HIS B 523 24.12 -21.10 -0.07
CA HIS B 523 24.01 -20.87 -1.55
C HIS B 523 24.83 -21.93 -2.32
N GLN B 524 24.88 -23.16 -1.82
CA GLN B 524 25.73 -24.21 -2.42
C GLN B 524 25.30 -24.43 -3.88
N CYS B 525 26.28 -24.40 -4.78
CA CYS B 525 26.00 -24.55 -6.22
C CYS B 525 27.10 -25.35 -6.91
N CYS B 526 26.87 -25.63 -8.21
CA CYS B 526 27.92 -25.72 -9.22
C CYS B 526 28.69 -27.05 -9.20
N THR B 527 28.13 -28.05 -8.51
CA THR B 527 28.73 -29.36 -8.30
C THR B 527 28.32 -30.41 -9.35
N ALA B 528 27.48 -30.06 -10.31
CA ALA B 528 27.15 -30.88 -11.50
C ALA B 528 27.11 -29.91 -12.67
N ALA B 529 28.22 -29.27 -12.97
CA ALA B 529 28.23 -28.03 -13.76
C ALA B 529 27.84 -28.25 -15.22
N MET B 530 27.11 -27.26 -15.74
CA MET B 530 26.77 -27.13 -17.17
C MET B 530 27.98 -26.50 -17.88
N MET B 531 28.85 -27.36 -18.33
CA MET B 531 29.99 -26.97 -19.19
CA MET B 531 30.09 -27.04 -19.09
C MET B 531 30.28 -28.16 -20.10
N PRO B 532 30.96 -27.94 -21.24
CA PRO B 532 31.37 -29.09 -22.07
C PRO B 532 32.10 -30.17 -21.25
N LYS B 533 31.91 -31.44 -21.61
CA LYS B 533 32.54 -32.56 -20.89
C LYS B 533 34.05 -32.37 -20.88
N ASP B 534 34.64 -31.86 -21.96
CA ASP B 534 36.12 -31.75 -22.01
C ASP B 534 36.61 -30.59 -21.14
N MET B 535 35.70 -29.85 -20.53
CA MET B 535 35.98 -28.78 -19.51
CA MET B 535 36.00 -28.80 -19.52
C MET B 535 35.50 -29.22 -18.12
N GLY B 536 35.33 -30.53 -17.90
CA GLY B 536 34.94 -31.05 -16.57
C GLY B 536 33.45 -30.87 -16.29
N GLY B 537 32.66 -30.56 -17.28
CA GLY B 537 31.20 -30.46 -17.15
C GLY B 537 30.55 -31.81 -16.87
N VAL B 538 29.39 -31.73 -16.25
CA VAL B 538 28.55 -32.90 -15.93
C VAL B 538 27.31 -32.90 -16.84
N VAL B 539 26.78 -31.72 -17.21
CA VAL B 539 25.58 -31.63 -18.07
C VAL B 539 25.81 -30.73 -19.27
N SER B 540 25.11 -31.09 -20.34
CA SER B 540 25.03 -30.33 -21.59
C SER B 540 24.27 -29.01 -21.38
N SER B 541 24.15 -28.22 -22.46
CA SER B 541 23.35 -26.98 -22.45
C SER B 541 21.85 -27.28 -22.26
N GLU B 542 21.41 -28.53 -22.49
CA GLU B 542 20.01 -28.95 -22.27
C GLU B 542 19.91 -29.63 -20.91
N GLN B 543 20.95 -29.51 -20.08
CA GLN B 543 21.02 -30.01 -18.68
C GLN B 543 20.98 -31.55 -18.62
N LYS B 544 21.31 -32.22 -19.73
CA LYS B 544 21.39 -33.70 -19.79
C LYS B 544 22.76 -34.14 -19.29
N VAL B 545 22.76 -35.13 -18.40
CA VAL B 545 23.99 -35.73 -17.87
C VAL B 545 24.71 -36.48 -18.99
N TYR B 546 26.01 -36.18 -19.13
CA TYR B 546 26.86 -36.81 -20.15
C TYR B 546 26.93 -38.31 -19.94
N GLY B 547 26.79 -39.01 -21.07
CA GLY B 547 27.03 -40.45 -21.13
C GLY B 547 25.82 -41.31 -20.78
N VAL B 548 24.71 -40.68 -20.42
CA VAL B 548 23.44 -41.44 -20.20
CA VAL B 548 23.42 -41.33 -20.04
C VAL B 548 22.27 -40.66 -20.80
N GLN B 549 21.17 -41.39 -21.02
CA GLN B 549 19.97 -40.83 -21.64
C GLN B 549 18.86 -40.76 -20.61
N GLY B 550 17.97 -39.79 -20.73
CA GLY B 550 16.78 -39.73 -19.88
C GLY B 550 17.08 -39.15 -18.51
N LEU B 551 18.19 -38.45 -18.31
CA LEU B 551 18.58 -37.93 -16.97
C LEU B 551 19.05 -36.47 -17.09
N ARG B 552 18.45 -35.60 -16.30
CA ARG B 552 18.83 -34.17 -16.28
C ARG B 552 19.09 -33.70 -14.86
N VAL B 553 19.76 -32.55 -14.77
CA VAL B 553 19.92 -31.86 -13.47
C VAL B 553 19.20 -30.49 -13.56
N ALA B 554 18.25 -30.28 -12.65
CA ALA B 554 17.42 -29.05 -12.61
C ALA B 554 17.87 -28.05 -11.52
N ASP B 555 18.43 -28.55 -10.43
CA ASP B 555 18.82 -27.70 -9.29
C ASP B 555 20.12 -26.97 -9.57
N ILE B 556 20.46 -26.03 -8.69
CA ILE B 556 21.59 -25.10 -8.99
C ILE B 556 22.95 -25.78 -8.90
N SER B 557 23.00 -27.10 -8.67
CA SER B 557 24.19 -27.91 -9.02
CA SER B 557 24.24 -27.83 -8.98
C SER B 557 24.65 -27.59 -10.45
N PHE B 558 23.72 -27.30 -11.36
CA PHE B 558 24.12 -27.17 -12.79
C PHE B 558 24.88 -25.86 -13.05
N TRP B 559 24.76 -24.84 -12.20
CA TRP B 559 25.36 -23.53 -12.54
C TRP B 559 26.87 -23.65 -12.72
N PRO B 560 27.47 -22.95 -13.73
CA PRO B 560 28.92 -22.89 -13.76
C PRO B 560 29.54 -22.18 -12.56
N PHE B 561 29.00 -21.02 -12.21
CA PHE B 561 29.56 -20.18 -11.14
C PHE B 561 28.51 -19.25 -10.56
N GLN B 562 28.82 -18.75 -9.38
CA GLN B 562 27.88 -17.91 -8.59
C GLN B 562 27.54 -16.59 -9.30
N LEU B 563 26.35 -16.06 -8.99
CA LEU B 563 25.86 -14.79 -9.55
C LEU B 563 26.31 -13.57 -8.77
N SER B 564 26.12 -12.40 -9.40
CA SER B 564 26.08 -11.10 -8.71
C SER B 564 24.69 -11.01 -8.06
N GLY B 565 24.54 -11.65 -6.91
CA GLY B 565 23.25 -11.75 -6.18
C GLY B 565 23.08 -13.15 -5.62
N SER B 566 21.97 -13.36 -4.94
CA SER B 566 21.64 -14.63 -4.26
C SER B 566 20.82 -15.49 -5.22
N PRO B 567 20.83 -16.83 -5.01
CA PRO B 567 20.32 -17.73 -6.03
C PRO B 567 18.81 -17.85 -6.27
N MET B 568 17.97 -17.50 -5.31
CA MET B 568 16.55 -17.98 -5.37
C MET B 568 15.84 -17.58 -6.67
N ALA B 569 15.93 -16.30 -7.06
CA ALA B 569 15.16 -15.85 -8.26
C ALA B 569 15.55 -16.68 -9.48
N THR B 570 16.85 -16.89 -9.65
CA THR B 570 17.36 -17.68 -10.79
C THR B 570 17.04 -19.18 -10.62
N ALA B 571 16.96 -19.69 -9.40
CA ALA B 571 16.55 -21.11 -9.22
C ALA B 571 15.14 -21.30 -9.79
N TYR B 572 14.23 -20.35 -9.53
CA TYR B 572 12.86 -20.44 -10.06
C TYR B 572 12.91 -20.28 -11.59
N ALA B 573 13.58 -19.24 -12.10
CA ALA B 573 13.54 -18.95 -13.55
C ALA B 573 14.22 -20.07 -14.33
N GLY B 574 15.34 -20.60 -13.82
CA GLY B 574 16.04 -21.68 -14.54
C GLY B 574 15.17 -22.93 -14.67
N ALA B 575 14.35 -23.21 -13.66
CA ALA B 575 13.41 -24.36 -13.71
C ALA B 575 12.27 -24.07 -14.70
N GLU B 576 11.81 -22.83 -14.77
CA GLU B 576 10.79 -22.39 -15.75
C GLU B 576 11.37 -22.69 -17.14
N ARG B 577 12.65 -22.32 -17.35
CA ARG B 577 13.31 -22.46 -18.67
CA ARG B 577 13.31 -22.46 -18.67
C ARG B 577 13.42 -23.97 -18.98
N LEU B 578 13.87 -24.75 -18.04
CA LEU B 578 14.05 -26.19 -18.29
C LEU B 578 12.71 -26.85 -18.60
N ALA B 579 11.65 -26.46 -17.91
CA ALA B 579 10.33 -27.07 -18.18
C ALA B 579 10.02 -26.91 -19.67
N ASP B 580 10.26 -25.73 -20.22
CA ASP B 580 9.98 -25.51 -21.67
C ASP B 580 10.92 -26.38 -22.54
N VAL B 581 12.17 -26.50 -22.19
CA VAL B 581 13.15 -27.35 -22.94
C VAL B 581 12.64 -28.80 -22.98
N ILE B 582 12.21 -29.32 -21.83
CA ILE B 582 11.69 -30.71 -21.74
C ILE B 582 10.38 -30.83 -22.54
N LYS B 583 9.47 -29.88 -22.42
CA LYS B 583 8.21 -29.94 -23.18
C LYS B 583 8.49 -29.95 -24.69
N LYS B 584 9.46 -29.15 -25.14
CA LYS B 584 9.78 -29.01 -26.56
C LYS B 584 10.33 -30.35 -27.07
N GLU B 585 11.18 -31.00 -26.30
CA GLU B 585 11.81 -32.25 -26.71
C GLU B 585 10.73 -33.33 -26.84
N HIS B 586 9.82 -33.41 -25.88
CA HIS B 586 8.84 -34.52 -25.88
C HIS B 586 7.65 -34.09 -26.75
N ARG B 587 7.67 -32.88 -27.32
CA ARG B 587 6.73 -32.52 -28.42
C ARG B 587 7.29 -33.01 -29.76
N LEU B 588 8.63 -32.99 -29.96
CA LEU B 588 9.38 -33.35 -31.20
C LEU B 588 9.82 -34.84 -31.19
N ALA B 589 9.35 -35.55 -30.17
CA ALA B 589 9.44 -37.02 -30.07
C ALA B 589 8.01 -37.60 -30.07
C1 NAG C . -3.40 12.34 -7.63
C2 NAG C . -2.34 11.24 -7.79
C3 NAG C . -1.32 11.57 -8.88
C4 NAG C . -1.98 11.82 -10.30
C5 NAG C . -3.26 12.63 -10.08
C6 NAG C . -4.14 12.64 -11.38
C7 NAG C . -1.59 9.36 -6.35
C8 NAG C . -1.09 8.95 -5.05
N2 NAG C . -1.78 10.71 -6.55
O3 NAG C . -0.50 10.49 -9.14
O4 NAG C . -1.20 12.41 -11.41
O5 NAG C . -4.07 12.20 -8.96
O6 NAG C . -4.61 11.28 -11.78
O7 NAG C . -1.84 8.53 -7.18
C1 NAG C . -0.71 11.51 -12.39
C2 NAG C . -0.25 12.40 -13.54
C3 NAG C . 0.61 11.60 -14.52
C4 NAG C . 1.67 10.79 -13.77
C5 NAG C . 1.00 9.89 -12.74
C6 NAG C . 2.00 9.02 -11.98
C7 NAG C . -1.89 14.23 -13.82
C8 NAG C . -3.07 14.72 -14.61
N2 NAG C . -1.38 13.05 -14.19
O3 NAG C . 1.20 12.51 -15.44
O4 NAG C . 2.47 10.00 -14.66
O5 NAG C . 0.30 10.72 -11.81
O6 NAG C . 2.82 9.87 -11.16
O7 NAG C . -1.45 14.90 -12.88
C1 NAG D . 0.15 -13.44 -6.37
C2 NAG D . -0.85 -12.28 -6.25
C3 NAG D . -2.23 -12.77 -6.73
C4 NAG D . -2.15 -13.24 -8.19
C5 NAG D . -0.96 -14.21 -8.39
C6 NAG D . -0.70 -14.45 -9.90
C7 NAG D . -0.98 -10.35 -4.84
C8 NAG D . -0.94 -9.80 -3.46
N2 NAG D . -0.87 -11.71 -4.95
O3 NAG D . -3.18 -11.73 -6.72
O4 NAG D . -3.34 -14.00 -8.67
O5 NAG D . 0.23 -13.69 -7.80
O6 NAG D . -0.55 -13.25 -10.69
O7 NAG D . -1.10 -9.59 -5.76
C1 NAG D . -4.35 -13.23 -9.28
C2 NAG D . -5.19 -14.18 -10.13
C3 NAG D . -6.31 -13.35 -10.77
C4 NAG D . -7.14 -12.68 -9.67
C5 NAG D . -6.19 -11.81 -8.84
C6 NAG D . -6.88 -11.06 -7.69
C7 NAG D . -3.96 -16.16 -10.89
C8 NAG D . -3.25 -16.84 -12.02
N2 NAG D . -4.40 -14.92 -11.13
O3 NAG D . -7.10 -14.22 -11.57
O4 NAG D . -8.22 -11.86 -10.18
O5 NAG D . -5.19 -12.67 -8.30
O6 NAG D . -7.08 -11.99 -6.62
O7 NAG D . -4.11 -16.72 -9.79
PA FDA E . -17.02 26.57 0.56
O1A FDA E . -17.36 26.84 2.01
O2A FDA E . -16.08 25.45 0.21
O5B FDA E . -16.42 27.88 -0.09
C5B FDA E . -17.05 29.12 0.06
C4B FDA E . -15.95 30.19 0.09
O4B FDA E . -16.55 31.48 -0.09
C3B FDA E . -15.15 30.25 1.40
O3B FDA E . -13.76 29.96 1.20
C2B FDA E . -15.45 31.67 1.93
O2B FDA E . -14.34 32.27 2.52
C1B FDA E . -15.82 32.42 0.67
N9A FDA E . -16.67 33.60 0.78
C8A FDA E . -17.84 33.73 1.48
N7A FDA E . -18.39 34.92 1.31
C5A FDA E . -17.59 35.57 0.40
C6A FDA E . -17.67 36.83 -0.22
N6A FDA E . -18.67 37.70 0.01
N1A FDA E . -16.65 37.19 -1.04
C2A FDA E . -15.65 36.31 -1.25
N3A FDA E . -15.49 35.09 -0.72
C4A FDA E . -16.51 34.78 0.08
N1 FDA E . -18.06 17.83 3.95
C2 FDA E . -17.75 16.52 3.63
O2 FDA E . -18.24 15.99 2.64
N3 FDA E . -16.80 15.90 4.40
C4 FDA E . -16.32 16.37 5.61
O4 FDA E . -15.46 15.72 6.24
C4X FDA E . -16.75 17.65 5.96
N5 FDA E . -16.44 18.19 7.18
C5X FDA E . -16.54 19.54 7.42
C6 FDA E . -15.89 20.12 8.50
C7 FDA E . -15.73 21.49 8.57
C7M FDA E . -15.00 22.11 9.72
C8 FDA E . -16.30 22.31 7.57
C8M FDA E . -16.16 23.82 7.61
C9 FDA E . -16.94 21.72 6.50
C9A FDA E . -17.12 20.34 6.44
N10 FDA E . -17.80 19.71 5.36
C10 FDA E . -17.58 18.40 5.09
C1' FDA E . -18.65 20.50 4.43
C2' FDA E . -18.01 20.81 3.11
O2' FDA E . -16.62 21.06 3.27
C3' FDA E . -18.77 22.02 2.52
O3' FDA E . -20.13 21.68 2.41
C4' FDA E . -18.22 22.46 1.17
O4' FDA E . -16.90 23.02 1.35
C5' FDA E . -19.13 23.45 0.48
O5' FDA E . -18.47 23.91 -0.69
P FDA E . -18.89 25.33 -1.33
O1P FDA E . -18.07 25.49 -2.59
O2P FDA E . -20.37 25.45 -1.34
O3P FDA E . -18.38 26.33 -0.19
C1 NAG F . -38.10 29.78 23.94
C2 NAG F . -38.89 29.06 25.02
C3 NAG F . -40.36 29.43 24.85
C4 NAG F . -40.58 30.94 24.74
C5 NAG F . -39.73 31.54 23.66
C6 NAG F . -39.77 33.06 23.70
C7 NAG F . -38.00 26.90 25.92
C8 NAG F . -37.93 25.39 25.77
N2 NAG F . -38.68 27.59 24.98
O3 NAG F . -41.09 28.94 25.97
O4 NAG F . -41.92 31.27 24.43
O5 NAG F . -38.39 31.18 23.94
O6 NAG F . -39.57 33.54 22.35
O7 NAG F . -37.45 27.46 26.86
C1 NAG G . -13.78 -8.15 8.60
C2 NAG G . -13.56 -7.93 10.09
C3 NAG G . -13.46 -9.31 10.73
C4 NAG G . -14.64 -10.24 10.34
C5 NAG G . -14.79 -10.30 8.84
C6 NAG G . -15.97 -11.15 8.39
C6 NAG G . -15.99 -11.16 8.42
C7 NAG G . -12.45 -5.77 10.35
C8 NAG G . -11.19 -5.04 10.72
N2 NAG G . -12.38 -7.07 10.32
O3 NAG G . -13.38 -9.21 12.12
O4 NAG G . -14.33 -11.53 10.86
O5 NAG G . -14.90 -8.96 8.30
O6 NAG G . -17.15 -10.56 8.94
O6 NAG G . -16.11 -11.21 7.00
O7 NAG G . -13.51 -5.10 10.15
C1 NAG H . -14.95 56.08 3.76
C2 NAG H . -15.55 56.75 5.00
C3 NAG H . -16.51 57.87 4.60
C4 NAG H . -15.91 58.75 3.48
C5 NAG H . -15.28 57.94 2.33
C6 NAG H . -14.64 58.95 1.34
C7 NAG H . -15.60 55.22 7.03
C8 NAG H . -16.35 54.11 7.71
N2 NAG H . -16.15 55.71 5.90
O3 NAG H . -16.72 58.62 5.79
O4 NAG H . -16.91 59.58 2.89
O5 NAG H . -14.35 56.99 2.82
O6 NAG H . -13.50 59.53 1.98
O7 NAG H . -14.55 55.61 7.50
C1 NAG I . 1.39 4.09 26.11
C2 NAG I . 1.02 2.78 26.81
C3 NAG I . 2.16 1.75 26.72
C4 NAG I . 2.67 1.59 25.30
C5 NAG I . 2.98 2.99 24.71
C6 NAG I . 3.57 3.07 23.29
C7 NAG I . -0.61 2.87 28.57
C8 NAG I . -0.77 3.13 30.04
N2 NAG I . 0.63 3.08 28.14
O3 NAG I . 1.71 0.54 27.27
O4 NAG I . 3.87 0.79 25.31
O5 NAG I . 1.78 3.79 24.78
O6 NAG I . 2.75 2.32 22.45
O7 NAG I . -1.51 2.48 27.78
C1 NAG J . -29.11 7.23 35.40
C2 NAG J . -29.04 7.74 36.85
C3 NAG J . -27.95 8.81 37.02
C4 NAG J . -26.73 8.71 36.07
C5 NAG J . -27.03 8.12 34.67
C6 NAG J . -25.82 7.73 33.82
C7 NAG J . -31.13 8.11 38.21
C8 NAG J . -32.40 8.93 38.23
N2 NAG J . -30.35 8.34 37.14
O3 NAG J . -27.41 8.70 38.45
O4 NAG J . -26.14 10.02 35.82
O5 NAG J . -27.82 6.95 34.84
O6 NAG J . -24.85 6.98 34.57
O7 NAG J . -30.86 7.30 39.10
C1 EBS K . -16.90 16.02 10.60
C2 EBS K . -16.41 14.85 11.16
C3 EBS K . -17.72 15.94 9.48
C4 EBS K . -16.72 13.60 10.62
C5 EBS K . -17.99 14.70 8.93
C6 EBS K . -17.52 13.53 9.52
N7 EBS K . -15.63 15.10 12.31
C8 EBS K . -15.55 16.45 12.64
S9 EBS K . -16.43 17.45 11.50
C10 EBS K . -12.58 19.31 16.31
C11 EBS K . -13.33 20.44 15.95
C12 EBS K . -11.62 19.41 17.32
C13 EBS K . -13.13 21.66 16.58
C14 EBS K . -11.40 20.63 17.93
C15 EBS K . -12.18 21.75 17.59
N16 EBS K . -14.30 20.11 15.00
C17 EBS K . -14.29 18.77 14.60
S18 EBS K . -13.01 17.88 15.38
N19 EBS K . -15.14 18.26 13.77
N20 EBS K . -14.94 16.94 13.66
C21 EBS K . -15.37 21.02 14.57
C22 EBS K . -15.30 21.31 13.12
S23 EBS K . -10.21 20.71 19.25
C24 EBS K . -14.95 14.06 13.09
C25 EBS K . -13.45 14.00 12.80
S26 EBS K . -19.01 14.57 7.52
O39 EBS K . -10.08 22.21 19.76
O45 EBS K . -18.66 13.43 6.72
O46 EBS K . -20.39 14.44 8.02
O47 EBS K . -18.84 15.86 6.75
O48 EBS K . -10.88 20.01 20.42
O49 EBS K . -8.93 20.09 18.85
C FMT L . -38.51 0.51 15.09
O1 FMT L . -37.92 -0.55 15.00
O2 FMT L . -38.85 1.13 16.21
MG MG M . -1.10 -0.42 -4.55
MG MG N . 11.22 11.82 7.21
CL CL O . -2.79 35.10 1.47
PA FDA P . 16.73 -26.63 -2.75
O1A FDA P . 17.65 -26.67 -1.56
O2A FDA P . 15.67 -25.57 -2.79
O5B FDA P . 15.96 -28.02 -2.86
C5B FDA P . 16.63 -29.29 -2.83
C4B FDA P . 15.70 -30.28 -2.13
O4B FDA P . 16.23 -31.60 -2.34
C3B FDA P . 15.54 -30.10 -0.61
O3B FDA P . 14.18 -29.81 -0.25
C2B FDA P . 16.13 -31.41 -0.04
O2B FDA P . 15.45 -31.92 1.08
C1B FDA P . 15.96 -32.39 -1.19
N9A FDA P . 16.82 -33.53 -1.24
C8A FDA P . 18.20 -33.58 -1.15
N7A FDA P . 18.69 -34.81 -1.34
C5A FDA P . 17.58 -35.57 -1.68
C6A FDA P . 17.45 -36.94 -2.00
N6A FDA P . 18.50 -37.76 -2.13
N1A FDA P . 16.18 -37.39 -2.26
C2A FDA P . 15.15 -36.55 -2.14
N3A FDA P . 15.17 -35.25 -1.83
C4A FDA P . 16.43 -34.81 -1.57
N1 FDA P . 18.68 -17.49 -1.55
C2 FDA P . 18.19 -16.26 -1.90
O2 FDA P . 18.23 -15.90 -3.06
N3 FDA P . 17.67 -15.49 -0.90
C4 FDA P . 17.74 -15.75 0.46
O4 FDA P . 17.19 -14.97 1.25
C4X FDA P . 18.38 -16.93 0.80
N5 FDA P . 18.61 -17.28 2.11
C5X FDA P . 18.85 -18.59 2.46
C6 FDA P . 18.77 -18.98 3.79
C7 FDA P . 18.78 -20.28 4.15
C7M FDA P . 18.64 -20.66 5.61
C8 FDA P . 18.86 -21.27 3.13
C8M FDA P . 18.85 -22.73 3.50
C9 FDA P . 19.00 -20.88 1.82
C9A FDA P . 19.00 -19.55 1.44
N10 FDA P . 19.14 -19.10 0.09
C10 FDA P . 18.76 -17.85 -0.24
C1' FDA P . 19.56 -20.04 -0.96
C2' FDA P . 18.45 -20.59 -1.78
O2' FDA P . 17.28 -20.80 -1.02
C3' FDA P . 18.93 -21.88 -2.45
O3' FDA P . 20.12 -21.59 -3.23
C4' FDA P . 17.88 -22.54 -3.34
O4' FDA P . 16.79 -23.03 -2.55
C5' FDA P . 18.43 -23.69 -4.15
O5' FDA P . 17.33 -24.26 -4.91
P FDA P . 17.52 -25.79 -5.40
O1P FDA P . 16.29 -26.17 -6.16
O2P FDA P . 18.86 -25.97 -6.02
O3P FDA P . 17.66 -26.54 -4.00
C1 NAG Q . 45.90 -26.62 9.35
C2 NAG Q . 47.02 -25.69 9.76
C3 NAG Q . 48.30 -26.06 9.02
C4 NAG Q . 48.69 -27.55 9.04
C5 NAG Q . 47.47 -28.46 8.88
C6 NAG Q . 47.76 -29.82 9.47
C7 NAG Q . 46.80 -23.33 10.44
C8 NAG Q . 46.52 -21.90 9.97
N2 NAG Q . 46.67 -24.29 9.52
O3 NAG Q . 49.35 -25.37 9.68
O4 NAG Q . 49.67 -27.82 8.02
O5 NAG Q . 46.31 -27.97 9.59
O6 NAG Q . 47.39 -30.76 8.46
O7 NAG Q . 47.12 -23.56 11.59
C1 NAG R . 15.57 8.96 0.58
C2 NAG R . 16.04 9.02 2.06
C3 NAG R . 16.11 10.44 2.52
C4 NAG R . 16.96 11.27 1.58
C5 NAG R . 16.46 11.09 0.14
C6 NAG R . 17.25 11.86 -0.92
C6 NAG R . 17.34 11.90 -0.79
C7 NAG R . 15.34 6.90 3.05
C8 NAG R . 14.34 6.24 4.02
N2 NAG R . 15.17 8.21 2.89
O3 NAG R . 16.68 10.49 3.84
O4 NAG R . 16.88 12.66 1.92
O5 NAG R . 16.46 9.71 -0.24
O6 NAG R . 18.58 11.33 -1.08
O6 NAG R . 16.89 11.79 -2.13
O7 NAG R . 16.23 6.22 2.52
C1 NAG S . 17.68 -55.01 5.86
C2 NAG S . 18.83 -55.56 6.72
C3 NAG S . 19.55 -56.72 6.02
C4 NAG S . 18.53 -57.76 5.54
C5 NAG S . 17.43 -57.12 4.71
C6 NAG S . 16.30 -58.09 4.36
C7 NAG S . 19.57 -53.81 8.27
C8 NAG S . 20.50 -52.65 8.56
N2 NAG S . 19.72 -54.48 7.12
O3 NAG S . 20.40 -57.31 7.01
O4 NAG S . 19.19 -58.81 4.79
O5 NAG S . 16.78 -56.06 5.45
O6 NAG S . 15.71 -58.67 5.56
O7 NAG S . 18.68 -54.11 9.06
C1 NAG T . 10.26 -0.48 24.49
C2 NAG T . 10.88 0.86 24.70
C3 NAG T . 9.78 1.86 25.01
C4 NAG T . 8.64 1.89 23.97
C5 NAG T . 8.11 0.44 23.82
C6 NAG T . 6.95 0.24 22.85
C7 NAG T . 13.10 0.91 25.65
C8 NAG T . 13.98 0.91 26.89
N2 NAG T . 11.80 0.79 25.82
O3 NAG T . 10.36 3.15 25.13
O4 NAG T . 7.66 2.83 24.40
O5 NAG T . 9.25 -0.38 23.46
O6 NAG T . 7.34 0.88 21.63
O7 NAG T . 13.55 1.03 24.54
C1 EBS U . 20.39 -14.63 4.59
C2 EBS U . 20.16 -13.37 5.13
C3 EBS U . 20.65 -14.75 3.23
C4 EBS U . 20.13 -12.23 4.32
C5 EBS U . 20.60 -13.62 2.43
C6 EBS U . 20.33 -12.36 2.97
N7 EBS U . 19.97 -13.45 6.52
C8 EBS U . 20.07 -14.72 7.07
S9 EBS U . 20.44 -15.89 5.83
C10 EBS U . 19.23 -16.90 12.09
C11 EBS U . 19.78 -18.06 11.56
C12 EBS U . 18.89 -16.84 13.45
C13 EBS U . 20.00 -19.18 12.37
C14 EBS U . 19.08 -17.97 14.23
C15 EBS U . 19.66 -19.12 13.70
N16 EBS U . 20.15 -17.91 10.23
C17 EBS U . 19.87 -16.66 9.72
S18 EBS U . 19.04 -15.65 10.88
N19 EBS U . 20.26 -16.26 8.57
N20 EBS U . 19.95 -14.98 8.34
C21 EBS U . 21.04 -18.84 9.52
C22 EBS U . 20.36 -19.63 8.49
S23 EBS U . 18.67 -17.92 15.93
C24 EBS U . 19.63 -12.28 7.34
C25 EBS U . 18.16 -12.28 7.66
S26 EBS U . 20.93 -13.74 0.72
O39 EBS U . 18.53 -19.32 16.41
O45 EBS U . 22.34 -13.58 0.49
O46 EBS U . 20.24 -12.68 0.03
O47 EBS U . 20.49 -15.09 0.33
O48 EBS U . 19.76 -17.28 16.63
O49 EBS U . 17.39 -17.29 16.06
C FMT V . 41.13 0.89 -3.14
O1 FMT V . 40.60 1.99 -3.14
O2 FMT V . 41.88 0.40 -2.22
MG MG W . 13.76 9.51 -3.98
#